data_7ORN
#
_entry.id   7ORN
#
_cell.length_a   1.00
_cell.length_b   1.00
_cell.length_c   1.00
_cell.angle_alpha   90.00
_cell.angle_beta   90.00
_cell.angle_gamma   90.00
#
_symmetry.space_group_name_H-M   'P 1'
#
loop_
_entity.id
_entity.type
_entity.pdbx_description
1 polymer 'La Crosse virus polymerase'
2 polymer "RNA (5'-R(P*AP*CP*GP*AP*GP*UP*GP*UP*CP*GP*UP*AP*CP*CP*AP*AP*G)-3')"
3 polymer "RNA (5'-R(P*AP*CP*UP*UP*GP*GP*UP*AP*GP*UP*AP*CP*AP*CP*UP*AP*CP*U)-3')"
4 non-polymer "ADENOSINE-5'-TRIPHOSPHATE"
5 non-polymer 'MAGNESIUM ION'
6 water water
#
loop_
_entity_poly.entity_id
_entity_poly.type
_entity_poly.pdbx_seq_one_letter_code
_entity_poly.pdbx_strand_id
1 'polypeptide(L)'
;MDYQEYQQFLARINTARDACVAKDIDVDLLMARKDYFGRELCKSLNIEYRNDVPFIDIILDIRPEVDPLTIDAPHITPDN
YLYINNVLYIIDYKVSVSNESSVITYDKYYELTRDISDRLSIPIEIVIIRIDPVSRDLHINSDRFKELYPTIVVDINFNQ
FFDLKQLLYEKFGDDEEFLLKVAHGDFTLTAPWCKTGCPEFWKHPIYKEFKMSMPVPERRLFEESVKFNAYESERWNTNL
VKIREYTKKDYSEHISKSAKNIFLASGFYKQPNKNEISEGWTLMVERVQDQREISKSLHDQKPSIHFIWGAHNPGNSNNA
TFKLILLSKSLQSIKGISTYTEAFKSLGKMMDIGDKAIEYEEFCMSLKSKARSSWKQIMNKKLEPKQINNALVLWEQQFM
INNDLIDKSEKLKLFKNFCGIGKHKQFKNKMLEDLEVSKPKILDFDDANMYLASLTMMEQSKKILSKSNGLKPDNFILNE
FGSRIKDANKETYDNMHKIFETGYWQCISDFSTLMKNILSVSQYNRHNTFRIAMCANNNVFAIVFPSADIKTKKATVVYS
IIVLHKEEENIFNPGCLHGTFKCMNGYISISRAIRLDKERCQRIVSSPGLFLTTCLLFKHDNPTLVMSDIMNFSIYTSLS
ITKSVLSLTEPARYMIMNSLAISSNVKDYIAEKFSPYTKTLFSVYMTRLIKNACFDAYDQRQRVQLRDIYLSDYDITQKG
IKDNRELTSIWFPGSVTLKEYLTQIYLPFYFNAKGLHEKHHVMVDLAKTILEIECEQRENIKEIWSTNCTKQTVNLKILI
HSLCKNLLADTSRHNHLRNRIENRNNFRRSITTISTFTSSKSCLKIGDFRKEKELQSVKQKKILEVQSRKMRLANPMFVT
DEQVCLEVGHCNYEMLRNAMPNYTDYISTKVFDRLYELLDKKVLTDKPVIEQIMDMMIDHKKFYFTFFNKGQKTSKDREI
FVGEYEAKMCMYAVERIAKERCKLNPDEMISEPGDGKLKVLEQKSEQEIRFLVETTRQKNREIDEAIEALATEGSGWSHP
QFEKGSGYESNLGKIEKLSLGKAKGLKMEINADMSKWSAQDVFYKYFWLIALDPILYPQEKERILYFMCNYMDKELILPD
ELLFNLLDQKVAYQNDIIATMTNQLNSNTVLIKRNWLQGNFNYTSSYVHSCAMSVYKEILKEAITLLDGSILVNSLVHSD
DNQTSITIVQDKMENDKIIDFAMKEFERACLTFGCQANMKKTYVTNCIKEFVSLFNLYGEPFSIYGRFLLTSVGDCAYIG
PYEDLASRISSAQTAIKHGCPPSLAWVSIAISHWMTSLTYNMLPGQSNDPIDYFPAENRKDIPIELNGVLDAPLSMISTV
GLESGNLYFLIKLLSKYTPVMQKRESVVNQIAEVKNWKVEDLTDNEIFRLKILRYLVLDAEMDPSDIMGETSDMRGRSIL
TPRKFTTAGSLRKLYSFSKYQDRLSSPGGMVELFTYLLEKPELLVTKGEDMKDYMESVIFRYNSKRFKESLSIQNPAQLF
IEQILFSHKPVIDFSGIRDKYINLHDSRALEKEPDILGKVTFTEAYRLLMRDLSSLELTNDDIQVIYSYIILNDPMMITI
ANTHILSIYGSPQRRMGMSCSTMPEFRNLKLIHHSPALVLRAYSKNNPDIQGADPTEMARDLVHLKEFVENTNLEEKMKV
RIAMNEAEKGQRDIVFELKEMTRFYQVCYEYVKSTEHKIKVFILPAKSYTTTDFCSLMQGNLIKDKEWYTVHYLKQILSG
GHKAIMQHNATSEQNIAFECFKLITHFADSFIDSLSRSAFLQLIIDEFSYKDVKVSKLYDIIKNGYNRTDFIPLLFRTGD
LRQADLDKYDAMKSHERVTWNDWQTSRHLDMGSINLTITGYNRSITIIGEDNKLTYAELCLTRKTPENITISGRKLLGSR
HGLKFENMSKIQTYPGNYYITYRKKDRHQFVYQIHSHESITRRNEEHMAIRTRIYNEITPVCVVNVAEVDGDQRILIRSL
DYLNNDIFSLSRIKVGLDEFATIKKAHFSKMVSFEGPPIKTGLLDLTELMKSQDLLNLNYDNIRNSNLISFSKLICCEGS
DNINDGLEFLSDDPMNFTEGEAIHSTPIFNIYYSKRGERHMTYRNAIKLLIERETKIFEEAFTFSENGFISPENLGCLEA
VVSLIKLLKTNEWSTVIDKCIHICLIKNGMDHMYHSFDVPKCFMGNPITRDINWVMFREFINSLPGTDIPPWNVMTENFK
KKCIALINSKFETQRDFSEFTKLMKKEGGRSNIEFD
;
A
2 'polyribonucleotide' ACGAGUGUCGUACCAAG H
3 'polyribonucleotide' UAUCUAUACUUGGUAGUACACUACU T
#
# COMPACT_ATOMS: atom_id res chain seq x y z
N MET A 1 0.15 48.29 0.64
CA MET A 1 0.48 49.36 -0.31
C MET A 1 1.09 50.56 0.41
N ASP A 2 0.37 51.07 1.40
CA ASP A 2 0.88 52.18 2.20
C ASP A 2 2.00 51.68 3.12
N TYR A 3 2.69 52.65 3.74
CA TYR A 3 3.78 52.33 4.65
C TYR A 3 3.29 51.50 5.83
N GLN A 4 2.19 51.92 6.45
CA GLN A 4 1.69 51.24 7.63
C GLN A 4 1.28 49.80 7.30
N GLU A 5 0.61 49.60 6.17
CA GLU A 5 0.20 48.26 5.78
C GLU A 5 1.40 47.36 5.54
N TYR A 6 2.42 47.89 4.87
CA TYR A 6 3.60 47.07 4.53
C TYR A 6 4.37 46.70 5.80
N GLN A 7 4.52 47.65 6.72
CA GLN A 7 5.20 47.34 7.98
C GLN A 7 4.37 46.38 8.84
N GLN A 8 3.04 46.50 8.80
CA GLN A 8 2.20 45.54 9.52
C GLN A 8 2.37 44.14 8.94
N PHE A 9 2.45 44.03 7.62
CA PHE A 9 2.69 42.74 6.99
C PHE A 9 4.05 42.18 7.39
N LEU A 10 5.07 43.05 7.43
CA LEU A 10 6.39 42.60 7.88
C LEU A 10 6.34 42.10 9.32
N ALA A 11 5.61 42.82 10.18
CA ALA A 11 5.50 42.40 11.58
C ALA A 11 4.79 41.06 11.69
N ARG A 12 3.73 40.85 10.90
CA ARG A 12 3.04 39.58 10.91
C ARG A 12 3.95 38.46 10.42
N ILE A 13 4.75 38.71 9.39
CA ILE A 13 5.66 37.68 8.87
C ILE A 13 6.71 37.34 9.90
N ASN A 14 7.32 38.36 10.52
CA ASN A 14 8.39 38.12 11.49
C ASN A 14 7.86 37.42 12.74
N THR A 15 6.67 37.79 13.20
CA THR A 15 6.07 37.17 14.36
C THR A 15 5.36 35.86 14.04
N ALA A 16 5.26 35.49 12.76
CA ALA A 16 4.61 34.23 12.40
C ALA A 16 5.46 33.05 12.86
N ARG A 17 4.80 32.06 13.42
CA ARG A 17 5.50 30.89 13.96
C ARG A 17 4.94 29.58 13.42
N ASP A 18 3.64 29.49 13.21
CA ASP A 18 3.01 28.30 12.67
C ASP A 18 2.68 28.48 11.20
N ALA A 19 2.40 27.37 10.52
CA ALA A 19 2.04 27.39 9.11
C ALA A 19 0.65 27.97 8.87
N CYS A 20 -0.28 27.81 9.81
CA CYS A 20 -1.62 28.37 9.64
C CYS A 20 -1.60 29.89 9.57
N VAL A 21 -0.80 30.52 10.44
CA VAL A 21 -0.66 31.97 10.38
C VAL A 21 -0.03 32.41 9.08
N ALA A 22 0.94 31.64 8.57
CA ALA A 22 1.53 31.96 7.27
C ALA A 22 0.50 31.86 6.16
N LYS A 23 -0.37 30.84 6.21
CA LYS A 23 -1.42 30.71 5.21
C LYS A 23 -2.39 31.89 5.28
N ASP A 24 -2.72 32.32 6.49
CA ASP A 24 -3.57 33.49 6.66
C ASP A 24 -2.92 34.74 6.08
N ILE A 25 -1.61 34.89 6.31
CA ILE A 25 -0.89 36.03 5.75
C ILE A 25 -0.91 35.99 4.23
N ASP A 26 -0.74 34.80 3.65
CA ASP A 26 -0.79 34.67 2.19
C ASP A 26 -2.16 35.04 1.65
N VAL A 27 -3.23 34.59 2.31
CA VAL A 27 -4.57 34.93 1.89
C VAL A 27 -4.80 36.44 1.98
N ASP A 28 -4.34 37.06 3.08
CA ASP A 28 -4.49 38.50 3.24
C ASP A 28 -3.70 39.25 2.17
N LEU A 29 -2.51 38.77 1.82
CA LEU A 29 -1.72 39.40 0.77
C LEU A 29 -2.43 39.34 -0.57
N LEU A 30 -3.00 38.18 -0.89
CA LEU A 30 -3.76 38.05 -2.14
C LEU A 30 -4.96 38.99 -2.15
N MET A 31 -5.68 39.08 -1.03
CA MET A 31 -6.83 39.97 -0.96
C MET A 31 -6.43 41.43 -1.07
N ALA A 32 -5.31 41.82 -0.46
CA ALA A 32 -4.83 43.19 -0.60
C ALA A 32 -4.43 43.50 -2.03
N ARG A 33 -3.79 42.54 -2.71
CA ARG A 33 -3.45 42.72 -4.12
C ARG A 33 -4.70 42.92 -4.96
N LYS A 34 -5.72 42.09 -4.73
CA LYS A 34 -6.97 42.24 -5.48
C LYS A 34 -7.64 43.57 -5.20
N ASP A 35 -7.65 44.01 -3.93
CA ASP A 35 -8.25 45.29 -3.59
C ASP A 35 -7.52 46.44 -4.26
N TYR A 36 -6.18 46.39 -4.26
CA TYR A 36 -5.40 47.44 -4.90
C TYR A 36 -5.69 47.49 -6.40
N PHE A 37 -5.70 46.34 -7.06
CA PHE A 37 -5.98 46.32 -8.49
C PHE A 37 -7.39 46.82 -8.79
N GLY A 38 -8.36 46.40 -7.97
CA GLY A 38 -9.73 46.84 -8.19
C GLY A 38 -9.89 48.33 -8.04
N ARG A 39 -9.26 48.90 -7.00
CA ARG A 39 -9.33 50.35 -6.80
C ARG A 39 -8.71 51.10 -7.96
N GLU A 40 -7.53 50.66 -8.41
CA GLU A 40 -6.86 51.36 -9.50
C GLU A 40 -7.63 51.22 -10.81
N LEU A 41 -8.22 50.04 -11.06
CA LEU A 41 -9.01 49.86 -12.26
C LEU A 41 -10.28 50.71 -12.22
N CYS A 42 -10.89 50.84 -11.04
CA CYS A 42 -12.05 51.71 -10.91
C CYS A 42 -11.68 53.17 -11.14
N LYS A 43 -10.47 53.57 -10.72
CA LYS A 43 -10.00 54.92 -11.02
C LYS A 43 -9.88 55.13 -12.52
N SER A 44 -9.34 54.15 -13.24
CA SER A 44 -9.17 54.26 -14.68
C SER A 44 -10.53 54.33 -15.38
N LEU A 45 -11.48 53.50 -14.94
CA LEU A 45 -12.80 53.45 -15.56
C LEU A 45 -13.69 54.61 -15.14
N ASN A 46 -13.24 55.46 -14.22
CA ASN A 46 -14.01 56.61 -13.74
C ASN A 46 -15.35 56.18 -13.16
N ILE A 47 -15.34 55.11 -12.39
CA ILE A 47 -16.55 54.61 -11.71
C ILE A 47 -16.25 54.48 -10.24
N GLU A 48 -17.31 54.53 -9.44
CA GLU A 48 -17.15 54.46 -7.99
C GLU A 48 -16.69 53.07 -7.58
N TYR A 49 -15.74 53.00 -6.65
CA TYR A 49 -15.14 51.74 -6.24
C TYR A 49 -16.13 50.97 -5.37
N ARG A 50 -16.61 49.85 -5.90
CA ARG A 50 -17.47 48.93 -5.17
C ARG A 50 -16.82 47.54 -5.15
N ASN A 51 -16.95 46.86 -4.02
CA ASN A 51 -16.40 45.52 -3.88
C ASN A 51 -17.37 44.62 -3.13
N ASP A 52 -17.60 43.43 -3.68
CA ASP A 52 -18.48 42.43 -3.09
C ASP A 52 -19.86 43.00 -2.81
N VAL A 53 -20.53 43.41 -3.88
CA VAL A 53 -21.86 44.01 -3.79
C VAL A 53 -22.90 42.90 -3.96
N PRO A 54 -23.84 42.74 -3.03
CA PRO A 54 -24.92 41.77 -3.24
C PRO A 54 -25.73 42.11 -4.49
N PHE A 55 -26.16 41.07 -5.19
CA PHE A 55 -26.86 41.26 -6.46
C PHE A 55 -28.21 41.94 -6.26
N ILE A 56 -28.85 41.71 -5.12
CA ILE A 56 -30.14 42.34 -4.84
C ILE A 56 -29.97 43.85 -4.74
N ASP A 57 -28.84 44.30 -4.17
CA ASP A 57 -28.54 45.73 -4.13
C ASP A 57 -28.38 46.28 -5.55
N ILE A 58 -27.72 45.51 -6.41
CA ILE A 58 -27.56 45.92 -7.81
C ILE A 58 -28.91 46.13 -8.46
N ILE A 59 -29.80 45.14 -8.32
CA ILE A 59 -31.10 45.23 -8.98
C ILE A 59 -31.92 46.38 -8.40
N LEU A 60 -31.89 46.55 -7.08
CA LEU A 60 -32.63 47.64 -6.45
C LEU A 60 -32.11 49.00 -6.91
N ASP A 61 -30.80 49.10 -7.10
CA ASP A 61 -30.22 50.38 -7.60
C ASP A 61 -30.69 50.63 -9.04
N ILE A 62 -30.63 49.60 -9.89
CA ILE A 62 -30.99 49.80 -11.29
C ILE A 62 -32.50 49.75 -11.49
N ARG A 63 -33.21 49.06 -10.59
CA ARG A 63 -34.67 48.93 -10.68
C ARG A 63 -35.27 49.19 -9.30
N PRO A 64 -35.34 50.46 -8.88
CA PRO A 64 -35.96 50.77 -7.57
C PRO A 64 -37.46 50.48 -7.53
N GLU A 65 -38.12 50.37 -8.69
CA GLU A 65 -39.56 50.17 -8.70
C GLU A 65 -39.95 48.79 -8.16
N VAL A 66 -39.24 47.74 -8.60
CA VAL A 66 -39.65 46.39 -8.26
C VAL A 66 -39.42 46.13 -6.78
N ASP A 67 -40.37 45.45 -6.15
CA ASP A 67 -40.24 45.09 -4.75
C ASP A 67 -39.13 44.04 -4.60
N PRO A 68 -38.27 44.18 -3.59
CA PRO A 68 -37.20 43.19 -3.41
C PRO A 68 -37.70 41.78 -3.19
N LEU A 69 -38.87 41.63 -2.57
CA LEU A 69 -39.40 40.29 -2.32
C LEU A 69 -39.81 39.60 -3.61
N THR A 70 -40.30 40.36 -4.59
CA THR A 70 -40.80 39.77 -5.83
C THR A 70 -39.70 39.05 -6.59
N ILE A 71 -38.51 39.64 -6.64
CA ILE A 71 -37.41 39.14 -7.45
C ILE A 71 -36.54 38.21 -6.61
N ASP A 72 -36.12 37.10 -7.21
CA ASP A 72 -35.20 36.16 -6.57
C ASP A 72 -33.82 36.34 -7.20
N ALA A 73 -33.01 37.22 -6.62
CA ALA A 73 -31.70 37.50 -7.18
C ALA A 73 -30.78 36.29 -7.00
N PRO A 74 -29.84 36.08 -7.93
CA PRO A 74 -28.87 34.99 -7.76
C PRO A 74 -28.00 35.21 -6.53
N HIS A 75 -27.48 34.10 -6.00
CA HIS A 75 -26.72 34.14 -4.75
C HIS A 75 -25.26 34.49 -5.01
N ILE A 76 -24.98 35.12 -6.14
CA ILE A 76 -23.65 35.60 -6.44
C ILE A 76 -23.42 36.95 -5.76
N THR A 77 -22.16 37.30 -5.58
CA THR A 77 -21.77 38.57 -4.98
C THR A 77 -20.74 39.21 -5.91
N PRO A 78 -21.19 39.90 -6.96
CA PRO A 78 -20.26 40.49 -7.92
C PRO A 78 -19.41 41.58 -7.30
N ASP A 79 -18.22 41.76 -7.87
CA ASP A 79 -17.32 42.81 -7.39
C ASP A 79 -17.89 44.19 -7.70
N ASN A 80 -18.32 44.42 -8.93
CA ASN A 80 -18.82 45.72 -9.35
C ASN A 80 -19.89 45.55 -10.42
N TYR A 81 -20.59 46.65 -10.71
CA TYR A 81 -21.60 46.65 -11.75
C TYR A 81 -21.65 48.03 -12.37
N LEU A 82 -22.12 48.09 -13.62
CA LEU A 82 -22.24 49.33 -14.37
C LEU A 82 -23.45 49.24 -15.27
N TYR A 83 -24.50 50.00 -14.97
CA TYR A 83 -25.74 49.98 -15.73
C TYR A 83 -25.86 51.28 -16.52
N ILE A 84 -25.60 51.20 -17.83
CA ILE A 84 -25.74 52.35 -18.72
C ILE A 84 -26.29 51.87 -20.05
N ASN A 85 -26.98 52.78 -20.76
CA ASN A 85 -27.67 52.51 -22.02
C ASN A 85 -28.38 51.16 -21.99
N ASN A 86 -29.26 50.99 -20.99
CA ASN A 86 -30.10 49.80 -20.81
C ASN A 86 -29.29 48.49 -20.85
N VAL A 87 -28.00 48.56 -20.55
CA VAL A 87 -27.15 47.38 -20.47
C VAL A 87 -26.48 47.37 -19.10
N LEU A 88 -26.52 46.21 -18.44
CA LEU A 88 -25.90 46.03 -17.15
C LEU A 88 -24.66 45.16 -17.30
N TYR A 89 -23.51 45.67 -16.89
CA TYR A 89 -22.24 44.96 -16.94
C TYR A 89 -21.88 44.53 -15.52
N ILE A 90 -21.56 43.25 -15.36
CA ILE A 90 -21.12 42.70 -14.09
C ILE A 90 -19.61 42.53 -14.16
N ILE A 91 -18.89 43.24 -13.30
CA ILE A 91 -17.44 43.36 -13.37
C ILE A 91 -16.82 42.58 -12.23
N ASP A 92 -15.86 41.72 -12.54
CA ASP A 92 -15.10 40.96 -11.56
C ASP A 92 -13.62 41.22 -11.77
N TYR A 93 -12.91 41.50 -10.68
CA TYR A 93 -11.47 41.75 -10.73
C TYR A 93 -10.72 40.46 -10.48
N LYS A 94 -9.66 40.23 -11.25
CA LYS A 94 -8.80 39.07 -11.09
C LYS A 94 -7.35 39.47 -11.30
N VAL A 95 -6.46 38.95 -10.45
CA VAL A 95 -5.04 39.29 -10.52
C VAL A 95 -4.26 38.01 -10.75
N SER A 96 -4.85 37.06 -11.47
CA SER A 96 -4.21 35.78 -11.71
C SER A 96 -3.47 35.78 -13.06
N VAL A 97 -2.60 34.79 -13.21
CA VAL A 97 -1.85 34.62 -14.45
C VAL A 97 -2.61 33.74 -15.44
N SER A 98 -3.27 32.69 -14.95
CA SER A 98 -4.01 31.80 -15.82
C SER A 98 -5.40 32.35 -16.11
N ASN A 99 -5.99 31.87 -17.20
CA ASN A 99 -7.34 32.24 -17.59
C ASN A 99 -8.39 31.22 -17.18
N GLU A 100 -7.98 30.12 -16.51
CA GLU A 100 -8.93 29.08 -16.13
C GLU A 100 -9.94 29.61 -15.12
N SER A 101 -9.46 30.34 -14.11
CA SER A 101 -10.36 30.90 -13.11
C SER A 101 -11.32 31.91 -13.74
N SER A 102 -10.82 32.71 -14.69
CA SER A 102 -11.67 33.66 -15.38
C SER A 102 -12.75 32.94 -16.19
N VAL A 103 -12.40 31.85 -16.86
CA VAL A 103 -13.38 31.10 -17.64
C VAL A 103 -14.45 30.51 -16.72
N ILE A 104 -14.01 29.93 -15.60
CA ILE A 104 -14.97 29.34 -14.64
C ILE A 104 -15.90 30.41 -14.11
N THR A 105 -15.35 31.57 -13.72
CA THR A 105 -16.17 32.65 -13.18
C THR A 105 -17.15 33.16 -14.22
N TYR A 106 -16.71 33.32 -15.46
CA TYR A 106 -17.60 33.80 -16.51
C TYR A 106 -18.75 32.82 -16.73
N ASP A 107 -18.43 31.52 -16.83
CA ASP A 107 -19.48 30.54 -17.06
C ASP A 107 -20.49 30.53 -15.92
N LYS A 108 -19.99 30.55 -14.68
CA LYS A 108 -20.90 30.47 -13.54
C LYS A 108 -21.78 31.72 -13.46
N TYR A 109 -21.19 32.91 -13.63
CA TYR A 109 -21.98 34.14 -13.61
C TYR A 109 -23.01 34.16 -14.73
N TYR A 110 -22.62 33.73 -15.92
CA TYR A 110 -23.54 33.70 -17.05
C TYR A 110 -24.74 32.81 -16.75
N GLU A 111 -24.48 31.57 -16.33
CA GLU A 111 -25.59 30.63 -16.15
C GLU A 111 -26.42 30.98 -14.92
N LEU A 112 -25.86 31.75 -13.98
CA LEU A 112 -26.65 32.18 -12.82
C LEU A 112 -27.35 33.51 -13.03
N THR A 113 -26.99 34.28 -14.05
CA THR A 113 -27.63 35.57 -14.31
C THR A 113 -28.59 35.54 -15.49
N ARG A 114 -28.56 34.49 -16.32
CA ARG A 114 -29.45 34.46 -17.48
C ARG A 114 -30.92 34.51 -17.08
N ASP A 115 -31.29 33.82 -16.00
CA ASP A 115 -32.69 33.80 -15.59
C ASP A 115 -33.18 35.18 -15.19
N ILE A 116 -32.43 35.88 -14.34
CA ILE A 116 -32.85 37.19 -13.89
C ILE A 116 -32.78 38.20 -15.03
N SER A 117 -31.87 37.99 -15.98
CA SER A 117 -31.85 38.84 -17.17
C SER A 117 -33.12 38.64 -18.00
N ASP A 118 -33.56 37.39 -18.14
CA ASP A 118 -34.77 37.12 -18.92
C ASP A 118 -36.00 37.68 -18.23
N ARG A 119 -36.11 37.55 -16.91
CA ARG A 119 -37.35 37.98 -16.22
C ARG A 119 -37.48 39.50 -16.24
N LEU A 120 -36.36 40.23 -16.14
CA LEU A 120 -36.40 41.68 -16.11
C LEU A 120 -36.34 42.32 -17.49
N SER A 121 -36.19 41.51 -18.55
CA SER A 121 -36.15 41.99 -19.92
C SER A 121 -35.05 43.03 -20.13
N ILE A 122 -33.91 42.80 -19.47
CA ILE A 122 -32.74 43.66 -19.64
C ILE A 122 -31.52 42.78 -19.84
N PRO A 123 -30.66 43.08 -20.82
CA PRO A 123 -29.45 42.27 -21.01
C PRO A 123 -28.46 42.47 -19.88
N ILE A 124 -27.86 41.37 -19.45
CA ILE A 124 -26.81 41.39 -18.44
C ILE A 124 -25.54 40.86 -19.08
N GLU A 125 -24.51 41.67 -19.11
CA GLU A 125 -23.24 41.31 -19.73
C GLU A 125 -22.21 41.02 -18.64
N ILE A 126 -21.59 39.85 -18.71
CA ILE A 126 -20.58 39.43 -17.75
C ILE A 126 -19.22 39.79 -18.31
N VAL A 127 -18.48 40.62 -17.60
CA VAL A 127 -17.14 41.04 -18.00
C VAL A 127 -16.20 40.78 -16.84
N ILE A 128 -15.11 40.07 -17.11
CA ILE A 128 -14.06 39.81 -16.13
C ILE A 128 -12.79 40.48 -16.62
N ILE A 129 -12.25 41.39 -15.81
CA ILE A 129 -11.02 42.10 -16.12
C ILE A 129 -9.91 41.48 -15.31
N ARG A 130 -8.96 40.84 -16.00
CA ARG A 130 -7.86 40.14 -15.35
C ARG A 130 -6.55 40.84 -15.67
N ILE A 131 -5.77 41.13 -14.63
CA ILE A 131 -4.45 41.72 -14.81
C ILE A 131 -3.41 40.65 -14.52
N ASP A 132 -2.40 40.56 -15.36
CA ASP A 132 -1.33 39.60 -15.17
C ASP A 132 -0.26 40.23 -14.28
N PRO A 133 0.01 39.68 -13.09
CA PRO A 133 0.90 40.38 -12.15
C PRO A 133 2.34 40.52 -12.62
N VAL A 134 2.80 39.70 -13.57
CA VAL A 134 4.21 39.75 -13.96
C VAL A 134 4.38 40.50 -15.26
N SER A 135 3.33 40.54 -16.09
CA SER A 135 3.39 41.24 -17.37
C SER A 135 2.56 42.51 -17.40
N ARG A 136 1.72 42.76 -16.38
CA ARG A 136 1.01 44.03 -16.24
C ARG A 136 0.08 44.30 -17.42
N ASP A 137 -0.53 43.24 -17.94
CA ASP A 137 -1.40 43.34 -19.12
C ASP A 137 -2.84 43.02 -18.74
N LEU A 138 -3.76 43.75 -19.35
CA LEU A 138 -5.19 43.61 -19.06
C LEU A 138 -5.84 42.69 -20.08
N HIS A 139 -6.66 41.76 -19.58
CA HIS A 139 -7.43 40.84 -20.41
C HIS A 139 -8.90 41.02 -20.08
N ILE A 140 -9.70 41.35 -21.09
CA ILE A 140 -11.13 41.57 -20.94
C ILE A 140 -11.84 40.68 -21.95
N ASN A 141 -12.74 39.83 -21.45
CA ASN A 141 -13.44 38.89 -22.32
C ASN A 141 -14.52 39.58 -23.14
N SER A 142 -15.21 40.55 -22.54
CA SER A 142 -16.39 41.15 -23.18
C SER A 142 -15.97 42.08 -24.30
N ASP A 143 -16.52 41.86 -25.49
CA ASP A 143 -16.28 42.78 -26.61
C ASP A 143 -17.09 44.05 -26.48
N ARG A 144 -18.30 43.98 -25.94
CA ARG A 144 -19.11 45.18 -25.74
C ARG A 144 -18.44 46.13 -24.76
N PHE A 145 -17.87 45.59 -23.68
CA PHE A 145 -17.16 46.44 -22.72
C PHE A 145 -15.94 47.08 -23.36
N LYS A 146 -15.20 46.33 -24.18
CA LYS A 146 -14.04 46.90 -24.86
C LYS A 146 -14.43 47.97 -25.87
N GLU A 147 -15.58 47.81 -26.53
CA GLU A 147 -16.08 48.89 -27.37
C GLU A 147 -16.44 50.12 -26.53
N LEU A 148 -17.06 49.89 -25.37
CA LEU A 148 -17.53 51.01 -24.55
C LEU A 148 -16.37 51.76 -23.92
N TYR A 149 -15.29 51.06 -23.57
CA TYR A 149 -14.04 51.68 -23.14
C TYR A 149 -12.96 51.37 -24.16
N PRO A 150 -12.68 52.28 -25.10
CA PRO A 150 -11.73 51.93 -26.17
C PRO A 150 -10.33 51.64 -25.68
N THR A 151 -9.77 52.49 -24.82
CA THR A 151 -8.44 52.30 -24.28
C THR A 151 -8.51 52.33 -22.75
N ILE A 152 -8.03 51.26 -22.12
CA ILE A 152 -7.95 51.18 -20.68
C ILE A 152 -6.49 50.96 -20.31
N VAL A 153 -5.95 51.86 -19.50
CA VAL A 153 -4.58 51.75 -19.00
C VAL A 153 -4.60 51.78 -17.49
N VAL A 154 -3.90 50.83 -16.87
CA VAL A 154 -3.77 50.76 -15.42
C VAL A 154 -2.27 50.65 -15.15
N ASP A 155 -1.61 51.78 -14.94
CA ASP A 155 -0.18 51.82 -14.65
C ASP A 155 0.01 51.66 -13.14
N ILE A 156 0.17 50.41 -12.71
CA ILE A 156 0.32 50.07 -11.30
C ILE A 156 1.53 49.16 -11.14
N ASN A 157 1.79 48.78 -9.89
CA ASN A 157 3.00 48.04 -9.57
C ASN A 157 2.69 47.05 -8.46
N PHE A 158 3.07 45.78 -8.67
CA PHE A 158 2.87 44.72 -7.69
C PHE A 158 4.16 44.24 -7.06
N ASN A 159 5.24 45.02 -7.15
CA ASN A 159 6.52 44.57 -6.62
C ASN A 159 6.48 44.43 -5.11
N GLN A 160 5.78 45.32 -4.41
CA GLN A 160 5.72 45.23 -2.95
C GLN A 160 5.10 43.92 -2.50
N PHE A 161 3.97 43.55 -3.11
CA PHE A 161 3.34 42.28 -2.79
C PHE A 161 4.23 41.11 -3.16
N PHE A 162 4.97 41.22 -4.27
CA PHE A 162 5.87 40.14 -4.67
C PHE A 162 6.98 39.94 -3.65
N ASP A 163 7.58 41.03 -3.15
CA ASP A 163 8.62 40.89 -2.13
C ASP A 163 8.05 40.36 -0.82
N LEU A 164 6.85 40.80 -0.46
CA LEU A 164 6.23 40.28 0.77
C LEU A 164 5.98 38.78 0.65
N LYS A 165 5.45 38.33 -0.48
CA LYS A 165 5.23 36.91 -0.70
C LYS A 165 6.54 36.14 -0.73
N GLN A 166 7.58 36.74 -1.32
CA GLN A 166 8.89 36.09 -1.36
C GLN A 166 9.45 35.90 0.04
N LEU A 167 9.34 36.93 0.89
CA LEU A 167 9.79 36.80 2.27
C LEU A 167 9.00 35.72 3.00
N LEU A 168 7.68 35.72 2.84
CA LEU A 168 6.86 34.74 3.53
C LEU A 168 7.21 33.32 3.08
N TYR A 169 7.43 33.12 1.78
CA TYR A 169 7.76 31.79 1.28
C TYR A 169 9.17 31.38 1.70
N GLU A 170 10.09 32.34 1.78
CA GLU A 170 11.43 32.03 2.26
C GLU A 170 11.40 31.57 3.71
N LYS A 171 10.59 32.23 4.54
CA LYS A 171 10.53 31.84 5.94
C LYS A 171 9.86 30.48 6.12
N PHE A 172 9.04 30.05 5.15
CA PHE A 172 8.30 28.81 5.26
C PHE A 172 8.53 27.88 4.07
N GLY A 173 9.64 28.06 3.35
CA GLY A 173 9.91 27.20 2.21
C GLY A 173 10.17 25.75 2.59
N ASP A 174 10.95 25.54 3.66
CA ASP A 174 11.30 24.21 4.11
C ASP A 174 10.21 23.54 4.91
N ASP A 175 8.99 24.07 4.89
CA ASP A 175 7.84 23.47 5.55
C ASP A 175 6.92 22.87 4.49
N GLU A 176 6.81 21.54 4.49
CA GLU A 176 5.93 20.88 3.53
C GLU A 176 4.47 21.20 3.84
N GLU A 177 4.14 21.45 5.10
CA GLU A 177 2.77 21.76 5.47
C GLU A 177 2.32 23.07 4.83
N PHE A 178 3.19 24.08 4.84
CA PHE A 178 2.82 25.39 4.28
C PHE A 178 2.59 25.31 2.79
N LEU A 179 3.42 24.54 2.07
CA LEU A 179 3.36 24.54 0.61
C LEU A 179 2.02 24.02 0.10
N LEU A 180 1.45 23.01 0.75
CA LEU A 180 0.19 22.46 0.28
C LEU A 180 -1.02 23.14 0.90
N LYS A 181 -0.82 23.98 1.91
CA LYS A 181 -1.94 24.78 2.42
C LYS A 181 -2.24 25.98 1.54
N VAL A 182 -1.30 26.38 0.68
CA VAL A 182 -1.50 27.51 -0.21
C VAL A 182 -1.30 27.05 -1.66
N ALA A 183 -1.57 25.77 -1.91
CA ALA A 183 -1.28 25.19 -3.21
C ALA A 183 -2.32 25.60 -4.27
N HIS A 184 -3.58 25.78 -3.87
CA HIS A 184 -4.64 26.01 -4.84
C HIS A 184 -5.42 27.28 -4.51
N GLY A 185 -4.72 28.38 -4.25
CA GLY A 185 -5.36 29.61 -3.85
C GLY A 185 -5.75 30.53 -4.98
N ASP A 186 -6.07 29.97 -6.14
CA ASP A 186 -6.52 30.77 -7.28
C ASP A 186 -8.03 30.95 -7.16
N PHE A 187 -8.45 32.10 -6.65
CA PHE A 187 -9.85 32.34 -6.35
C PHE A 187 -10.66 32.51 -7.63
N THR A 188 -11.70 31.67 -7.79
CA THR A 188 -12.58 31.79 -8.93
C THR A 188 -13.78 32.62 -8.53
N LEU A 189 -14.61 32.16 -7.59
CA LEU A 189 -15.78 32.87 -7.12
C LEU A 189 -16.47 32.06 -6.03
N THR A 190 -17.38 32.72 -5.32
CA THR A 190 -18.17 32.07 -4.27
C THR A 190 -19.62 31.99 -4.72
N ALA A 191 -20.12 30.78 -4.95
CA ALA A 191 -21.48 30.56 -5.37
C ALA A 191 -21.93 29.20 -4.87
N PRO A 192 -23.21 29.02 -4.59
CA PRO A 192 -23.70 27.71 -4.15
C PRO A 192 -23.56 26.67 -5.26
N TRP A 193 -23.35 25.42 -4.84
CA TRP A 193 -23.23 24.32 -5.79
C TRP A 193 -24.58 23.85 -6.32
N CYS A 194 -25.67 24.22 -5.66
CA CYS A 194 -27.01 23.86 -6.08
C CYS A 194 -27.96 25.02 -5.83
N LYS A 195 -28.97 25.15 -6.69
CA LYS A 195 -29.92 26.26 -6.56
C LYS A 195 -30.87 26.04 -5.39
N THR A 196 -31.37 24.82 -5.23
CA THR A 196 -32.35 24.51 -4.19
C THR A 196 -31.79 23.46 -3.24
N GLY A 197 -32.45 23.35 -2.09
CA GLY A 197 -32.08 22.40 -1.06
C GLY A 197 -32.86 21.11 -1.15
N CYS A 198 -33.02 20.45 -0.01
CA CYS A 198 -33.76 19.20 0.07
C CYS A 198 -34.86 19.32 1.11
N PRO A 199 -36.08 19.71 0.72
CA PRO A 199 -37.16 19.77 1.72
C PRO A 199 -37.53 18.43 2.31
N GLU A 200 -37.32 17.33 1.58
CA GLU A 200 -37.70 16.02 2.09
C GLU A 200 -36.67 15.47 3.08
N PHE A 201 -35.58 16.19 3.31
CA PHE A 201 -34.68 15.81 4.40
C PHE A 201 -35.36 15.94 5.75
N TRP A 202 -36.15 17.00 5.93
CA TRP A 202 -36.79 17.25 7.22
C TRP A 202 -37.86 16.22 7.55
N LYS A 203 -38.28 15.41 6.60
CA LYS A 203 -39.28 14.38 6.82
C LYS A 203 -38.67 12.97 6.82
N HIS A 204 -37.35 12.86 6.78
CA HIS A 204 -36.72 11.55 6.76
C HIS A 204 -36.88 10.87 8.11
N PRO A 205 -37.20 9.57 8.13
CA PRO A 205 -37.28 8.86 9.42
C PRO A 205 -35.98 8.89 10.21
N ILE A 206 -34.84 8.83 9.51
CA ILE A 206 -33.55 8.91 10.20
C ILE A 206 -33.38 10.27 10.87
N TYR A 207 -33.76 11.35 10.16
CA TYR A 207 -33.67 12.67 10.76
C TYR A 207 -34.63 12.80 11.94
N LYS A 208 -35.82 12.23 11.82
CA LYS A 208 -36.77 12.31 12.94
C LYS A 208 -36.24 11.57 14.16
N GLU A 209 -35.63 10.40 13.95
CA GLU A 209 -35.01 9.67 15.05
C GLU A 209 -33.87 10.47 15.67
N PHE A 210 -33.06 11.12 14.83
CA PHE A 210 -31.97 11.96 15.33
C PHE A 210 -32.51 13.13 16.13
N LYS A 211 -33.62 13.71 15.68
CA LYS A 211 -34.18 14.90 16.33
C LYS A 211 -34.82 14.56 17.67
N MET A 212 -35.57 13.46 17.72
CA MET A 212 -36.27 13.11 18.95
C MET A 212 -35.30 12.69 20.06
N SER A 213 -34.07 12.32 19.68
CA SER A 213 -33.09 11.91 20.69
C SER A 213 -32.55 13.12 21.46
N MET A 214 -32.40 14.25 20.80
CA MET A 214 -31.83 15.43 21.42
C MET A 214 -32.89 16.18 22.24
N PRO A 215 -32.47 16.97 23.22
CA PRO A 215 -33.41 17.85 23.92
C PRO A 215 -33.91 18.95 23.00
N VAL A 216 -35.03 19.55 23.40
CA VAL A 216 -35.68 20.57 22.55
C VAL A 216 -34.74 21.72 22.22
N PRO A 217 -33.99 22.31 23.16
CA PRO A 217 -33.04 23.37 22.74
C PRO A 217 -32.02 22.90 21.73
N GLU A 218 -31.55 21.66 21.84
CA GLU A 218 -30.63 21.14 20.83
C GLU A 218 -31.31 20.98 19.49
N ARG A 219 -32.59 20.58 19.48
CA ARG A 219 -33.33 20.51 18.23
C ARG A 219 -33.41 21.88 17.58
N ARG A 220 -33.73 22.91 18.36
CA ARG A 220 -33.79 24.26 17.80
C ARG A 220 -32.42 24.72 17.31
N LEU A 221 -31.37 24.42 18.06
CA LEU A 221 -30.02 24.81 17.65
C LEU A 221 -29.64 24.14 16.33
N PHE A 222 -29.94 22.86 16.18
CA PHE A 222 -29.65 22.15 14.94
C PHE A 222 -30.45 22.75 13.79
N GLU A 223 -31.73 23.04 14.01
CA GLU A 223 -32.56 23.57 12.95
C GLU A 223 -32.07 24.94 12.48
N GLU A 224 -31.67 25.81 13.41
CA GLU A 224 -31.16 27.12 12.99
C GLU A 224 -29.75 27.02 12.42
N SER A 225 -28.99 26.00 12.83
CA SER A 225 -27.64 25.84 12.29
C SER A 225 -27.66 25.34 10.85
N VAL A 226 -28.60 24.44 10.52
CA VAL A 226 -28.71 23.98 9.14
C VAL A 226 -29.16 25.12 8.23
N LYS A 227 -30.03 25.99 8.73
CA LYS A 227 -30.57 27.08 7.93
C LYS A 227 -29.69 28.33 7.94
N PHE A 228 -28.59 28.33 8.70
CA PHE A 228 -27.74 29.51 8.76
C PHE A 228 -26.92 29.63 7.48
N ASN A 229 -26.89 30.85 6.92
CA ASN A 229 -26.13 31.15 5.72
C ASN A 229 -25.01 32.10 6.09
N ALA A 230 -23.76 31.65 5.95
CA ALA A 230 -22.60 32.43 6.34
C ALA A 230 -22.14 33.40 5.27
N TYR A 231 -22.85 33.47 4.14
CA TYR A 231 -22.47 34.34 3.04
C TYR A 231 -23.39 35.54 2.89
N GLU A 232 -24.63 35.44 3.37
CA GLU A 232 -25.50 36.60 3.46
C GLU A 232 -25.49 37.23 4.85
N SER A 233 -24.97 36.52 5.85
CA SER A 233 -24.95 37.04 7.21
C SER A 233 -23.91 38.14 7.36
N GLU A 234 -24.11 38.98 8.38
CA GLU A 234 -23.19 40.08 8.62
C GLU A 234 -21.83 39.58 9.09
N ARG A 235 -21.79 38.45 9.80
CA ARG A 235 -20.56 37.75 10.12
C ARG A 235 -20.73 36.27 9.84
N TRP A 236 -19.63 35.62 9.45
CA TRP A 236 -19.68 34.21 9.10
C TRP A 236 -19.79 33.31 10.33
N ASN A 237 -19.37 33.80 11.49
CA ASN A 237 -19.23 32.96 12.67
C ASN A 237 -20.28 33.25 13.74
N THR A 238 -21.35 33.96 13.41
CA THR A 238 -22.36 34.26 14.42
C THR A 238 -23.02 33.00 14.95
N ASN A 239 -23.33 32.06 14.06
CA ASN A 239 -23.96 30.80 14.48
C ASN A 239 -23.04 29.99 15.37
N LEU A 240 -21.77 29.84 14.97
CA LEU A 240 -20.82 29.08 15.76
C LEU A 240 -20.59 29.74 17.11
N VAL A 241 -20.46 31.07 17.14
CA VAL A 241 -20.25 31.78 18.39
C VAL A 241 -21.44 31.62 19.31
N LYS A 242 -22.65 31.74 18.76
CA LYS A 242 -23.87 31.59 19.56
C LYS A 242 -23.95 30.20 20.18
N ILE A 243 -23.70 29.16 19.37
CA ILE A 243 -23.83 27.80 19.87
C ILE A 243 -22.73 27.49 20.88
N ARG A 244 -21.52 28.01 20.64
CA ARG A 244 -20.44 27.84 21.60
C ARG A 244 -20.77 28.50 22.92
N GLU A 245 -21.32 29.71 22.89
CA GLU A 245 -21.72 30.38 24.12
C GLU A 245 -22.83 29.60 24.82
N TYR A 246 -23.75 29.01 24.07
CA TYR A 246 -24.82 28.23 24.68
C TYR A 246 -24.26 26.99 25.39
N THR A 247 -23.31 26.30 24.78
CA THR A 247 -22.79 25.06 25.35
C THR A 247 -21.61 25.26 26.29
N LYS A 248 -21.15 26.51 26.47
CA LYS A 248 -19.97 26.78 27.27
C LYS A 248 -20.12 26.34 28.71
N LYS A 249 -21.30 26.56 29.31
CA LYS A 249 -21.48 26.23 30.73
C LYS A 249 -21.27 24.74 30.97
N ASP A 250 -21.94 23.90 30.18
CA ASP A 250 -21.82 22.46 30.38
C ASP A 250 -20.45 21.95 29.96
N TYR A 251 -19.84 22.56 28.93
CA TYR A 251 -18.47 22.19 28.57
C TYR A 251 -17.50 22.46 29.71
N SER A 252 -17.59 23.65 30.31
CA SER A 252 -16.70 24.00 31.40
C SER A 252 -16.95 23.12 32.62
N GLU A 253 -18.21 22.81 32.91
CA GLU A 253 -18.51 21.91 34.02
C GLU A 253 -17.90 20.54 33.79
N HIS A 254 -18.02 20.01 32.56
CA HIS A 254 -17.43 18.71 32.26
C HIS A 254 -15.91 18.75 32.40
N ILE A 255 -15.27 19.80 31.89
CA ILE A 255 -13.82 19.90 31.97
C ILE A 255 -13.37 19.97 33.43
N SER A 256 -14.04 20.79 34.24
CA SER A 256 -13.66 20.93 35.65
C SER A 256 -13.89 19.63 36.41
N LYS A 257 -15.01 18.96 36.16
CA LYS A 257 -15.29 17.71 36.86
C LYS A 257 -14.28 16.63 36.48
N SER A 258 -13.89 16.58 35.21
CA SER A 258 -12.88 15.61 34.80
C SER A 258 -11.51 15.95 35.39
N ALA A 259 -11.17 17.24 35.46
CA ALA A 259 -9.87 17.64 35.99
C ALA A 259 -9.77 17.39 37.48
N LYS A 260 -10.87 17.56 38.22
CA LYS A 260 -10.83 17.35 39.66
C LYS A 260 -10.63 15.89 40.05
N ASN A 261 -10.73 14.96 39.10
CA ASN A 261 -10.51 13.55 39.39
C ASN A 261 -9.07 13.23 39.72
N ILE A 262 -8.14 14.17 39.50
CA ILE A 262 -6.73 13.89 39.76
C ILE A 262 -6.49 13.66 41.25
N PHE A 263 -7.29 14.30 42.11
CA PHE A 263 -7.16 14.08 43.54
C PHE A 263 -7.80 12.77 43.97
N LEU A 264 -8.68 12.21 43.14
CA LEU A 264 -9.35 10.96 43.44
C LEU A 264 -8.64 9.73 42.87
N ALA A 265 -7.52 9.93 42.17
CA ALA A 265 -6.79 8.79 41.62
C ALA A 265 -6.11 8.00 42.73
N SER A 266 -6.21 6.68 42.66
CA SER A 266 -5.62 5.81 43.66
C SER A 266 -4.17 5.47 43.38
N GLY A 267 -3.69 5.72 42.16
CA GLY A 267 -2.35 5.38 41.78
C GLY A 267 -2.15 3.96 41.30
N PHE A 268 -3.19 3.13 41.36
CA PHE A 268 -3.11 1.74 40.92
C PHE A 268 -3.70 1.63 39.53
N TYR A 269 -2.84 1.41 38.54
CA TYR A 269 -3.25 1.17 37.16
C TYR A 269 -2.98 -0.28 36.79
N LYS A 270 -3.30 -0.62 35.54
CA LYS A 270 -3.20 -2.00 35.07
C LYS A 270 -1.73 -2.31 34.75
N GLN A 271 -1.00 -2.70 35.78
CA GLN A 271 0.39 -3.08 35.60
C GLN A 271 0.48 -4.53 35.15
N PRO A 272 1.30 -4.85 34.14
CA PRO A 272 1.39 -6.22 33.62
C PRO A 272 2.40 -7.08 34.38
N ASN A 273 2.18 -7.23 35.69
CA ASN A 273 3.05 -8.09 36.47
C ASN A 273 2.73 -9.55 36.20
N LYS A 274 3.63 -10.43 36.66
CA LYS A 274 3.53 -11.85 36.31
C LYS A 274 2.26 -12.49 36.84
N ASN A 275 1.76 -12.04 37.99
CA ASN A 275 0.51 -12.57 38.51
C ASN A 275 -0.65 -12.29 37.56
N GLU A 276 -0.70 -11.07 37.01
CA GLU A 276 -1.75 -10.73 36.06
C GLU A 276 -1.65 -11.59 34.81
N ILE A 277 -0.44 -11.82 34.31
CA ILE A 277 -0.27 -12.65 33.13
C ILE A 277 -0.70 -14.08 33.42
N SER A 278 -0.39 -14.59 34.62
CA SER A 278 -0.79 -15.94 34.98
C SER A 278 -2.32 -16.07 35.06
N GLU A 279 -2.98 -15.08 35.67
CA GLU A 279 -4.44 -15.11 35.73
C GLU A 279 -5.06 -15.05 34.34
N GLY A 280 -4.54 -14.16 33.49
CA GLY A 280 -5.03 -14.09 32.13
C GLY A 280 -4.80 -15.37 31.36
N TRP A 281 -3.65 -16.03 31.58
CA TRP A 281 -3.36 -17.29 30.92
C TRP A 281 -4.32 -18.38 31.36
N THR A 282 -4.63 -18.42 32.66
CA THR A 282 -5.60 -19.41 33.14
C THR A 282 -6.97 -19.20 32.52
N LEU A 283 -7.42 -17.94 32.48
CA LEU A 283 -8.71 -17.65 31.84
C LEU A 283 -8.69 -17.99 30.35
N MET A 284 -7.59 -17.69 29.67
CA MET A 284 -7.46 -18.03 28.26
C MET A 284 -7.55 -19.54 28.06
N VAL A 285 -6.89 -20.31 28.92
CA VAL A 285 -6.89 -21.76 28.77
C VAL A 285 -8.30 -22.29 28.97
N GLU A 286 -9.03 -21.77 29.96
CA GLU A 286 -10.41 -22.19 30.15
C GLU A 286 -11.24 -21.88 28.91
N ARG A 287 -11.09 -20.67 28.36
CA ARG A 287 -11.86 -20.28 27.18
C ARG A 287 -11.53 -21.17 25.97
N VAL A 288 -10.24 -21.45 25.75
CA VAL A 288 -9.83 -22.23 24.60
C VAL A 288 -10.30 -23.68 24.73
N GLN A 289 -10.17 -24.26 25.92
CA GLN A 289 -10.68 -25.60 26.13
C GLN A 289 -12.18 -25.66 25.93
N ASP A 290 -12.89 -24.59 26.28
CA ASP A 290 -14.32 -24.52 25.99
C ASP A 290 -14.56 -24.48 24.48
N GLN A 291 -13.75 -23.73 23.74
CA GLN A 291 -14.04 -23.51 22.33
C GLN A 291 -13.33 -24.48 21.39
N ARG A 292 -12.45 -25.33 21.90
CA ARG A 292 -11.70 -26.23 21.05
C ARG A 292 -11.70 -27.64 21.65
N GLU A 293 -11.42 -28.62 20.79
CA GLU A 293 -11.25 -30.00 21.22
C GLU A 293 -9.77 -30.26 21.46
N ILE A 294 -9.42 -30.51 22.71
CA ILE A 294 -8.03 -30.56 23.16
C ILE A 294 -7.58 -32.01 23.19
N SER A 295 -6.47 -32.31 22.52
CA SER A 295 -5.95 -33.66 22.42
C SER A 295 -4.60 -33.75 23.11
N LYS A 296 -4.43 -34.78 23.93
CA LYS A 296 -3.16 -35.06 24.59
C LYS A 296 -2.38 -36.18 23.91
N SER A 297 -2.81 -36.62 22.74
CA SER A 297 -2.17 -37.72 22.03
C SER A 297 -1.22 -37.15 20.97
N LEU A 298 0.00 -37.71 20.92
CA LEU A 298 0.96 -37.28 19.92
C LEU A 298 0.60 -37.74 18.52
N HIS A 299 -0.20 -38.79 18.39
CA HIS A 299 -0.64 -39.24 17.07
C HIS A 299 -1.56 -38.24 16.40
N ASP A 300 -2.09 -37.27 17.16
CA ASP A 300 -3.00 -36.28 16.62
C ASP A 300 -2.29 -35.06 16.06
N GLN A 301 -0.96 -34.99 16.17
CA GLN A 301 -0.24 -33.82 15.71
C GLN A 301 -0.27 -33.71 14.20
N LYS A 302 -0.27 -32.49 13.70
CA LYS A 302 -0.16 -32.19 12.29
C LYS A 302 1.29 -31.89 11.93
N PRO A 303 1.67 -32.04 10.67
CA PRO A 303 3.07 -31.80 10.29
C PRO A 303 3.46 -30.35 10.53
N SER A 304 4.49 -30.17 11.36
CA SER A 304 5.09 -28.84 11.51
C SER A 304 5.73 -28.38 10.21
N ILE A 305 6.44 -29.29 9.55
CA ILE A 305 6.92 -29.11 8.18
C ILE A 305 6.46 -30.32 7.40
N HIS A 306 6.16 -30.12 6.12
CA HIS A 306 5.57 -31.16 5.29
C HIS A 306 6.61 -31.91 4.48
N PHE A 307 7.78 -32.14 5.10
CA PHE A 307 8.93 -32.72 4.44
C PHE A 307 9.68 -33.57 5.45
N ILE A 308 10.21 -34.71 4.99
CA ILE A 308 11.20 -35.46 5.74
C ILE A 308 12.46 -35.53 4.90
N TRP A 309 13.61 -35.44 5.57
CA TRP A 309 14.87 -35.25 4.87
C TRP A 309 15.95 -36.14 5.47
N GLY A 310 16.89 -36.53 4.62
CA GLY A 310 18.08 -37.23 5.07
C GLY A 310 19.26 -36.81 4.22
N ALA A 311 20.45 -36.97 4.80
CA ALA A 311 21.67 -36.58 4.11
C ALA A 311 21.92 -37.48 2.90
N HIS A 312 22.63 -36.94 1.92
CA HIS A 312 22.93 -37.67 0.69
C HIS A 312 24.07 -38.65 0.91
N ASN A 313 24.23 -39.56 -0.05
CA ASN A 313 25.27 -40.58 0.02
C ASN A 313 26.41 -40.20 -0.92
N PRO A 314 27.58 -39.84 -0.40
CA PRO A 314 28.70 -39.50 -1.30
C PRO A 314 29.14 -40.66 -2.18
N GLY A 315 29.01 -41.89 -1.71
CA GLY A 315 29.43 -43.03 -2.51
C GLY A 315 28.57 -43.26 -3.73
N ASN A 316 27.26 -43.10 -3.59
CA ASN A 316 26.34 -43.41 -4.68
C ASN A 316 26.39 -42.33 -5.75
N SER A 317 25.87 -42.68 -6.93
CA SER A 317 25.81 -41.75 -8.04
C SER A 317 24.49 -41.00 -8.05
N ASN A 318 24.51 -39.81 -8.66
CA ASN A 318 23.32 -38.97 -8.76
C ASN A 318 22.61 -39.14 -10.09
N ASN A 319 22.88 -40.21 -10.83
CA ASN A 319 22.18 -40.47 -12.08
C ASN A 319 20.74 -40.89 -11.79
N ALA A 320 19.81 -40.41 -12.63
CA ALA A 320 18.40 -40.66 -12.39
C ALA A 320 18.06 -42.15 -12.45
N THR A 321 18.61 -42.86 -13.44
CA THR A 321 18.29 -44.28 -13.59
C THR A 321 18.80 -45.10 -12.42
N PHE A 322 20.03 -44.83 -11.96
CA PHE A 322 20.56 -45.57 -10.82
C PHE A 322 19.79 -45.27 -9.55
N LYS A 323 19.40 -44.01 -9.35
CA LYS A 323 18.57 -43.67 -8.19
C LYS A 323 17.22 -44.37 -8.26
N LEU A 324 16.63 -44.45 -9.45
CA LEU A 324 15.36 -45.15 -9.60
C LEU A 324 15.49 -46.63 -9.27
N ILE A 325 16.57 -47.27 -9.75
CA ILE A 325 16.79 -48.68 -9.48
C ILE A 325 17.02 -48.90 -7.99
N LEU A 326 17.81 -48.03 -7.36
CA LEU A 326 18.05 -48.14 -5.92
C LEU A 326 16.77 -47.98 -5.12
N LEU A 327 15.94 -47.01 -5.51
CA LEU A 327 14.67 -46.80 -4.81
C LEU A 327 13.76 -48.01 -4.95
N SER A 328 13.68 -48.58 -6.15
CA SER A 328 12.86 -49.77 -6.34
C SER A 328 13.35 -50.93 -5.50
N LYS A 329 14.67 -51.16 -5.48
CA LYS A 329 15.19 -52.29 -4.71
C LYS A 329 15.02 -52.06 -3.21
N SER A 330 15.11 -50.81 -2.76
CA SER A 330 14.91 -50.52 -1.35
C SER A 330 13.45 -50.70 -0.95
N LEU A 331 12.53 -50.30 -1.83
CA LEU A 331 11.11 -50.46 -1.54
C LEU A 331 10.71 -51.93 -1.56
N GLN A 332 11.34 -52.72 -2.43
CA GLN A 332 10.99 -54.14 -2.52
C GLN A 332 11.43 -54.92 -1.28
N SER A 333 12.44 -54.42 -0.57
CA SER A 333 13.05 -55.16 0.53
C SER A 333 12.58 -54.71 1.91
N ILE A 334 11.45 -54.01 1.99
CA ILE A 334 10.95 -53.57 3.28
C ILE A 334 10.65 -54.77 4.16
N LYS A 335 11.11 -54.71 5.40
CA LYS A 335 10.98 -55.81 6.35
C LYS A 335 9.91 -55.50 7.38
N GLY A 336 9.40 -56.56 8.00
CA GLY A 336 8.36 -56.43 9.00
C GLY A 336 6.97 -56.43 8.39
N ILE A 337 5.98 -56.29 9.27
CA ILE A 337 4.57 -56.25 8.88
C ILE A 337 3.98 -54.94 9.37
N SER A 338 3.24 -54.27 8.49
CA SER A 338 2.58 -53.01 8.83
C SER A 338 1.34 -52.88 7.97
N THR A 339 0.61 -51.78 8.17
CA THR A 339 -0.64 -51.57 7.44
C THR A 339 -0.39 -51.43 5.95
N TYR A 340 0.65 -50.70 5.56
CA TYR A 340 0.90 -50.39 4.15
C TYR A 340 2.20 -50.99 3.62
N THR A 341 2.80 -51.93 4.36
CA THR A 341 4.06 -52.52 3.90
C THR A 341 3.88 -53.28 2.59
N GLU A 342 2.81 -54.05 2.47
CA GLU A 342 2.57 -54.78 1.22
C GLU A 342 2.36 -53.81 0.06
N ALA A 343 1.61 -52.72 0.29
CA ALA A 343 1.39 -51.75 -0.76
C ALA A 343 2.69 -51.10 -1.21
N PHE A 344 3.55 -50.73 -0.26
CA PHE A 344 4.83 -50.12 -0.62
C PHE A 344 5.74 -51.10 -1.35
N LYS A 345 5.77 -52.35 -0.91
CA LYS A 345 6.59 -53.34 -1.59
C LYS A 345 6.11 -53.59 -3.02
N SER A 346 4.79 -53.69 -3.20
CA SER A 346 4.25 -53.85 -4.54
C SER A 346 4.53 -52.63 -5.41
N LEU A 347 4.45 -51.44 -4.81
CA LEU A 347 4.73 -50.21 -5.52
C LEU A 347 6.18 -50.19 -6.00
N GLY A 348 7.11 -50.63 -5.15
CA GLY A 348 8.49 -50.77 -5.58
C GLY A 348 8.67 -51.84 -6.65
N LYS A 349 7.89 -52.92 -6.57
CA LYS A 349 7.96 -53.97 -7.58
C LYS A 349 7.52 -53.47 -8.95
N MET A 350 6.46 -52.66 -9.01
CA MET A 350 5.95 -52.20 -10.30
C MET A 350 6.75 -51.03 -10.87
N MET A 351 7.95 -50.77 -10.35
CA MET A 351 8.84 -49.75 -10.90
C MET A 351 10.28 -50.25 -11.02
N ASP A 352 10.47 -51.57 -11.02
CA ASP A 352 11.80 -52.17 -11.01
C ASP A 352 12.16 -52.58 -12.44
N ILE A 353 12.77 -51.66 -13.19
CA ILE A 353 13.16 -51.96 -14.56
C ILE A 353 14.22 -53.05 -14.60
N GLY A 354 14.98 -53.21 -13.53
CA GLY A 354 15.93 -54.32 -13.46
C GLY A 354 17.15 -54.10 -14.34
N ASP A 355 17.49 -55.12 -15.12
CA ASP A 355 18.71 -55.07 -15.92
C ASP A 355 18.55 -54.20 -17.16
N LYS A 356 17.31 -53.88 -17.53
CA LYS A 356 17.04 -53.15 -18.77
C LYS A 356 17.07 -51.63 -18.54
N ALA A 357 18.22 -51.16 -18.06
CA ALA A 357 18.39 -49.73 -17.83
C ALA A 357 18.61 -48.98 -19.14
N ILE A 358 19.39 -49.56 -20.06
CA ILE A 358 19.68 -48.88 -21.32
C ILE A 358 18.42 -48.74 -22.16
N GLU A 359 17.58 -49.80 -22.19
CA GLU A 359 16.32 -49.71 -22.90
C GLU A 359 15.41 -48.65 -22.28
N TYR A 360 15.38 -48.56 -20.96
CA TYR A 360 14.58 -47.54 -20.29
C TYR A 360 15.05 -46.15 -20.68
N GLU A 361 16.36 -45.93 -20.67
CA GLU A 361 16.90 -44.61 -21.02
C GLU A 361 16.60 -44.26 -22.48
N GLU A 362 16.76 -45.23 -23.39
CA GLU A 362 16.52 -44.93 -24.79
C GLU A 362 15.03 -44.69 -25.06
N PHE A 363 14.16 -45.43 -24.37
CA PHE A 363 12.73 -45.19 -24.50
C PHE A 363 12.36 -43.79 -23.98
N CYS A 364 12.93 -43.38 -22.86
CA CYS A 364 12.66 -42.06 -22.33
C CYS A 364 13.16 -40.97 -23.28
N MET A 365 14.35 -41.16 -23.85
CA MET A 365 14.88 -40.18 -24.80
C MET A 365 14.02 -40.11 -26.06
N SER A 366 13.55 -41.26 -26.54
CA SER A 366 12.66 -41.26 -27.71
C SER A 366 11.36 -40.53 -27.40
N LEU A 367 10.81 -40.71 -26.19
CA LEU A 367 9.62 -39.98 -25.81
C LEU A 367 9.89 -38.47 -25.74
N LYS A 368 11.03 -38.09 -25.18
CA LYS A 368 11.36 -36.66 -25.08
C LYS A 368 11.52 -36.03 -26.46
N SER A 369 12.15 -36.75 -27.39
CA SER A 369 12.40 -36.18 -28.72
C SER A 369 11.08 -35.91 -29.45
N LYS A 370 10.13 -36.83 -29.37
CA LYS A 370 8.85 -36.66 -30.03
C LYS A 370 7.89 -35.84 -29.17
N LEU A 383 -0.73 -41.83 -24.78
CA LEU A 383 0.49 -42.52 -24.36
C LEU A 383 0.20 -43.97 -24.00
N GLU A 384 0.94 -44.89 -24.63
CA GLU A 384 0.79 -46.31 -24.39
C GLU A 384 1.97 -46.81 -23.56
N PRO A 385 1.71 -47.49 -22.44
CA PRO A 385 2.82 -47.97 -21.61
C PRO A 385 3.68 -48.98 -22.35
N LYS A 386 4.98 -48.93 -22.07
CA LYS A 386 5.94 -49.89 -22.59
C LYS A 386 6.37 -50.81 -21.45
N GLN A 387 6.45 -52.11 -21.74
CA GLN A 387 6.74 -53.11 -20.73
C GLN A 387 8.25 -53.30 -20.64
N ILE A 388 8.88 -52.57 -19.71
CA ILE A 388 10.22 -52.90 -19.26
C ILE A 388 10.02 -54.01 -18.22
N ASN A 389 11.09 -54.67 -17.81
CA ASN A 389 10.99 -55.77 -16.86
C ASN A 389 10.14 -55.37 -15.66
N ASN A 390 8.98 -56.03 -15.52
CA ASN A 390 8.06 -55.81 -14.40
C ASN A 390 7.78 -54.33 -14.18
N ALA A 391 7.62 -53.58 -15.27
CA ALA A 391 7.35 -52.15 -15.17
C ALA A 391 6.64 -51.68 -16.43
N LEU A 392 5.58 -50.90 -16.23
CA LEU A 392 4.85 -50.26 -17.33
C LEU A 392 5.23 -48.79 -17.33
N VAL A 393 6.04 -48.38 -18.29
CA VAL A 393 6.62 -47.04 -18.33
C VAL A 393 5.82 -46.20 -19.32
N LEU A 394 5.34 -45.06 -18.85
CA LEU A 394 4.62 -44.09 -19.67
C LEU A 394 5.49 -42.90 -20.04
N TRP A 395 6.42 -42.52 -19.17
CA TRP A 395 7.27 -41.37 -19.36
C TRP A 395 8.48 -41.55 -18.45
N GLU A 396 9.36 -40.57 -18.45
CA GLU A 396 10.47 -40.58 -17.51
C GLU A 396 9.95 -40.49 -16.09
N GLN A 397 10.19 -41.54 -15.30
CA GLN A 397 9.80 -41.63 -13.90
C GLN A 397 8.29 -41.58 -13.70
N GLN A 398 7.52 -42.03 -14.69
CA GLN A 398 6.07 -42.20 -14.57
C GLN A 398 5.73 -43.66 -14.84
N PHE A 399 5.03 -44.28 -13.89
CA PHE A 399 4.74 -45.71 -13.96
C PHE A 399 3.26 -45.96 -13.77
N MET A 400 2.72 -46.85 -14.59
CA MET A 400 1.32 -47.24 -14.46
C MET A 400 1.19 -48.35 -13.43
N ILE A 401 0.10 -48.31 -12.67
CA ILE A 401 -0.15 -49.33 -11.66
C ILE A 401 -0.39 -50.66 -12.34
N ASN A 402 0.39 -51.67 -11.97
CA ASN A 402 0.28 -53.01 -12.53
C ASN A 402 -0.58 -53.85 -11.59
N ASN A 403 -1.79 -54.21 -12.05
CA ASN A 403 -2.71 -54.96 -11.21
C ASN A 403 -2.22 -56.39 -10.96
N ASP A 404 -1.29 -56.89 -11.76
CA ASP A 404 -0.75 -58.22 -11.53
C ASP A 404 0.23 -58.24 -10.36
N LEU A 405 0.90 -57.12 -10.11
CA LEU A 405 1.93 -57.06 -9.08
C LEU A 405 1.43 -56.55 -7.74
N ILE A 406 0.19 -56.11 -7.65
CA ILE A 406 -0.37 -55.61 -6.40
C ILE A 406 -1.75 -56.21 -6.19
N ASP A 407 -2.03 -56.61 -4.95
CA ASP A 407 -3.34 -57.13 -4.61
C ASP A 407 -4.36 -55.99 -4.57
N LYS A 408 -5.59 -56.31 -4.95
CA LYS A 408 -6.62 -55.29 -5.07
C LYS A 408 -6.90 -54.61 -3.74
N SER A 409 -7.00 -55.40 -2.67
CA SER A 409 -7.28 -54.83 -1.36
C SER A 409 -6.17 -53.88 -0.92
N GLU A 410 -4.92 -54.25 -1.14
CA GLU A 410 -3.80 -53.38 -0.78
C GLU A 410 -3.79 -52.12 -1.64
N LYS A 411 -4.11 -52.24 -2.93
CA LYS A 411 -4.16 -51.07 -3.79
C LYS A 411 -5.24 -50.09 -3.32
N LEU A 412 -6.43 -50.61 -3.00
CA LEU A 412 -7.50 -49.74 -2.50
C LEU A 412 -7.11 -49.11 -1.17
N LYS A 413 -6.48 -49.89 -0.28
CA LYS A 413 -6.04 -49.37 1.01
C LYS A 413 -5.04 -48.24 0.83
N LEU A 414 -4.11 -48.40 -0.12
CA LEU A 414 -3.07 -47.40 -0.33
C LEU A 414 -3.65 -46.12 -0.95
N PHE A 415 -4.50 -46.27 -1.96
CA PHE A 415 -4.99 -45.07 -2.65
C PHE A 415 -6.06 -44.35 -1.85
N LYS A 416 -6.91 -45.07 -1.12
CA LYS A 416 -7.99 -44.44 -0.39
C LYS A 416 -7.56 -43.95 0.99
N ASN A 417 -7.09 -44.87 1.83
CA ASN A 417 -6.80 -44.50 3.22
C ASN A 417 -5.51 -43.69 3.33
N PHE A 418 -4.47 -44.10 2.61
CA PHE A 418 -3.17 -43.44 2.76
C PHE A 418 -3.16 -42.07 2.08
N CYS A 419 -3.72 -41.98 0.88
CA CYS A 419 -3.62 -40.77 0.07
C CYS A 419 -4.91 -39.97 -0.01
N GLY A 420 -6.03 -40.50 0.47
CA GLY A 420 -7.29 -39.78 0.40
C GLY A 420 -7.79 -39.56 -1.01
N ILE A 421 -7.60 -40.54 -1.88
CA ILE A 421 -8.02 -40.45 -3.28
C ILE A 421 -9.24 -41.35 -3.44
N GLY A 422 -10.42 -40.74 -3.53
CA GLY A 422 -11.65 -41.47 -3.75
C GLY A 422 -12.26 -42.11 -2.53
N LYS A 423 -11.69 -41.86 -1.34
CA LYS A 423 -12.25 -42.44 -0.12
C LYS A 423 -13.60 -41.81 0.23
N HIS A 424 -13.75 -40.52 -0.03
CA HIS A 424 -14.92 -39.77 0.39
C HIS A 424 -16.13 -40.10 -0.50
N LYS A 425 -17.30 -39.70 -0.03
CA LYS A 425 -18.53 -39.72 -0.81
C LYS A 425 -18.69 -38.36 -1.49
N GLN A 426 -19.20 -38.38 -2.71
CA GLN A 426 -19.41 -37.12 -3.42
C GLN A 426 -20.51 -36.31 -2.75
N PHE A 427 -20.51 -35.01 -3.03
CA PHE A 427 -21.46 -34.11 -2.39
C PHE A 427 -22.90 -34.50 -2.71
N LYS A 428 -23.13 -35.02 -3.92
CA LYS A 428 -24.49 -35.43 -4.30
C LYS A 428 -24.93 -36.67 -3.53
N ASN A 429 -23.99 -37.51 -3.11
CA ASN A 429 -24.32 -38.75 -2.42
C ASN A 429 -24.21 -38.66 -0.90
N LYS A 430 -23.71 -37.55 -0.37
CA LYS A 430 -23.56 -37.43 1.08
C LYS A 430 -24.91 -37.38 1.78
N MET A 431 -25.00 -38.10 2.89
CA MET A 431 -26.20 -38.17 3.72
C MET A 431 -25.98 -37.34 4.98
N LEU A 432 -26.98 -37.33 5.85
CA LEU A 432 -26.86 -36.60 7.11
C LEU A 432 -25.79 -37.21 8.00
N GLU A 433 -25.66 -38.53 7.99
CA GLU A 433 -24.66 -39.18 8.82
C GLU A 433 -23.25 -38.96 8.26
N ASP A 434 -23.15 -38.73 6.95
CA ASP A 434 -21.83 -38.47 6.36
C ASP A 434 -21.28 -37.13 6.80
N LEU A 435 -22.16 -36.18 7.14
CA LEU A 435 -21.71 -34.91 7.67
C LEU A 435 -21.09 -35.10 9.04
N GLU A 436 -19.97 -34.43 9.27
CA GLU A 436 -19.25 -34.51 10.55
C GLU A 436 -19.44 -33.21 11.31
N VAL A 437 -19.75 -33.33 12.60
CA VAL A 437 -19.89 -32.18 13.48
C VAL A 437 -18.93 -32.38 14.65
N SER A 438 -18.00 -31.44 14.82
CA SER A 438 -17.00 -31.52 15.86
C SER A 438 -16.26 -30.19 15.95
N LYS A 439 -15.73 -29.92 17.14
CA LYS A 439 -14.90 -28.75 17.33
C LYS A 439 -13.51 -29.02 16.74
N PRO A 440 -12.82 -27.97 16.26
CA PRO A 440 -11.46 -28.16 15.75
C PRO A 440 -10.55 -28.75 16.81
N LYS A 441 -9.75 -29.72 16.41
CA LYS A 441 -8.89 -30.44 17.34
C LYS A 441 -7.49 -29.83 17.34
N ILE A 442 -7.02 -29.43 18.52
CA ILE A 442 -5.70 -28.87 18.68
C ILE A 442 -4.99 -29.60 19.82
N LEU A 443 -3.67 -29.52 19.81
CA LEU A 443 -2.85 -30.15 20.83
C LEU A 443 -2.87 -29.33 22.12
N ASP A 444 -2.74 -30.02 23.25
CA ASP A 444 -2.72 -29.37 24.55
C ASP A 444 -1.35 -28.74 24.76
N PHE A 445 -1.28 -27.41 24.63
CA PHE A 445 0.01 -26.74 24.78
C PHE A 445 0.44 -26.67 26.23
N ASP A 446 -0.52 -26.70 27.17
CA ASP A 446 -0.18 -26.70 28.58
C ASP A 446 0.36 -28.05 29.04
N ASP A 447 -0.05 -29.13 28.38
CA ASP A 447 0.34 -30.47 28.81
C ASP A 447 1.86 -30.59 28.84
N ALA A 448 2.37 -31.09 29.97
CA ALA A 448 3.82 -31.22 30.12
C ALA A 448 4.40 -32.22 29.14
N ASN A 449 3.69 -33.32 28.90
CA ASN A 449 4.18 -34.33 27.95
C ASN A 449 4.22 -33.77 26.54
N MET A 450 3.21 -32.98 26.16
CA MET A 450 3.21 -32.41 24.82
C MET A 450 4.37 -31.43 24.62
N TYR A 451 4.64 -30.59 25.62
CA TYR A 451 5.78 -29.68 25.51
C TYR A 451 7.09 -30.44 25.49
N LEU A 452 7.20 -31.51 26.28
CA LEU A 452 8.41 -32.32 26.27
C LEU A 452 8.62 -32.96 24.91
N ALA A 453 7.54 -33.43 24.27
CA ALA A 453 7.65 -34.00 22.94
C ALA A 453 8.05 -32.97 21.91
N SER A 454 7.50 -31.76 22.00
CA SER A 454 7.92 -30.68 21.09
C SER A 454 9.39 -30.34 21.29
N LEU A 455 9.84 -30.30 22.54
CA LEU A 455 11.25 -30.06 22.83
C LEU A 455 12.12 -31.16 22.25
N THR A 456 11.68 -32.42 22.37
CA THR A 456 12.42 -33.53 21.80
C THR A 456 12.52 -33.40 20.28
N MET A 457 11.43 -33.02 19.63
CA MET A 457 11.46 -32.84 18.18
C MET A 457 12.43 -31.74 17.78
N MET A 458 12.40 -30.62 18.51
CA MET A 458 13.32 -29.52 18.21
C MET A 458 14.77 -29.94 18.40
N GLU A 459 15.05 -30.66 19.49
CA GLU A 459 16.42 -31.10 19.76
C GLU A 459 16.90 -32.08 18.70
N GLN A 460 16.04 -33.01 18.28
CA GLN A 460 16.44 -33.97 17.25
C GLN A 460 16.69 -33.28 15.92
N SER A 461 15.83 -32.31 15.55
CA SER A 461 16.05 -31.57 14.32
C SER A 461 17.35 -30.78 14.37
N LYS A 462 17.63 -30.14 15.51
CA LYS A 462 18.89 -29.42 15.64
C LYS A 462 20.09 -30.35 15.54
N LYS A 463 19.97 -31.55 16.13
CA LYS A 463 21.07 -32.50 16.07
C LYS A 463 21.34 -32.93 14.64
N ILE A 464 20.29 -33.28 13.88
CA ILE A 464 20.51 -33.79 12.54
C ILE A 464 20.95 -32.69 11.58
N LEU A 465 20.34 -31.51 11.67
CA LEU A 465 20.56 -30.49 10.65
C LEU A 465 21.76 -29.60 10.93
N SER A 466 22.38 -29.70 12.11
CA SER A 466 23.56 -28.88 12.40
C SER A 466 24.81 -29.43 11.72
N LYS A 467 24.79 -30.70 11.33
CA LYS A 467 25.96 -31.33 10.74
C LYS A 467 26.29 -30.72 9.38
N SER A 468 27.57 -30.75 9.01
CA SER A 468 28.01 -30.19 7.75
C SER A 468 27.57 -31.09 6.60
N ASN A 469 27.13 -30.45 5.51
CA ASN A 469 26.69 -31.21 4.35
C ASN A 469 27.86 -31.80 3.57
N GLY A 470 29.08 -31.40 3.91
CA GLY A 470 30.27 -31.96 3.30
C GLY A 470 30.64 -31.41 1.95
N LEU A 471 29.92 -30.41 1.45
CA LEU A 471 30.18 -29.83 0.13
C LEU A 471 30.61 -28.38 0.29
N LYS A 472 31.57 -27.98 -0.55
CA LYS A 472 32.05 -26.61 -0.56
C LYS A 472 30.95 -25.68 -1.07
N PRO A 473 30.61 -24.62 -0.34
CA PRO A 473 29.52 -23.73 -0.78
C PRO A 473 29.86 -22.99 -2.07
N ASP A 474 29.01 -23.15 -3.08
CA ASP A 474 29.14 -22.46 -4.35
C ASP A 474 27.76 -22.24 -4.92
N ASN A 475 27.37 -20.99 -5.10
CA ASN A 475 26.04 -20.67 -5.61
C ASN A 475 26.05 -19.27 -6.20
N PHE A 476 24.89 -18.87 -6.72
CA PHE A 476 24.75 -17.59 -7.40
C PHE A 476 25.02 -16.43 -6.44
N ILE A 477 24.48 -16.50 -5.22
CA ILE A 477 24.63 -15.40 -4.27
C ILE A 477 26.09 -15.12 -4.00
N LEU A 478 26.86 -16.17 -3.68
CA LEU A 478 28.28 -15.97 -3.41
C LEU A 478 29.00 -15.44 -4.65
N ASN A 479 28.86 -16.14 -5.78
CA ASN A 479 29.62 -15.78 -6.97
C ASN A 479 29.30 -14.37 -7.46
N GLU A 480 28.13 -13.84 -7.09
CA GLU A 480 27.74 -12.54 -7.63
C GLU A 480 27.93 -11.40 -6.63
N PHE A 481 27.79 -11.65 -5.33
CA PHE A 481 27.83 -10.56 -4.35
C PHE A 481 28.74 -10.83 -3.15
N GLY A 482 29.61 -11.84 -3.21
CA GLY A 482 30.41 -12.17 -2.04
C GLY A 482 31.40 -11.08 -1.69
N SER A 483 32.03 -10.49 -2.71
CA SER A 483 32.99 -9.43 -2.46
C SER A 483 32.33 -8.23 -1.80
N ARG A 484 31.16 -7.82 -2.28
CA ARG A 484 30.47 -6.68 -1.69
C ARG A 484 30.01 -6.98 -0.27
N ILE A 485 29.46 -8.18 -0.04
CA ILE A 485 29.01 -8.52 1.30
C ILE A 485 30.20 -8.58 2.27
N LYS A 486 31.32 -9.17 1.83
CA LYS A 486 32.49 -9.25 2.69
C LYS A 486 33.10 -7.88 2.96
N ASP A 487 33.08 -7.00 1.98
CA ASP A 487 33.59 -5.65 2.19
C ASP A 487 32.70 -4.84 3.13
N ALA A 488 31.38 -5.00 3.06
CA ALA A 488 30.50 -4.30 3.97
C ALA A 488 30.63 -4.83 5.40
N ASN A 489 30.67 -6.14 5.56
CA ASN A 489 30.84 -6.76 6.87
C ASN A 489 31.34 -8.18 6.67
N LYS A 490 32.54 -8.47 7.14
CA LYS A 490 33.10 -9.81 6.99
C LYS A 490 32.38 -10.81 7.89
N GLU A 491 31.83 -10.34 9.01
CA GLU A 491 31.06 -11.23 9.89
C GLU A 491 29.80 -11.73 9.19
N THR A 492 29.13 -10.86 8.45
CA THR A 492 27.95 -11.29 7.69
C THR A 492 28.32 -12.34 6.65
N TYR A 493 29.45 -12.14 5.96
CA TYR A 493 29.90 -13.12 4.99
C TYR A 493 30.20 -14.45 5.64
N ASP A 494 30.86 -14.44 6.79
CA ASP A 494 31.15 -15.68 7.51
C ASP A 494 29.86 -16.36 7.95
N ASN A 495 28.89 -15.60 8.46
CA ASN A 495 27.63 -16.18 8.89
C ASN A 495 26.91 -16.83 7.72
N MET A 496 26.88 -16.16 6.57
CA MET A 496 26.21 -16.72 5.41
C MET A 496 26.91 -17.98 4.93
N HIS A 497 28.25 -17.99 4.96
CA HIS A 497 28.99 -19.18 4.56
C HIS A 497 28.73 -20.35 5.51
N LYS A 498 28.68 -20.07 6.81
CA LYS A 498 28.36 -21.13 7.77
C LYS A 498 26.95 -21.66 7.55
N ILE A 499 26.00 -20.78 7.24
CA ILE A 499 24.65 -21.24 6.91
C ILE A 499 24.68 -22.16 5.70
N PHE A 500 25.43 -21.77 4.66
CA PHE A 500 25.51 -22.60 3.47
C PHE A 500 26.15 -23.95 3.77
N GLU A 501 27.05 -24.00 4.77
CA GLU A 501 27.72 -25.24 5.09
C GLU A 501 26.80 -26.25 5.78
N THR A 502 25.80 -25.77 6.53
CA THR A 502 25.02 -26.64 7.39
C THR A 502 24.01 -27.47 6.60
N GLY A 503 23.42 -28.45 7.29
CA GLY A 503 22.38 -29.27 6.71
C GLY A 503 21.03 -28.60 6.64
N TYR A 504 20.83 -27.49 7.37
CA TYR A 504 19.61 -26.72 7.24
C TYR A 504 19.44 -26.22 5.82
N TRP A 505 20.49 -25.62 5.27
CA TRP A 505 20.43 -25.08 3.91
C TRP A 505 20.21 -26.19 2.89
N GLN A 506 20.93 -27.30 3.04
CA GLN A 506 20.75 -28.40 2.10
C GLN A 506 19.34 -28.97 2.18
N CYS A 507 18.80 -29.11 3.39
CA CYS A 507 17.45 -29.64 3.55
C CYS A 507 16.41 -28.72 2.90
N ILE A 508 16.52 -27.42 3.16
CA ILE A 508 15.50 -26.51 2.63
C ILE A 508 15.64 -26.37 1.11
N SER A 509 16.86 -26.37 0.59
CA SER A 509 17.06 -26.34 -0.85
C SER A 509 16.52 -27.60 -1.51
N ASP A 510 16.74 -28.77 -0.89
CA ASP A 510 16.19 -30.01 -1.42
C ASP A 510 14.68 -29.98 -1.41
N PHE A 511 14.07 -29.45 -0.34
CA PHE A 511 12.61 -29.34 -0.30
C PHE A 511 12.10 -28.44 -1.42
N SER A 512 12.74 -27.30 -1.63
CA SER A 512 12.29 -26.38 -2.68
C SER A 512 12.44 -27.00 -4.06
N THR A 513 13.59 -27.63 -4.34
CA THR A 513 13.80 -28.25 -5.64
C THR A 513 12.85 -29.42 -5.87
N LEU A 514 12.62 -30.23 -4.84
CA LEU A 514 11.72 -31.37 -4.98
C LEU A 514 10.29 -30.90 -5.18
N MET A 515 9.89 -29.81 -4.51
CA MET A 515 8.57 -29.25 -4.72
C MET A 515 8.42 -28.75 -6.16
N LYS A 516 9.44 -28.09 -6.71
CA LYS A 516 9.38 -27.59 -8.10
C LYS A 516 9.24 -28.77 -9.07
N ASN A 517 9.98 -29.85 -8.83
CA ASN A 517 9.93 -31.07 -9.67
C ASN A 517 8.57 -31.78 -9.54
N ILE A 518 7.99 -31.83 -8.34
CA ILE A 518 6.63 -32.44 -8.14
C ILE A 518 5.62 -31.62 -8.93
N LEU A 519 5.74 -30.29 -8.90
CA LEU A 519 4.79 -29.40 -9.61
C LEU A 519 4.97 -29.52 -11.12
N SER A 520 6.22 -29.66 -11.59
CA SER A 520 6.45 -29.70 -13.03
C SER A 520 5.81 -30.92 -13.70
N VAL A 521 5.48 -31.95 -12.94
CA VAL A 521 4.90 -33.18 -13.50
C VAL A 521 3.46 -33.38 -13.04
N SER A 522 2.78 -32.31 -12.63
CA SER A 522 1.42 -32.43 -12.11
C SER A 522 0.35 -32.07 -13.14
N GLN A 523 0.69 -32.06 -14.43
CA GLN A 523 -0.31 -31.76 -15.45
C GLN A 523 -1.06 -33.01 -15.88
N TYR A 524 -0.37 -33.95 -16.51
CA TYR A 524 -1.00 -35.07 -17.20
C TYR A 524 -0.85 -36.32 -16.34
N ASN A 525 -1.88 -36.65 -15.59
CA ASN A 525 -1.88 -37.82 -14.73
C ASN A 525 -3.20 -38.56 -14.94
N ARG A 526 -3.17 -39.85 -14.62
CA ARG A 526 -4.36 -40.69 -14.69
C ARG A 526 -4.48 -41.47 -13.40
N HIS A 527 -5.70 -41.96 -13.14
CA HIS A 527 -6.00 -42.59 -11.87
C HIS A 527 -5.14 -43.82 -11.61
N ASN A 528 -4.68 -44.48 -12.67
CA ASN A 528 -3.90 -45.71 -12.53
C ASN A 528 -2.40 -45.49 -12.69
N THR A 529 -1.90 -44.29 -12.41
CA THR A 529 -0.49 -43.99 -12.61
C THR A 529 0.07 -43.30 -11.37
N PHE A 530 1.39 -43.32 -11.24
CA PHE A 530 2.10 -42.58 -10.20
C PHE A 530 3.41 -42.09 -10.77
N ARG A 531 4.00 -41.09 -10.12
CA ARG A 531 5.23 -40.49 -10.62
C ARG A 531 6.29 -40.46 -9.53
N ILE A 532 7.55 -40.42 -9.96
CA ILE A 532 8.70 -40.30 -9.08
C ILE A 532 9.34 -38.95 -9.33
N ALA A 533 9.57 -38.19 -8.26
CA ALA A 533 10.26 -36.91 -8.33
C ALA A 533 11.55 -36.97 -7.54
N MET A 534 12.59 -36.38 -8.11
CA MET A 534 13.94 -36.43 -7.54
C MET A 534 14.48 -35.02 -7.37
N CYS A 535 15.62 -34.91 -6.70
CA CYS A 535 16.28 -33.63 -6.48
C CYS A 535 17.79 -33.87 -6.52
N ALA A 536 18.55 -32.87 -6.09
CA ALA A 536 19.99 -33.01 -6.02
C ALA A 536 20.41 -34.08 -5.02
N ASN A 537 19.61 -34.29 -3.97
CA ASN A 537 19.85 -35.37 -3.03
C ASN A 537 19.55 -36.71 -3.68
N ASN A 538 20.48 -37.65 -3.55
CA ASN A 538 20.30 -38.98 -4.08
C ASN A 538 19.63 -39.93 -3.10
N ASN A 539 19.25 -39.44 -1.92
CA ASN A 539 18.57 -40.25 -0.92
C ASN A 539 17.13 -39.81 -0.69
N VAL A 540 16.69 -38.71 -1.30
CA VAL A 540 15.37 -38.14 -1.08
C VAL A 540 14.59 -38.24 -2.38
N PHE A 541 13.39 -38.84 -2.30
CA PHE A 541 12.52 -39.02 -3.45
C PHE A 541 11.10 -38.66 -3.04
N ALA A 542 10.25 -38.44 -4.04
CA ALA A 542 8.84 -38.17 -3.80
C ALA A 542 7.98 -39.06 -4.70
N ILE A 543 6.97 -39.68 -4.11
CA ILE A 543 5.93 -40.35 -4.87
C ILE A 543 4.80 -39.34 -5.07
N VAL A 544 4.47 -39.06 -6.32
CA VAL A 544 3.39 -38.15 -6.66
C VAL A 544 2.20 -38.99 -7.09
N PHE A 545 1.08 -38.83 -6.39
CA PHE A 545 -0.10 -39.63 -6.62
C PHE A 545 -1.06 -38.90 -7.56
N PRO A 546 -1.94 -39.64 -8.25
CA PRO A 546 -2.83 -39.00 -9.22
C PRO A 546 -3.74 -37.97 -8.58
N SER A 547 -3.96 -36.88 -9.30
CA SER A 547 -4.78 -35.77 -8.82
C SER A 547 -5.33 -35.03 -10.03
N ALA A 548 -5.95 -33.87 -9.80
CA ALA A 548 -6.42 -33.01 -10.91
C ALA A 548 -5.22 -32.23 -11.45
N ASP A 549 -5.34 -31.67 -12.66
CA ASP A 549 -4.25 -30.88 -13.27
C ASP A 549 -3.97 -29.69 -12.35
N ILE A 550 -2.70 -29.38 -12.10
CA ILE A 550 -2.32 -28.30 -11.17
C ILE A 550 -2.79 -26.94 -11.70
N LYS A 551 -2.83 -26.75 -13.02
CA LYS A 551 -3.23 -25.46 -13.62
C LYS A 551 -4.74 -25.22 -13.44
N THR A 552 -5.51 -26.23 -13.04
CA THR A 552 -6.98 -26.10 -12.91
C THR A 552 -7.39 -25.41 -11.61
N LYS A 553 -8.68 -25.15 -11.42
CA LYS A 553 -9.17 -24.36 -10.30
C LYS A 553 -9.08 -25.14 -8.98
N LYS A 554 -8.42 -24.53 -8.00
CA LYS A 554 -8.32 -25.08 -6.65
C LYS A 554 -7.75 -26.49 -6.65
N ALA A 555 -6.82 -26.74 -7.57
CA ALA A 555 -6.20 -28.05 -7.66
C ALA A 555 -5.17 -28.24 -6.55
N THR A 556 -4.99 -29.50 -6.15
CA THR A 556 -4.04 -29.86 -5.12
C THR A 556 -3.11 -30.93 -5.65
N VAL A 557 -1.90 -30.98 -5.08
CA VAL A 557 -0.93 -32.01 -5.38
C VAL A 557 -0.74 -32.86 -4.13
N VAL A 558 -0.74 -34.18 -4.31
CA VAL A 558 -0.62 -35.13 -3.22
C VAL A 558 0.64 -35.96 -3.42
N TYR A 559 1.48 -36.00 -2.39
CA TYR A 559 2.80 -36.61 -2.51
C TYR A 559 3.21 -37.22 -1.19
N SER A 560 4.19 -38.12 -1.25
CA SER A 560 4.80 -38.72 -0.08
C SER A 560 6.32 -38.71 -0.25
N ILE A 561 7.05 -38.47 0.82
CA ILE A 561 8.50 -38.37 0.75
C ILE A 561 9.11 -39.68 1.22
N ILE A 562 10.11 -40.17 0.48
CA ILE A 562 10.86 -41.36 0.86
C ILE A 562 12.33 -40.99 1.00
N VAL A 563 12.94 -41.38 2.12
CA VAL A 563 14.33 -41.08 2.41
C VAL A 563 15.06 -42.38 2.73
N LEU A 564 16.19 -42.59 2.06
CA LEU A 564 17.05 -43.75 2.33
C LEU A 564 18.20 -43.31 3.21
N HIS A 565 18.42 -44.02 4.32
CA HIS A 565 19.48 -43.66 5.24
C HIS A 565 20.10 -44.91 5.86
N LYS A 566 21.43 -44.90 5.96
CA LYS A 566 22.14 -46.08 6.44
C LYS A 566 21.90 -46.33 7.93
N GLU A 567 21.89 -45.27 8.73
CA GLU A 567 21.73 -45.38 10.16
C GLU A 567 20.36 -44.88 10.58
N GLU A 568 19.65 -45.69 11.37
CA GLU A 568 18.36 -45.27 11.89
C GLU A 568 18.54 -44.08 12.83
N GLU A 569 17.49 -43.28 12.95
CA GLU A 569 17.41 -42.04 13.73
C GLU A 569 18.23 -40.93 13.09
N ASN A 570 18.76 -41.13 11.89
CA ASN A 570 19.37 -40.07 11.10
C ASN A 570 18.39 -39.47 10.11
N ILE A 571 17.10 -39.45 10.46
CA ILE A 571 16.04 -38.91 9.62
C ILE A 571 15.51 -37.64 10.27
N PHE A 572 15.33 -36.60 9.46
CA PHE A 572 14.73 -35.36 9.95
C PHE A 572 13.22 -35.49 9.91
N ASN A 573 12.60 -35.49 11.09
CA ASN A 573 11.18 -35.77 11.22
C ASN A 573 10.47 -34.64 11.95
N PRO A 574 9.95 -33.64 11.23
CA PRO A 574 9.17 -32.56 11.85
C PRO A 574 7.69 -32.90 11.96
N GLY A 575 7.38 -34.03 12.59
CA GLY A 575 5.99 -34.45 12.74
C GLY A 575 5.32 -34.92 11.49
N CYS A 576 6.08 -35.41 10.51
CA CYS A 576 5.55 -35.81 9.22
C CYS A 576 5.73 -37.28 8.89
N LEU A 577 6.57 -38.00 9.65
CA LEU A 577 6.91 -39.37 9.31
C LEU A 577 5.70 -40.29 9.45
N HIS A 578 5.59 -41.24 8.51
CA HIS A 578 4.63 -42.33 8.64
C HIS A 578 5.29 -43.57 9.22
N GLY A 579 6.49 -43.90 8.75
CA GLY A 579 7.19 -45.05 9.29
C GLY A 579 8.63 -45.11 8.83
N THR A 580 9.41 -45.88 9.58
CA THR A 580 10.78 -46.22 9.22
C THR A 580 10.92 -47.73 9.22
N PHE A 581 11.50 -48.28 8.16
CA PHE A 581 11.57 -49.72 7.97
C PHE A 581 12.98 -50.14 7.62
N LYS A 582 13.38 -51.32 8.09
CA LYS A 582 14.66 -51.89 7.70
C LYS A 582 14.56 -52.45 6.28
N CYS A 583 15.57 -52.14 5.46
CA CYS A 583 15.63 -52.62 4.09
C CYS A 583 17.08 -52.97 3.77
N MET A 584 17.29 -53.59 2.62
CA MET A 584 18.63 -53.98 2.22
C MET A 584 19.55 -52.77 2.21
N ASN A 585 20.71 -52.92 2.84
CA ASN A 585 21.70 -51.85 2.98
C ASN A 585 21.13 -50.61 3.64
N GLY A 586 20.28 -50.80 4.65
CA GLY A 586 19.93 -49.65 5.48
C GLY A 586 18.48 -49.53 5.91
N TYR A 587 17.96 -48.32 5.91
CA TYR A 587 16.60 -48.03 6.35
C TYR A 587 15.94 -47.12 5.33
N ILE A 588 14.62 -47.30 5.20
CA ILE A 588 13.80 -46.47 4.33
C ILE A 588 12.71 -45.82 5.18
N SER A 589 12.60 -44.50 5.10
CA SER A 589 11.62 -43.74 5.85
C SER A 589 10.60 -43.17 4.89
N ILE A 590 9.33 -43.39 5.20
CA ILE A 590 8.22 -42.92 4.38
C ILE A 590 7.37 -41.98 5.22
N SER A 591 7.04 -40.82 4.65
CA SER A 591 6.18 -39.87 5.31
C SER A 591 4.73 -40.09 4.90
N ARG A 592 3.82 -39.46 5.64
CA ARG A 592 2.41 -39.52 5.31
C ARG A 592 2.11 -38.70 4.06
N ALA A 593 1.03 -39.07 3.37
CA ALA A 593 0.64 -38.34 2.18
C ALA A 593 0.23 -36.91 2.52
N ILE A 594 0.59 -35.98 1.65
CA ILE A 594 0.36 -34.56 1.87
C ILE A 594 -0.31 -33.98 0.64
N ARG A 595 -1.41 -33.26 0.86
CA ARG A 595 -2.11 -32.50 -0.17
C ARG A 595 -1.85 -31.03 0.04
N LEU A 596 -1.42 -30.33 -1.00
CA LEU A 596 -1.15 -28.91 -0.92
C LEU A 596 -1.70 -28.19 -2.14
N ASP A 597 -2.10 -26.93 -1.94
CA ASP A 597 -2.56 -26.10 -3.05
C ASP A 597 -1.41 -25.28 -3.62
N LYS A 598 -1.73 -24.47 -4.62
CA LYS A 598 -0.69 -23.74 -5.37
C LYS A 598 0.04 -22.73 -4.50
N GLU A 599 -0.67 -22.05 -3.61
CA GLU A 599 -0.03 -20.98 -2.84
C GLU A 599 0.92 -21.53 -1.79
N ARG A 600 0.55 -22.65 -1.16
CA ARG A 600 1.45 -23.27 -0.18
C ARG A 600 2.68 -23.85 -0.88
N CYS A 601 2.50 -24.42 -2.07
CA CYS A 601 3.64 -24.87 -2.86
C CYS A 601 4.55 -23.71 -3.25
N GLN A 602 3.96 -22.56 -3.58
CA GLN A 602 4.75 -21.37 -3.87
C GLN A 602 5.56 -20.94 -2.65
N ARG A 603 4.93 -20.98 -1.47
CA ARG A 603 5.66 -20.65 -0.24
C ARG A 603 6.82 -21.61 -0.02
N ILE A 604 6.61 -22.90 -0.25
CA ILE A 604 7.69 -23.86 -0.10
C ILE A 604 8.81 -23.58 -1.09
N VAL A 605 8.46 -23.28 -2.34
CA VAL A 605 9.49 -23.03 -3.36
C VAL A 605 10.32 -21.80 -3.01
N SER A 606 9.67 -20.75 -2.53
CA SER A 606 10.36 -19.51 -2.19
C SER A 606 10.93 -19.50 -0.78
N SER A 607 10.75 -20.57 -0.02
CA SER A 607 11.25 -20.61 1.35
C SER A 607 12.75 -20.35 1.54
N PRO A 608 13.67 -20.85 0.71
CA PRO A 608 15.10 -20.69 1.05
C PRO A 608 15.55 -19.24 1.22
N GLY A 609 15.05 -18.32 0.39
CA GLY A 609 15.41 -16.92 0.55
C GLY A 609 14.90 -16.35 1.86
N LEU A 610 13.66 -16.70 2.22
CA LEU A 610 13.12 -16.27 3.51
C LEU A 610 13.94 -16.81 4.67
N PHE A 611 14.35 -18.08 4.58
CA PHE A 611 15.15 -18.69 5.63
C PHE A 611 16.48 -17.96 5.80
N LEU A 612 17.16 -17.70 4.67
CA LEU A 612 18.43 -16.99 4.74
C LEU A 612 18.27 -15.59 5.30
N THR A 613 17.24 -14.86 4.85
CA THR A 613 17.00 -13.51 5.33
C THR A 613 16.71 -13.49 6.82
N THR A 614 15.87 -14.41 7.29
CA THR A 614 15.52 -14.47 8.70
C THR A 614 16.74 -14.80 9.56
N CYS A 615 17.54 -15.77 9.12
CA CYS A 615 18.73 -16.14 9.87
C CYS A 615 19.70 -14.97 9.98
N LEU A 616 19.93 -14.27 8.87
CA LEU A 616 20.90 -13.18 8.90
C LEU A 616 20.35 -11.96 9.64
N LEU A 617 19.03 -11.78 9.65
CA LEU A 617 18.45 -10.67 10.41
C LEU A 617 18.52 -10.92 11.91
N PHE A 618 18.19 -12.14 12.34
CA PHE A 618 18.28 -12.48 13.75
C PHE A 618 19.72 -12.57 14.26
N LYS A 619 20.69 -12.95 13.45
CA LYS A 619 22.07 -13.13 13.99
C LYS A 619 22.88 -11.85 13.88
N HIS A 620 22.38 -10.84 13.18
CA HIS A 620 23.20 -9.67 12.89
C HIS A 620 23.72 -9.01 14.16
N ASP A 621 25.04 -8.97 14.29
CA ASP A 621 25.74 -8.24 15.35
C ASP A 621 25.27 -8.65 16.74
N ASN A 622 25.43 -9.94 17.03
CA ASN A 622 25.03 -10.50 18.33
C ASN A 622 25.89 -11.72 18.59
N PRO A 623 27.06 -11.54 19.21
CA PRO A 623 27.90 -12.71 19.54
C PRO A 623 27.28 -13.65 20.55
N THR A 624 26.31 -13.17 21.33
CA THR A 624 25.69 -14.01 22.35
C THR A 624 24.82 -15.09 21.71
N LEU A 625 24.22 -14.80 20.56
CA LEU A 625 23.34 -15.75 19.90
C LEU A 625 24.15 -16.85 19.21
N VAL A 626 23.54 -18.03 19.11
CA VAL A 626 24.14 -19.18 18.46
C VAL A 626 23.45 -19.39 17.12
N MET A 627 24.24 -19.55 16.06
CA MET A 627 23.68 -19.63 14.71
C MET A 627 22.79 -20.86 14.56
N SER A 628 23.19 -21.99 15.15
CA SER A 628 22.37 -23.20 15.03
C SER A 628 21.02 -23.03 15.71
N ASP A 629 21.00 -22.36 16.86
CA ASP A 629 19.72 -22.10 17.58
C ASP A 629 18.81 -21.20 16.74
N ILE A 630 19.40 -20.22 16.04
CA ILE A 630 18.61 -19.36 15.17
C ILE A 630 18.09 -20.13 13.98
N MET A 631 18.93 -20.98 13.38
CA MET A 631 18.52 -21.74 12.19
C MET A 631 17.42 -22.74 12.53
N ASN A 632 17.48 -23.34 13.72
CA ASN A 632 16.45 -24.30 14.11
C ASN A 632 15.08 -23.66 14.17
N PHE A 633 14.99 -22.45 14.71
CA PHE A 633 13.74 -21.72 14.76
C PHE A 633 13.32 -21.20 13.38
N SER A 634 14.30 -20.73 12.58
CA SER A 634 13.98 -20.12 11.30
C SER A 634 13.52 -21.15 10.28
N ILE A 635 14.02 -22.38 10.33
CA ILE A 635 13.56 -23.39 9.39
C ILE A 635 12.09 -23.73 9.64
N TYR A 636 11.68 -23.73 10.91
CA TYR A 636 10.29 -24.03 11.23
C TYR A 636 9.38 -22.86 10.94
N THR A 637 9.87 -21.63 11.12
CA THR A 637 9.02 -20.47 10.81
C THR A 637 8.93 -20.23 9.31
N SER A 638 9.99 -20.53 8.56
CA SER A 638 10.00 -20.26 7.13
C SER A 638 9.18 -21.29 6.36
N LEU A 639 9.12 -22.53 6.86
CA LEU A 639 8.42 -23.61 6.20
C LEU A 639 7.04 -23.85 6.78
N SER A 640 6.53 -22.92 7.59
CA SER A 640 5.20 -23.03 8.16
C SER A 640 4.19 -22.50 7.15
N ILE A 641 3.32 -23.37 6.66
CA ILE A 641 2.34 -23.02 5.66
C ILE A 641 0.91 -23.23 6.16
N THR A 642 0.73 -23.26 7.48
CA THR A 642 -0.56 -23.50 8.09
C THR A 642 -0.93 -22.35 9.02
N LYS A 643 -2.20 -22.36 9.47
CA LYS A 643 -2.73 -21.28 10.28
C LYS A 643 -2.20 -21.30 11.71
N SER A 644 -1.56 -22.40 12.12
CA SER A 644 -1.19 -22.56 13.52
C SER A 644 -0.19 -21.51 13.97
N VAL A 645 0.82 -21.23 13.13
CA VAL A 645 1.85 -20.27 13.52
C VAL A 645 1.36 -18.83 13.30
N LEU A 646 0.46 -18.64 12.33
CA LEU A 646 -0.15 -17.33 12.15
C LEU A 646 -1.00 -16.95 13.34
N SER A 647 -1.62 -17.93 13.98
CA SER A 647 -2.41 -17.66 15.18
C SER A 647 -1.56 -17.22 16.36
N LEU A 648 -0.24 -17.34 16.27
CA LEU A 648 0.66 -17.01 17.35
C LEU A 648 1.55 -15.80 17.07
N THR A 649 1.95 -15.61 15.81
CA THR A 649 2.93 -14.56 15.51
C THR A 649 2.37 -13.16 15.77
N GLU A 650 1.17 -12.89 15.29
CA GLU A 650 0.62 -11.53 15.47
C GLU A 650 0.23 -11.23 16.89
N PRO A 651 -0.47 -12.12 17.62
CA PRO A 651 -0.74 -11.80 19.04
C PRO A 651 0.53 -11.63 19.86
N ALA A 652 1.63 -12.26 19.46
CA ALA A 652 2.86 -12.16 20.22
C ALA A 652 3.37 -10.72 20.28
N ARG A 653 3.32 -10.01 19.16
CA ARG A 653 3.70 -8.59 19.15
C ARG A 653 3.02 -7.83 20.27
N TYR A 654 1.69 -7.78 20.22
CA TYR A 654 0.95 -6.96 21.16
C TYR A 654 1.07 -7.48 22.58
N MET A 655 1.09 -8.80 22.75
CA MET A 655 1.17 -9.37 24.10
C MET A 655 2.50 -9.00 24.76
N ILE A 656 3.61 -9.18 24.05
CA ILE A 656 4.91 -8.88 24.63
C ILE A 656 5.11 -7.39 24.82
N MET A 657 4.65 -6.57 23.86
CA MET A 657 4.77 -5.13 24.03
C MET A 657 3.93 -4.63 25.21
N ASN A 658 2.72 -5.17 25.38
CA ASN A 658 1.86 -4.71 26.45
C ASN A 658 2.34 -5.20 27.80
N SER A 659 2.96 -6.40 27.84
CA SER A 659 3.55 -6.87 29.09
C SER A 659 4.83 -6.10 29.41
N LEU A 660 5.49 -5.56 28.39
CA LEU A 660 6.66 -4.72 28.63
C LEU A 660 6.26 -3.32 29.09
N ALA A 661 5.08 -2.86 28.69
CA ALA A 661 4.68 -1.49 28.94
C ALA A 661 4.38 -1.25 30.43
N ILE A 662 4.40 0.02 30.81
CA ILE A 662 4.10 0.40 32.19
C ILE A 662 2.67 0.02 32.55
N SER A 663 1.72 0.41 31.71
CA SER A 663 0.31 0.14 31.93
C SER A 663 -0.31 -0.36 30.63
N SER A 664 -1.03 -1.48 30.73
CA SER A 664 -1.74 -2.04 29.59
C SER A 664 -2.75 -3.05 30.10
N ASN A 665 -3.68 -3.42 29.23
CA ASN A 665 -4.71 -4.39 29.54
C ASN A 665 -4.42 -5.74 28.90
N VAL A 666 -3.15 -6.14 28.91
CA VAL A 666 -2.71 -7.38 28.27
C VAL A 666 -3.37 -8.58 28.94
N LYS A 667 -3.66 -8.46 30.24
CA LYS A 667 -4.34 -9.55 30.93
C LYS A 667 -5.73 -9.78 30.35
N ASP A 668 -6.47 -8.71 30.09
CA ASP A 668 -7.80 -8.85 29.50
C ASP A 668 -7.71 -9.38 28.07
N TYR A 669 -6.71 -8.95 27.30
CA TYR A 669 -6.55 -9.46 25.94
C TYR A 669 -6.27 -10.96 25.96
N ILE A 670 -5.38 -11.40 26.85
CA ILE A 670 -5.10 -12.83 26.95
C ILE A 670 -6.34 -13.59 27.37
N ALA A 671 -7.07 -13.07 28.37
CA ALA A 671 -8.22 -13.77 28.90
C ALA A 671 -9.34 -13.88 27.88
N GLU A 672 -9.54 -12.84 27.06
CA GLU A 672 -10.75 -12.75 26.25
C GLU A 672 -10.54 -12.96 24.75
N LYS A 673 -9.44 -12.48 24.18
CA LYS A 673 -9.26 -12.55 22.73
C LYS A 673 -8.11 -13.42 22.27
N PHE A 674 -7.04 -13.56 23.04
CA PHE A 674 -5.93 -14.41 22.62
C PHE A 674 -6.37 -15.87 22.56
N SER A 675 -6.29 -16.47 21.38
CA SER A 675 -6.67 -17.88 21.19
C SER A 675 -5.60 -18.60 20.38
N PRO A 676 -4.62 -19.22 21.04
CA PRO A 676 -3.64 -20.03 20.30
C PRO A 676 -4.29 -21.22 19.61
N TYR A 677 -3.77 -21.56 18.44
CA TYR A 677 -4.31 -22.60 17.57
C TYR A 677 -3.18 -23.59 17.30
N THR A 678 -3.01 -24.55 18.21
CA THR A 678 -1.82 -25.41 18.21
C THR A 678 -2.17 -26.78 17.67
N LYS A 679 -2.02 -26.95 16.36
CA LYS A 679 -2.21 -28.24 15.71
C LYS A 679 -0.91 -28.98 15.50
N THR A 680 0.23 -28.30 15.57
CA THR A 680 1.53 -28.89 15.35
C THR A 680 2.37 -28.77 16.62
N LEU A 681 3.44 -29.55 16.68
CA LEU A 681 4.33 -29.51 17.84
C LEU A 681 5.09 -28.19 17.91
N PHE A 682 5.51 -27.65 16.76
CA PHE A 682 6.18 -26.36 16.76
C PHE A 682 5.25 -25.27 17.27
N SER A 683 3.94 -25.42 17.08
CA SER A 683 3.00 -24.48 17.66
C SER A 683 3.02 -24.53 19.19
N VAL A 684 3.10 -25.72 19.77
CA VAL A 684 3.23 -25.85 21.22
C VAL A 684 4.52 -25.20 21.70
N TYR A 685 5.62 -25.47 20.97
CA TYR A 685 6.91 -24.89 21.34
C TYR A 685 6.88 -23.37 21.28
N MET A 686 6.28 -22.81 20.23
CA MET A 686 6.22 -21.36 20.08
C MET A 686 5.26 -20.74 21.10
N THR A 687 4.19 -21.44 21.46
CA THR A 687 3.30 -20.97 22.50
C THR A 687 4.03 -20.89 23.84
N ARG A 688 4.84 -21.89 24.15
CA ARG A 688 5.64 -21.83 25.37
C ARG A 688 6.65 -20.69 25.31
N LEU A 689 7.26 -20.47 24.15
CA LEU A 689 8.18 -19.34 24.01
C LEU A 689 7.48 -18.01 24.27
N ILE A 690 6.29 -17.83 23.70
CA ILE A 690 5.54 -16.59 23.90
C ILE A 690 5.14 -16.43 25.36
N LYS A 691 4.71 -17.51 26.01
CA LYS A 691 4.34 -17.44 27.42
C LYS A 691 5.54 -17.03 28.27
N ASN A 692 6.70 -17.63 28.03
CA ASN A 692 7.90 -17.26 28.78
C ASN A 692 8.30 -15.81 28.51
N ALA A 693 8.19 -15.37 27.26
CA ALA A 693 8.52 -13.99 26.94
C ALA A 693 7.61 -13.00 27.67
N CYS A 694 6.31 -13.30 27.70
CA CYS A 694 5.37 -12.42 28.40
C CYS A 694 5.61 -12.44 29.89
N PHE A 695 5.96 -13.61 30.44
CA PHE A 695 6.26 -13.68 31.87
C PHE A 695 7.51 -12.88 32.21
N ASP A 696 8.55 -12.97 31.38
CA ASP A 696 9.81 -12.29 31.65
C ASP A 696 9.85 -10.86 31.15
N ALA A 697 8.82 -10.39 30.46
CA ALA A 697 8.87 -9.05 29.86
C ALA A 697 8.90 -7.96 30.93
N TYR A 698 8.06 -8.08 31.95
CA TYR A 698 7.99 -7.02 32.95
C TYR A 698 9.18 -7.07 33.91
N ASP A 699 9.85 -8.22 34.00
CA ASP A 699 11.04 -8.31 34.82
C ASP A 699 12.16 -7.42 34.29
N GLN A 700 12.35 -7.39 32.97
CA GLN A 700 13.40 -6.58 32.37
C GLN A 700 12.94 -5.18 32.01
N ARG A 701 11.78 -4.75 32.52
CA ARG A 701 11.41 -3.35 32.39
C ARG A 701 12.42 -2.46 33.11
N GLN A 702 13.09 -3.00 34.13
CA GLN A 702 14.04 -2.21 34.89
C GLN A 702 15.37 -2.07 34.16
N ARG A 703 15.73 -3.04 33.32
CA ARG A 703 17.06 -3.06 32.74
C ARG A 703 17.19 -2.15 31.52
N VAL A 704 16.11 -1.49 31.10
CA VAL A 704 16.24 -0.51 30.04
C VAL A 704 16.83 0.78 30.61
N GLN A 705 17.72 1.41 29.85
CA GLN A 705 18.45 2.58 30.31
C GLN A 705 18.37 3.68 29.26
N LEU A 706 18.90 4.84 29.60
CA LEU A 706 18.87 6.02 28.74
C LEU A 706 20.28 6.52 28.51
N ARG A 707 20.50 7.10 27.33
CA ARG A 707 21.79 7.71 27.04
C ARG A 707 21.90 9.07 27.74
N ASP A 708 23.14 9.56 27.82
CA ASP A 708 23.36 10.91 28.30
C ASP A 708 23.06 11.90 27.19
N ILE A 709 22.42 13.01 27.54
CA ILE A 709 21.92 13.97 26.57
C ILE A 709 22.94 15.11 26.45
N TYR A 710 23.51 15.24 25.26
CA TYR A 710 24.37 16.37 24.93
C TYR A 710 23.55 17.39 24.14
N LEU A 711 23.16 18.48 24.80
CA LEU A 711 22.37 19.53 24.18
C LEU A 711 23.04 20.88 24.42
N SER A 712 23.02 21.75 23.42
CA SER A 712 23.70 23.03 23.49
C SER A 712 22.80 24.21 23.12
N ASP A 713 21.52 24.15 23.49
CA ASP A 713 20.49 25.17 23.28
C ASP A 713 20.12 25.32 21.80
N TYR A 714 20.75 24.60 20.89
CA TYR A 714 20.41 24.67 19.47
C TYR A 714 20.18 23.31 18.84
N ASP A 715 20.83 22.26 19.32
CA ASP A 715 20.59 20.90 18.85
C ASP A 715 20.99 19.94 19.96
N ILE A 716 20.49 18.70 19.84
CA ILE A 716 20.84 17.62 20.75
C ILE A 716 21.69 16.63 19.97
N THR A 717 22.99 16.59 20.29
CA THR A 717 23.92 15.80 19.49
C THR A 717 23.78 14.30 19.78
N GLN A 718 23.54 13.93 21.04
CA GLN A 718 23.46 12.54 21.42
C GLN A 718 22.20 12.30 22.24
N LYS A 719 21.53 11.18 21.97
CA LYS A 719 20.25 10.87 22.60
C LYS A 719 19.93 9.41 22.33
N GLY A 720 18.88 8.92 22.99
CA GLY A 720 18.37 7.59 22.70
C GLY A 720 18.44 6.61 23.84
N ILE A 721 18.65 5.34 23.51
CA ILE A 721 18.71 4.24 24.47
C ILE A 721 20.10 3.64 24.40
N LYS A 722 20.68 3.33 25.56
CA LYS A 722 21.97 2.66 25.62
C LYS A 722 21.89 1.31 24.93
N ASP A 723 22.90 1.01 24.11
CA ASP A 723 22.94 -0.26 23.37
C ASP A 723 23.70 -1.30 24.20
N ASN A 724 23.08 -1.67 25.32
CA ASN A 724 23.62 -2.67 26.23
C ASN A 724 22.78 -3.94 26.16
N ARG A 725 23.45 -5.07 25.98
CA ARG A 725 22.77 -6.36 25.83
C ARG A 725 22.51 -6.96 27.20
N GLU A 726 21.40 -6.56 27.83
CA GLU A 726 20.97 -7.18 29.08
C GLU A 726 19.56 -7.73 29.03
N LEU A 727 18.78 -7.48 27.97
CA LEU A 727 17.48 -8.09 27.84
C LEU A 727 17.61 -9.54 27.38
N THR A 728 16.64 -10.36 27.77
CA THR A 728 16.63 -11.77 27.41
C THR A 728 16.01 -11.95 26.03
N SER A 729 16.67 -12.76 25.20
CA SER A 729 16.16 -13.03 23.87
C SER A 729 14.88 -13.85 23.94
N ILE A 730 13.94 -13.57 23.03
CA ILE A 730 12.63 -14.21 23.11
C ILE A 730 12.67 -15.60 22.49
N TRP A 731 12.99 -15.69 21.20
CA TRP A 731 12.93 -16.95 20.48
C TRP A 731 14.17 -17.81 20.64
N PHE A 732 15.23 -17.28 21.24
CA PHE A 732 16.51 -17.96 21.27
C PHE A 732 17.11 -17.79 22.65
N PRO A 733 18.01 -18.69 23.05
CA PRO A 733 18.85 -18.40 24.21
C PRO A 733 19.87 -17.32 23.86
N GLY A 734 19.96 -16.32 24.71
CA GLY A 734 20.93 -15.25 24.50
C GLY A 734 20.43 -13.94 25.07
N SER A 735 21.22 -12.90 24.82
CA SER A 735 20.94 -11.56 25.30
C SER A 735 20.82 -10.61 24.12
N VAL A 736 19.91 -9.64 24.23
CA VAL A 736 19.65 -8.70 23.15
C VAL A 736 19.59 -7.29 23.70
N THR A 737 19.80 -6.33 22.80
CA THR A 737 19.58 -4.92 23.07
C THR A 737 18.09 -4.61 22.92
N LEU A 738 17.67 -3.45 23.43
CA LEU A 738 16.27 -3.05 23.31
C LEU A 738 15.84 -2.99 21.85
N LYS A 739 16.70 -2.47 20.97
CA LYS A 739 16.38 -2.47 19.55
C LYS A 739 16.26 -3.88 19.00
N GLU A 740 17.20 -4.77 19.37
CA GLU A 740 17.11 -6.16 18.96
C GLU A 740 15.91 -6.86 19.60
N TYR A 741 15.57 -6.49 20.84
CA TYR A 741 14.38 -7.04 21.47
C TYR A 741 13.12 -6.67 20.69
N LEU A 742 13.00 -5.40 20.30
CA LEU A 742 11.86 -4.96 19.52
C LEU A 742 11.84 -5.64 18.15
N THR A 743 13.01 -5.81 17.55
CA THR A 743 13.10 -6.51 16.27
C THR A 743 12.60 -7.95 16.41
N GLN A 744 12.99 -8.63 17.49
CA GLN A 744 12.50 -10.00 17.70
C GLN A 744 11.00 -10.02 17.96
N ILE A 745 10.48 -8.98 18.61
CA ILE A 745 9.04 -8.90 18.84
C ILE A 745 8.30 -8.74 17.51
N TYR A 746 8.80 -7.90 16.61
CA TYR A 746 8.01 -7.46 15.47
C TYR A 746 8.27 -8.25 14.18
N LEU A 747 9.46 -8.82 14.00
CA LEU A 747 9.72 -9.54 12.75
C LEU A 747 8.83 -10.75 12.50
N PRO A 748 8.54 -11.62 13.46
CA PRO A 748 7.77 -12.84 13.13
C PRO A 748 6.41 -12.56 12.52
N PHE A 749 5.81 -11.40 12.80
CA PHE A 749 4.57 -11.03 12.14
C PHE A 749 4.77 -10.86 10.63
N TYR A 750 5.98 -10.55 10.21
CA TYR A 750 6.28 -10.31 8.80
C TYR A 750 6.76 -11.55 8.07
N PHE A 751 6.75 -12.71 8.71
CA PHE A 751 6.85 -13.99 8.00
C PHE A 751 5.50 -14.26 7.34
N ASN A 752 5.19 -13.43 6.35
CA ASN A 752 3.83 -13.30 5.85
C ASN A 752 3.44 -14.53 5.05
N ALA A 753 2.65 -15.42 5.64
CA ALA A 753 2.01 -16.51 4.93
C ALA A 753 0.60 -16.06 4.58
N LYS A 754 0.51 -15.20 3.56
CA LYS A 754 -0.76 -14.65 3.15
C LYS A 754 -1.47 -15.59 2.17
N GLY A 755 -2.77 -15.37 2.01
CA GLY A 755 -3.56 -16.22 1.13
C GLY A 755 -3.89 -17.57 1.70
N LEU A 756 -3.79 -17.74 3.03
CA LEU A 756 -4.10 -19.00 3.68
C LEU A 756 -5.54 -19.13 4.10
N HIS A 757 -6.34 -18.07 3.98
CA HIS A 757 -7.77 -18.16 4.28
C HIS A 757 -8.50 -18.91 3.18
N GLU A 758 -9.45 -19.75 3.58
CA GLU A 758 -10.33 -20.44 2.67
C GLU A 758 -11.67 -19.70 2.64
N LYS A 759 -12.14 -19.37 1.43
CA LYS A 759 -13.34 -18.54 1.31
C LYS A 759 -14.55 -19.21 1.93
N HIS A 760 -14.61 -20.54 1.85
CA HIS A 760 -15.72 -21.31 2.42
C HIS A 760 -15.97 -20.94 3.88
N HIS A 761 -14.89 -20.77 4.65
CA HIS A 761 -15.06 -20.45 6.07
C HIS A 761 -14.92 -18.97 6.33
N VAL A 762 -14.04 -18.27 5.59
CA VAL A 762 -13.76 -16.88 5.93
C VAL A 762 -14.94 -15.99 5.55
N MET A 763 -15.66 -16.33 4.46
CA MET A 763 -16.82 -15.51 4.11
C MET A 763 -17.91 -15.63 5.16
N VAL A 764 -18.15 -16.83 5.67
CA VAL A 764 -19.11 -17.02 6.75
C VAL A 764 -18.67 -16.29 8.00
N ASP A 765 -17.37 -16.34 8.32
CA ASP A 765 -16.87 -15.66 9.51
C ASP A 765 -17.07 -14.15 9.40
N LEU A 766 -16.77 -13.57 8.24
CA LEU A 766 -16.92 -12.14 8.06
C LEU A 766 -18.40 -11.74 8.12
N ALA A 767 -19.28 -12.51 7.47
CA ALA A 767 -20.70 -12.23 7.55
C ALA A 767 -21.20 -12.29 8.99
N LYS A 768 -20.73 -13.29 9.74
CA LYS A 768 -21.13 -13.41 11.14
C LYS A 768 -20.65 -12.22 11.95
N THR A 769 -19.43 -11.76 11.71
CA THR A 769 -18.92 -10.60 12.45
C THR A 769 -19.77 -9.36 12.17
N ILE A 770 -20.02 -9.08 10.88
CA ILE A 770 -20.81 -7.89 10.54
C ILE A 770 -22.21 -7.99 11.13
N LEU A 771 -22.85 -9.15 10.98
CA LEU A 771 -24.24 -9.28 11.44
C LEU A 771 -24.32 -9.27 12.96
N GLU A 772 -23.30 -9.78 13.65
CA GLU A 772 -23.31 -9.76 15.11
C GLU A 772 -23.13 -8.33 15.63
N ILE A 773 -22.25 -7.55 14.99
CA ILE A 773 -22.14 -6.14 15.36
C ILE A 773 -23.47 -5.42 15.12
N GLU A 774 -24.10 -5.70 13.97
CA GLU A 774 -25.38 -5.06 13.68
C GLU A 774 -26.47 -5.46 14.68
N CYS A 775 -26.49 -6.73 15.09
CA CYS A 775 -27.47 -7.17 16.07
C CYS A 775 -27.23 -6.51 17.43
N GLU A 776 -25.98 -6.49 17.88
CA GLU A 776 -25.65 -5.83 19.14
C GLU A 776 -26.07 -4.37 19.11
N GLN A 777 -25.93 -3.71 17.97
CA GLN A 777 -26.40 -2.34 17.87
C GLN A 777 -27.92 -2.24 17.81
N ARG A 778 -28.59 -3.24 17.20
CA ARG A 778 -30.04 -3.17 17.05
C ARG A 778 -30.77 -3.35 18.37
N GLU A 779 -30.40 -4.35 19.17
CA GLU A 779 -31.14 -4.58 20.41
C GLU A 779 -30.50 -4.00 21.66
N ASN A 780 -29.18 -3.90 21.74
CA ASN A 780 -28.53 -3.48 22.97
C ASN A 780 -28.23 -1.99 23.03
N ILE A 781 -28.54 -1.23 21.98
CA ILE A 781 -28.29 0.21 21.96
C ILE A 781 -29.63 0.91 21.80
N LYS A 782 -30.04 1.62 22.85
CA LYS A 782 -31.31 2.35 22.84
C LYS A 782 -31.16 3.87 22.88
N GLU A 783 -30.05 4.38 23.39
CA GLU A 783 -29.81 5.81 23.49
C GLU A 783 -28.64 6.20 22.60
N ILE A 784 -28.73 7.39 21.99
CA ILE A 784 -27.65 7.89 21.16
C ILE A 784 -26.68 8.72 21.98
N TRP A 785 -27.19 9.58 22.85
CA TRP A 785 -26.39 10.51 23.62
C TRP A 785 -26.40 10.12 25.09
N SER A 786 -25.25 10.30 25.75
CA SER A 786 -25.12 10.01 27.16
C SER A 786 -24.07 10.93 27.78
N THR A 787 -24.13 11.08 29.09
CA THR A 787 -23.19 11.90 29.84
C THR A 787 -22.33 11.08 30.79
N ASN A 788 -22.47 9.75 30.79
CA ASN A 788 -21.75 8.88 31.70
C ASN A 788 -20.78 7.95 30.98
N CYS A 789 -20.31 8.35 29.79
CA CYS A 789 -19.35 7.57 29.01
C CYS A 789 -19.87 6.16 28.72
N THR A 790 -21.14 6.07 28.36
CA THR A 790 -21.71 4.80 27.93
C THR A 790 -21.13 4.37 26.60
N LYS A 791 -20.97 3.06 26.42
CA LYS A 791 -20.40 2.52 25.20
C LYS A 791 -21.26 2.85 23.99
N GLN A 792 -20.60 3.24 22.90
CA GLN A 792 -21.27 3.59 21.64
C GLN A 792 -22.27 4.72 21.82
N THR A 793 -21.91 5.72 22.62
CA THR A 793 -22.68 6.94 22.77
C THR A 793 -21.75 8.13 22.71
N VAL A 794 -22.34 9.31 22.52
CA VAL A 794 -21.59 10.56 22.42
C VAL A 794 -22.19 11.56 23.40
N ASN A 795 -21.31 12.28 24.09
CA ASN A 795 -21.73 13.41 24.91
C ASN A 795 -22.11 14.56 23.98
N LEU A 796 -23.40 14.85 23.90
CA LEU A 796 -23.91 15.74 22.86
C LEU A 796 -23.34 17.15 22.98
N LYS A 797 -23.49 17.75 24.17
CA LYS A 797 -23.09 19.18 24.37
C LYS A 797 -21.56 19.33 24.33
N ILE A 798 -20.81 18.33 24.79
CA ILE A 798 -19.36 18.37 24.68
C ILE A 798 -18.93 18.27 23.22
N LEU A 799 -19.57 17.36 22.47
CA LEU A 799 -19.31 17.26 21.04
C LEU A 799 -19.58 18.57 20.33
N ILE A 800 -20.73 19.19 20.62
CA ILE A 800 -21.13 20.41 19.94
C ILE A 800 -20.13 21.54 20.23
N HIS A 801 -19.78 21.70 21.51
CA HIS A 801 -18.85 22.77 21.89
C HIS A 801 -17.47 22.54 21.27
N SER A 802 -17.00 21.30 21.28
CA SER A 802 -15.69 21.00 20.70
C SER A 802 -15.68 21.25 19.20
N LEU A 803 -16.74 20.83 18.52
CA LEU A 803 -16.83 21.06 17.08
C LEU A 803 -16.87 22.56 16.79
N CYS A 804 -17.61 23.33 17.58
CA CYS A 804 -17.66 24.77 17.38
C CYS A 804 -16.28 25.39 17.55
N LYS A 805 -15.56 25.01 18.60
CA LYS A 805 -14.24 25.58 18.84
C LYS A 805 -13.27 25.22 17.72
N ASN A 806 -13.27 23.94 17.30
CA ASN A 806 -12.31 23.51 16.29
C ASN A 806 -12.65 24.09 14.92
N LEU A 807 -13.94 24.24 14.61
CA LEU A 807 -14.32 24.85 13.35
C LEU A 807 -13.99 26.34 13.34
N LEU A 808 -14.18 27.02 14.47
CA LEU A 808 -13.78 28.41 14.55
C LEU A 808 -12.27 28.57 14.38
N ALA A 809 -11.50 27.66 14.98
CA ALA A 809 -10.05 27.75 14.88
C ALA A 809 -9.56 27.48 13.46
N ASP A 810 -10.22 26.59 12.73
CA ASP A 810 -9.73 26.11 11.45
C ASP A 810 -10.39 26.77 10.24
N THR A 811 -11.20 27.82 10.44
CA THR A 811 -11.95 28.45 9.35
C THR A 811 -11.67 29.96 9.37
N SER A 812 -10.38 30.32 9.40
CA SER A 812 -10.01 31.73 9.45
C SER A 812 -10.58 32.50 8.27
N ARG A 813 -10.47 31.95 7.06
CA ARG A 813 -10.99 32.57 5.84
C ARG A 813 -11.90 31.54 5.17
N HIS A 814 -13.21 31.68 5.38
CA HIS A 814 -14.15 30.66 4.91
C HIS A 814 -14.31 30.70 3.40
N ASN A 815 -14.32 31.89 2.80
CA ASN A 815 -14.40 32.00 1.35
C ASN A 815 -13.22 31.30 0.68
N HIS A 816 -12.01 31.60 1.17
CA HIS A 816 -10.82 31.00 0.57
C HIS A 816 -10.70 29.52 0.90
N LEU A 817 -11.19 29.10 2.07
CA LEU A 817 -11.22 27.67 2.37
C LEU A 817 -12.12 26.92 1.39
N ARG A 818 -13.32 27.47 1.13
CA ARG A 818 -14.22 26.85 0.17
C ARG A 818 -13.60 26.83 -1.22
N ASN A 819 -12.99 27.95 -1.63
CA ASN A 819 -12.35 28.01 -2.94
C ASN A 819 -11.21 27.00 -3.06
N ARG A 820 -10.41 26.86 -2.00
CA ARG A 820 -9.31 25.90 -2.01
C ARG A 820 -9.82 24.47 -2.10
N ILE A 821 -10.90 24.16 -1.38
CA ILE A 821 -11.50 22.82 -1.46
C ILE A 821 -11.98 22.55 -2.88
N GLU A 822 -12.64 23.53 -3.50
CA GLU A 822 -13.10 23.35 -4.87
C GLU A 822 -11.95 23.18 -5.84
N ASN A 823 -10.89 23.97 -5.69
CA ASN A 823 -9.80 23.95 -6.66
C ASN A 823 -8.97 22.68 -6.54
N ARG A 824 -8.67 22.24 -5.31
CA ARG A 824 -7.83 21.07 -5.13
C ARG A 824 -8.51 19.82 -5.67
N ASN A 825 -9.83 19.70 -5.46
CA ASN A 825 -10.56 18.48 -5.78
C ASN A 825 -11.35 18.59 -7.07
N ASN A 826 -11.12 19.63 -7.87
CA ASN A 826 -11.73 19.79 -9.18
C ASN A 826 -13.26 19.75 -9.12
N PHE A 827 -13.83 20.49 -8.16
CA PHE A 827 -15.28 20.53 -8.03
C PHE A 827 -15.94 21.18 -9.25
N ARG A 828 -15.33 22.24 -9.78
CA ARG A 828 -15.88 22.98 -10.90
C ARG A 828 -15.53 22.38 -12.26
N ARG A 829 -14.77 21.29 -12.28
CA ARG A 829 -14.34 20.68 -13.53
C ARG A 829 -15.12 19.40 -13.79
N SER A 830 -14.87 18.81 -14.96
CA SER A 830 -15.63 17.64 -15.38
C SER A 830 -15.24 16.41 -14.57
N ILE A 831 -16.17 15.44 -14.52
CA ILE A 831 -15.94 14.22 -13.76
C ILE A 831 -14.83 13.39 -14.39
N THR A 832 -14.63 13.53 -15.71
CA THR A 832 -13.63 12.73 -16.41
C THR A 832 -12.21 13.11 -16.03
N THR A 833 -12.01 14.21 -15.32
CA THR A 833 -10.69 14.65 -14.90
C THR A 833 -10.34 14.20 -13.49
N ILE A 834 -11.20 13.42 -12.84
CA ILE A 834 -10.92 12.89 -11.51
C ILE A 834 -10.38 11.48 -11.66
N SER A 835 -9.27 11.20 -10.96
CA SER A 835 -8.65 9.89 -11.05
C SER A 835 -9.53 8.80 -10.46
N THR A 836 -10.20 9.06 -9.35
CA THR A 836 -11.00 8.04 -8.67
C THR A 836 -12.31 7.75 -9.38
N PHE A 837 -12.74 8.60 -10.31
CA PHE A 837 -13.96 8.36 -11.07
C PHE A 837 -13.69 7.76 -12.44
N THR A 838 -12.43 7.59 -12.81
CA THR A 838 -12.06 7.00 -14.08
C THR A 838 -11.09 5.83 -13.92
N SER A 839 -10.95 5.29 -12.71
CA SER A 839 -9.95 4.29 -12.43
C SER A 839 -10.41 2.91 -12.91
N SER A 840 -9.54 1.92 -12.72
CA SER A 840 -9.80 0.55 -13.09
C SER A 840 -10.24 -0.30 -11.90
N LYS A 841 -10.60 0.34 -10.79
CA LYS A 841 -11.08 -0.38 -9.62
C LYS A 841 -12.48 -0.91 -9.86
N SER A 842 -12.94 -1.72 -8.92
CA SER A 842 -14.26 -2.33 -9.02
C SER A 842 -15.32 -1.48 -8.36
N CYS A 843 -16.52 -1.51 -8.93
CA CYS A 843 -17.70 -0.91 -8.35
C CYS A 843 -18.87 -1.84 -8.60
N LEU A 844 -20.02 -1.50 -8.01
CA LEU A 844 -21.18 -2.36 -8.00
C LEU A 844 -22.30 -1.77 -8.86
N LYS A 845 -23.02 -2.64 -9.55
CA LYS A 845 -24.20 -2.27 -10.32
C LYS A 845 -25.38 -3.10 -9.84
N ILE A 846 -26.52 -2.44 -9.65
CA ILE A 846 -27.75 -3.08 -9.24
C ILE A 846 -28.72 -3.09 -10.41
N GLY A 847 -29.20 -4.26 -10.77
CA GLY A 847 -30.10 -4.39 -11.90
C GLY A 847 -30.25 -5.85 -12.29
N ASP A 848 -30.95 -6.06 -13.39
CA ASP A 848 -31.19 -7.41 -13.91
C ASP A 848 -29.98 -7.86 -14.71
N PHE A 849 -29.31 -8.90 -14.24
CA PHE A 849 -28.11 -9.42 -14.89
C PHE A 849 -28.18 -10.94 -15.08
N ARG A 850 -29.33 -11.45 -15.51
CA ARG A 850 -29.48 -12.89 -15.70
C ARG A 850 -28.55 -13.40 -16.79
N LYS A 851 -28.46 -12.67 -17.90
CA LYS A 851 -27.65 -13.11 -19.04
C LYS A 851 -26.18 -13.19 -18.68
N GLU A 852 -25.66 -12.17 -17.99
CA GLU A 852 -24.24 -12.12 -17.69
C GLU A 852 -23.83 -13.23 -16.71
N LYS A 853 -24.68 -13.50 -15.71
CA LYS A 853 -24.27 -14.40 -14.64
C LYS A 853 -24.66 -15.84 -14.94
N GLU A 854 -25.70 -16.05 -15.75
CA GLU A 854 -26.10 -17.41 -16.13
C GLU A 854 -25.27 -17.85 -17.32
N LEU A 855 -24.05 -18.29 -17.03
CA LEU A 855 -23.16 -18.80 -18.06
C LEU A 855 -22.29 -19.93 -17.52
N ARG A 869 -29.55 -31.21 -17.51
CA ARG A 869 -30.04 -31.92 -16.34
C ARG A 869 -30.15 -30.98 -15.14
N LYS A 870 -31.37 -30.84 -14.63
CA LYS A 870 -31.61 -29.94 -13.51
C LYS A 870 -31.06 -30.53 -12.22
N MET A 871 -30.79 -29.64 -11.26
CA MET A 871 -30.27 -30.02 -9.96
C MET A 871 -31.16 -29.45 -8.86
N ARG A 872 -31.21 -30.15 -7.73
CA ARG A 872 -31.95 -29.69 -6.57
C ARG A 872 -30.98 -29.23 -5.49
N LEU A 873 -31.42 -28.24 -4.71
CA LEU A 873 -30.60 -27.70 -3.65
C LEU A 873 -30.42 -28.72 -2.52
N ALA A 874 -29.25 -28.72 -1.91
CA ALA A 874 -28.99 -29.60 -0.78
C ALA A 874 -29.83 -29.20 0.43
N ASN A 875 -30.05 -27.91 0.61
CA ASN A 875 -30.84 -27.44 1.75
C ASN A 875 -32.28 -27.92 1.61
N PRO A 876 -32.83 -28.61 2.61
CA PRO A 876 -34.19 -29.14 2.46
C PRO A 876 -35.26 -28.07 2.44
N MET A 877 -34.97 -26.89 3.00
CA MET A 877 -35.96 -25.82 3.06
C MET A 877 -36.27 -25.19 1.71
N PHE A 878 -35.44 -25.43 0.71
CA PHE A 878 -35.56 -24.79 -0.60
C PHE A 878 -35.73 -25.81 -1.72
N VAL A 879 -36.50 -26.85 -1.48
CA VAL A 879 -36.75 -27.90 -2.46
C VAL A 879 -38.25 -28.03 -2.67
N THR A 880 -38.70 -27.80 -3.90
CA THR A 880 -40.10 -27.97 -4.24
C THR A 880 -40.42 -29.44 -4.48
N ASP A 881 -41.72 -29.74 -4.54
CA ASP A 881 -42.15 -31.12 -4.74
C ASP A 881 -41.72 -31.64 -6.12
N GLU A 882 -41.62 -30.75 -7.10
CA GLU A 882 -41.12 -31.16 -8.41
C GLU A 882 -39.66 -31.56 -8.34
N GLN A 883 -38.87 -30.85 -7.54
CA GLN A 883 -37.43 -31.09 -7.44
C GLN A 883 -37.07 -32.15 -6.42
N VAL A 884 -38.05 -32.80 -5.78
CA VAL A 884 -37.75 -33.84 -4.80
C VAL A 884 -37.03 -35.00 -5.47
N CYS A 885 -37.50 -35.41 -6.65
CA CYS A 885 -36.87 -36.49 -7.40
C CYS A 885 -35.82 -35.94 -8.36
N LEU A 886 -34.81 -35.26 -7.82
CA LEU A 886 -33.77 -34.65 -8.62
C LEU A 886 -32.41 -34.94 -7.99
N GLU A 887 -31.38 -34.85 -8.82
CA GLU A 887 -30.01 -35.06 -8.34
C GLU A 887 -29.52 -33.83 -7.59
N VAL A 888 -28.95 -34.06 -6.40
CA VAL A 888 -28.42 -32.96 -5.61
C VAL A 888 -27.17 -32.41 -6.25
N GLY A 889 -27.07 -31.09 -6.35
CA GLY A 889 -25.92 -30.45 -6.95
C GLY A 889 -25.51 -29.22 -6.18
N HIS A 890 -24.27 -28.80 -6.40
CA HIS A 890 -23.77 -27.58 -5.78
C HIS A 890 -24.52 -26.37 -6.32
N CYS A 891 -24.78 -25.42 -5.43
CA CYS A 891 -25.57 -24.24 -5.80
C CYS A 891 -24.81 -23.37 -6.80
N ASN A 892 -25.55 -22.88 -7.80
CA ASN A 892 -25.04 -21.88 -8.73
C ASN A 892 -26.04 -20.73 -8.81
N TYR A 893 -25.76 -19.78 -9.70
CA TYR A 893 -26.59 -18.59 -9.78
C TYR A 893 -28.02 -18.92 -10.20
N GLU A 894 -28.18 -19.84 -11.15
CA GLU A 894 -29.52 -20.24 -11.58
C GLU A 894 -30.29 -20.88 -10.43
N MET A 895 -29.63 -21.73 -9.65
CA MET A 895 -30.30 -22.38 -8.52
C MET A 895 -30.59 -21.38 -7.41
N LEU A 896 -29.73 -20.37 -7.24
CA LEU A 896 -29.96 -19.35 -6.23
C LEU A 896 -31.12 -18.44 -6.62
N ARG A 897 -31.31 -18.22 -7.92
CA ARG A 897 -32.41 -17.37 -8.37
C ARG A 897 -33.76 -17.96 -8.02
N ASN A 898 -33.91 -19.28 -8.17
CA ASN A 898 -35.20 -19.91 -7.91
C ASN A 898 -35.47 -20.01 -6.41
N ALA A 899 -34.43 -20.11 -5.59
CA ALA A 899 -34.62 -20.31 -4.16
C ALA A 899 -35.10 -19.05 -3.47
N MET A 900 -34.52 -17.90 -3.81
CA MET A 900 -34.81 -16.66 -3.11
C MET A 900 -35.89 -15.87 -3.85
N PRO A 901 -37.04 -15.60 -3.22
CA PRO A 901 -38.03 -14.71 -3.86
C PRO A 901 -37.53 -13.29 -3.97
N ASN A 902 -37.09 -12.72 -2.85
CA ASN A 902 -36.65 -11.32 -2.80
C ASN A 902 -35.13 -11.22 -2.97
N TYR A 903 -34.66 -11.68 -4.13
CA TYR A 903 -33.25 -11.60 -4.45
C TYR A 903 -32.98 -10.36 -5.30
N THR A 904 -32.09 -9.49 -4.81
CA THR A 904 -31.69 -8.30 -5.54
C THR A 904 -30.43 -8.62 -6.34
N ASP A 905 -30.56 -8.62 -7.66
CA ASP A 905 -29.44 -8.98 -8.52
C ASP A 905 -28.43 -7.84 -8.57
N TYR A 906 -27.16 -8.21 -8.63
CA TYR A 906 -26.06 -7.24 -8.65
C TYR A 906 -24.93 -7.83 -9.47
N ILE A 907 -24.07 -6.96 -10.00
CA ILE A 907 -22.86 -7.39 -10.68
C ILE A 907 -21.75 -6.43 -10.31
N SER A 908 -20.51 -6.85 -10.54
CA SER A 908 -19.34 -6.02 -10.31
C SER A 908 -18.74 -5.62 -11.65
N THR A 909 -18.40 -4.34 -11.78
CA THR A 909 -17.83 -3.82 -13.02
C THR A 909 -16.66 -2.91 -12.66
N LYS A 910 -16.08 -2.30 -13.69
CA LYS A 910 -14.99 -1.35 -13.48
C LYS A 910 -15.53 0.06 -13.36
N VAL A 911 -14.76 0.91 -12.67
CA VAL A 911 -15.19 2.29 -12.43
C VAL A 911 -15.30 3.06 -13.74
N PHE A 912 -14.28 2.94 -14.59
CA PHE A 912 -14.30 3.66 -15.87
C PHE A 912 -15.41 3.13 -16.77
N ASP A 913 -15.66 1.83 -16.74
CA ASP A 913 -16.76 1.26 -17.52
C ASP A 913 -18.10 1.78 -17.02
N ARG A 914 -18.27 1.88 -15.71
CA ARG A 914 -19.50 2.43 -15.15
C ARG A 914 -19.68 3.89 -15.54
N LEU A 915 -18.60 4.67 -15.51
CA LEU A 915 -18.68 6.06 -15.96
C LEU A 915 -19.06 6.15 -17.42
N TYR A 916 -18.47 5.30 -18.26
CA TYR A 916 -18.81 5.27 -19.67
C TYR A 916 -20.29 4.95 -19.87
N GLU A 917 -20.80 3.95 -19.15
CA GLU A 917 -22.20 3.58 -19.27
C GLU A 917 -23.12 4.70 -18.82
N LEU A 918 -22.79 5.35 -17.70
CA LEU A 918 -23.64 6.44 -17.20
C LEU A 918 -23.63 7.62 -18.14
N LEU A 919 -22.48 7.96 -18.72
CA LEU A 919 -22.43 9.02 -19.71
C LEU A 919 -23.20 8.66 -20.97
N ASP A 920 -23.14 7.39 -21.38
CA ASP A 920 -23.85 6.95 -22.58
C ASP A 920 -25.36 6.99 -22.37
N LYS A 921 -25.82 6.70 -21.15
CA LYS A 921 -27.24 6.68 -20.84
C LYS A 921 -27.74 8.01 -20.31
N LYS A 922 -26.96 9.08 -20.46
CA LYS A 922 -27.32 10.46 -20.13
C LYS A 922 -27.56 10.68 -18.64
N VAL A 923 -27.22 9.70 -17.79
CA VAL A 923 -27.31 9.91 -16.35
C VAL A 923 -26.32 10.99 -15.91
N LEU A 924 -25.11 10.95 -16.44
CA LEU A 924 -24.07 11.92 -16.14
C LEU A 924 -23.81 12.78 -17.38
N THR A 925 -23.49 14.04 -17.16
CA THR A 925 -23.39 15.02 -18.25
C THR A 925 -22.05 15.73 -18.22
N ASP A 926 -21.92 16.79 -19.02
CA ASP A 926 -20.73 17.64 -19.04
C ASP A 926 -20.76 18.74 -17.99
N LYS A 927 -21.73 18.71 -17.08
CA LYS A 927 -21.80 19.69 -16.02
C LYS A 927 -20.61 19.53 -15.07
N PRO A 928 -20.28 20.57 -14.31
CA PRO A 928 -19.25 20.43 -13.28
C PRO A 928 -19.61 19.32 -12.30
N VAL A 929 -18.58 18.64 -11.81
CA VAL A 929 -18.80 17.39 -11.07
C VAL A 929 -19.56 17.65 -9.78
N ILE A 930 -19.34 18.81 -9.14
CA ILE A 930 -20.00 19.08 -7.86
C ILE A 930 -21.50 19.28 -8.06
N GLU A 931 -21.91 19.88 -9.18
CA GLU A 931 -23.34 20.00 -9.47
C GLU A 931 -23.97 18.63 -9.66
N GLN A 932 -23.29 17.73 -10.36
CA GLN A 932 -23.80 16.38 -10.54
C GLN A 932 -23.86 15.63 -9.22
N ILE A 933 -22.88 15.85 -8.35
CA ILE A 933 -22.90 15.21 -7.03
C ILE A 933 -24.07 15.72 -6.21
N MET A 934 -24.32 17.02 -6.24
CA MET A 934 -25.45 17.58 -5.52
C MET A 934 -26.77 17.05 -6.06
N ASP A 935 -26.87 16.89 -7.38
CA ASP A 935 -28.06 16.29 -7.97
C ASP A 935 -28.22 14.84 -7.53
N MET A 936 -27.12 14.09 -7.47
CA MET A 936 -27.21 12.67 -7.18
C MET A 936 -27.48 12.41 -5.71
N MET A 937 -27.11 13.37 -4.85
CA MET A 937 -27.38 13.21 -3.42
C MET A 937 -28.88 13.12 -3.15
N ILE A 938 -29.69 13.75 -3.99
CA ILE A 938 -31.13 13.68 -3.81
C ILE A 938 -31.75 12.68 -4.79
N ASP A 939 -31.12 12.47 -5.94
CA ASP A 939 -31.67 11.52 -6.92
C ASP A 939 -31.43 10.08 -6.48
N HIS A 940 -30.24 9.79 -5.96
CA HIS A 940 -29.91 8.43 -5.50
C HIS A 940 -30.26 8.34 -4.02
N LYS A 941 -31.28 7.55 -3.71
CA LYS A 941 -31.78 7.46 -2.34
C LYS A 941 -31.48 6.14 -1.66
N LYS A 942 -31.36 5.05 -2.40
CA LYS A 942 -31.25 3.72 -1.81
C LYS A 942 -29.90 3.12 -2.19
N PHE A 943 -29.09 2.81 -1.19
CA PHE A 943 -27.68 2.46 -1.39
C PHE A 943 -27.46 0.97 -1.12
N TYR A 944 -26.59 0.37 -1.92
CA TYR A 944 -26.21 -1.03 -1.80
C TYR A 944 -24.70 -1.18 -1.71
N PHE A 945 -24.27 -2.17 -0.93
CA PHE A 945 -22.87 -2.52 -0.80
C PHE A 945 -22.74 -4.03 -0.71
N THR A 946 -21.60 -4.53 -1.16
CA THR A 946 -21.24 -5.92 -0.98
C THR A 946 -19.89 -5.96 -0.27
N PHE A 947 -19.46 -7.16 0.12
CA PHE A 947 -18.19 -7.30 0.83
C PHE A 947 -17.42 -8.51 0.35
N PHE A 948 -16.11 -8.46 0.55
CA PHE A 948 -15.21 -9.57 0.31
C PHE A 948 -14.14 -9.59 1.38
N ASN A 949 -13.30 -10.62 1.37
CA ASN A 949 -12.23 -10.74 2.35
C ASN A 949 -10.96 -10.12 1.80
N LYS A 950 -10.25 -9.37 2.64
CA LYS A 950 -9.02 -8.71 2.21
C LYS A 950 -7.94 -9.73 1.89
N GLY A 951 -7.92 -10.85 2.61
CA GLY A 951 -6.88 -11.84 2.42
C GLY A 951 -5.58 -11.55 3.12
N GLN A 952 -5.62 -10.75 4.19
CA GLN A 952 -4.38 -10.34 4.85
C GLN A 952 -3.84 -11.48 5.71
N LYS A 953 -2.64 -11.25 6.24
CA LYS A 953 -1.92 -12.24 7.03
C LYS A 953 -2.37 -12.30 8.48
N THR A 954 -3.33 -11.47 8.87
CA THR A 954 -3.93 -11.58 10.20
C THR A 954 -4.66 -12.91 10.33
N SER A 955 -4.65 -13.46 11.55
CA SER A 955 -5.35 -14.71 11.80
C SER A 955 -6.84 -14.59 11.51
N LYS A 956 -7.42 -13.42 11.77
CA LYS A 956 -8.80 -13.13 11.40
C LYS A 956 -8.81 -12.03 10.35
N ASP A 957 -9.42 -12.32 9.20
CA ASP A 957 -9.41 -11.40 8.08
C ASP A 957 -10.33 -10.21 8.33
N ARG A 958 -10.04 -9.13 7.58
CA ARG A 958 -10.92 -7.94 7.64
C ARG A 958 -11.81 -7.96 6.41
N GLU A 959 -13.03 -7.45 6.55
CA GLU A 959 -13.96 -7.35 5.43
C GLU A 959 -13.79 -6.02 4.71
N ILE A 960 -13.97 -6.06 3.39
CA ILE A 960 -13.85 -4.88 2.54
C ILE A 960 -15.15 -4.72 1.79
N PHE A 961 -15.66 -3.49 1.74
CA PHE A 961 -16.96 -3.19 1.15
C PHE A 961 -16.78 -2.49 -0.19
N VAL A 962 -17.54 -2.95 -1.18
CA VAL A 962 -17.59 -2.36 -2.51
C VAL A 962 -18.98 -1.79 -2.71
N GLY A 963 -19.05 -0.53 -3.13
CA GLY A 963 -20.30 0.16 -3.35
C GLY A 963 -20.53 0.52 -4.81
N GLU A 964 -21.49 1.41 -5.00
CA GLU A 964 -21.86 1.86 -6.33
C GLU A 964 -21.13 3.15 -6.69
N TYR A 965 -21.27 3.54 -7.96
CA TYR A 965 -20.64 4.76 -8.44
C TYR A 965 -21.21 6.00 -7.76
N GLU A 966 -22.52 6.02 -7.56
CA GLU A 966 -23.19 7.18 -6.97
C GLU A 966 -22.77 7.38 -5.51
N ALA A 967 -22.67 6.28 -4.76
CA ALA A 967 -22.15 6.36 -3.40
C ALA A 967 -20.73 6.89 -3.41
N LYS A 968 -19.92 6.46 -4.38
CA LYS A 968 -18.58 7.00 -4.51
C LYS A 968 -18.60 8.51 -4.72
N MET A 969 -19.51 9.00 -5.57
CA MET A 969 -19.59 10.44 -5.81
C MET A 969 -19.93 11.21 -4.55
N CYS A 970 -20.98 10.77 -3.84
CA CYS A 970 -21.41 11.50 -2.65
C CYS A 970 -20.36 11.44 -1.55
N MET A 971 -19.79 10.26 -1.31
CA MET A 971 -18.74 10.14 -0.31
C MET A 971 -17.50 10.92 -0.71
N TYR A 972 -17.24 11.04 -2.01
CA TYR A 972 -16.13 11.86 -2.48
C TYR A 972 -16.33 13.31 -2.08
N ALA A 973 -17.53 13.84 -2.32
CA ALA A 973 -17.80 15.22 -1.93
C ALA A 973 -17.62 15.41 -0.43
N VAL A 974 -18.20 14.53 0.37
CA VAL A 974 -18.14 14.68 1.83
C VAL A 974 -16.70 14.58 2.32
N GLU A 975 -15.95 13.59 1.83
CA GLU A 975 -14.59 13.37 2.28
C GLU A 975 -13.66 14.49 1.85
N ARG A 976 -13.84 15.03 0.64
CA ARG A 976 -13.00 16.14 0.23
C ARG A 976 -13.32 17.40 1.02
N ILE A 977 -14.58 17.59 1.42
CA ILE A 977 -14.89 18.70 2.31
C ILE A 977 -14.19 18.52 3.65
N ALA A 978 -14.24 17.31 4.21
CA ALA A 978 -13.67 17.07 5.54
C ALA A 978 -12.15 16.97 5.55
N LYS A 979 -11.53 16.74 4.39
CA LYS A 979 -10.08 16.51 4.33
C LYS A 979 -9.27 17.78 4.52
N GLU A 980 -9.79 18.92 4.08
CA GLU A 980 -9.02 20.16 4.13
C GLU A 980 -8.69 20.57 5.56
N ARG A 981 -9.63 20.38 6.48
CA ARG A 981 -9.40 20.82 7.86
C ARG A 981 -8.49 19.88 8.62
N CYS A 982 -8.33 18.65 8.13
CA CYS A 982 -7.43 17.70 8.79
C CYS A 982 -5.99 18.14 8.63
N LYS A 983 -5.16 17.72 9.58
CA LYS A 983 -3.73 18.00 9.53
C LYS A 983 -2.96 17.01 8.67
N LEU A 984 -3.66 16.04 8.08
CA LEU A 984 -3.00 15.02 7.27
C LEU A 984 -2.43 15.63 6.00
N ASN A 985 -1.37 15.02 5.48
CA ASN A 985 -0.78 15.49 4.24
C ASN A 985 -1.71 15.18 3.07
N PRO A 986 -2.07 16.18 2.25
CA PRO A 986 -3.01 15.93 1.15
C PRO A 986 -2.53 14.93 0.12
N ASP A 987 -1.22 14.81 -0.10
CA ASP A 987 -0.68 14.03 -1.20
C ASP A 987 -0.28 12.62 -0.80
N GLU A 988 -0.69 12.15 0.38
CA GLU A 988 -0.40 10.79 0.82
C GLU A 988 -1.69 10.06 1.11
N MET A 989 -1.66 8.74 1.00
CA MET A 989 -2.82 7.93 1.30
C MET A 989 -2.85 7.51 2.76
N ILE A 990 -4.05 7.21 3.25
CA ILE A 990 -4.21 6.68 4.60
C ILE A 990 -3.60 5.29 4.69
N SER A 991 -3.74 4.50 3.63
CA SER A 991 -3.28 3.12 3.66
C SER A 991 -1.76 3.03 3.77
N GLU A 992 -1.04 3.98 3.17
CA GLU A 992 0.42 4.00 3.23
C GLU A 992 0.89 5.32 3.83
N PRO A 993 1.04 5.40 5.15
CA PRO A 993 1.58 6.64 5.75
C PRO A 993 3.03 6.87 5.33
N GLY A 994 3.39 8.15 5.20
CA GLY A 994 4.73 8.49 4.79
C GLY A 994 5.74 8.34 5.91
N ASP A 995 7.01 8.27 5.51
CA ASP A 995 8.10 8.19 6.48
C ASP A 995 8.38 9.51 7.16
N GLY A 996 7.80 10.61 6.67
CA GLY A 996 7.98 11.90 7.33
C GLY A 996 7.51 11.92 8.76
N LYS A 997 6.54 11.08 9.12
CA LYS A 997 6.13 10.95 10.50
C LYS A 997 7.30 10.57 11.39
N LEU A 998 8.16 9.67 10.90
CA LEU A 998 9.36 9.31 11.63
C LEU A 998 10.18 10.53 12.01
N LYS A 999 10.22 11.51 11.11
CA LYS A 999 10.91 12.77 11.44
C LYS A 999 10.10 13.56 12.47
N VAL A 1000 8.79 13.69 12.25
CA VAL A 1000 7.97 14.55 13.10
C VAL A 1000 8.04 14.08 14.55
N LEU A 1001 7.88 12.78 14.77
CA LEU A 1001 8.02 12.23 16.12
C LEU A 1001 9.32 12.69 16.75
N GLU A 1002 10.44 12.54 16.03
CA GLU A 1002 11.72 12.97 16.55
C GLU A 1002 11.66 14.43 16.96
N GLN A 1003 11.17 15.30 16.07
CA GLN A 1003 11.05 16.71 16.40
C GLN A 1003 10.28 16.89 17.70
N LYS A 1004 9.12 16.23 17.82
CA LYS A 1004 8.34 16.36 19.04
C LYS A 1004 9.17 15.94 20.24
N SER A 1005 9.83 14.78 20.15
CA SER A 1005 10.65 14.31 21.26
C SER A 1005 11.64 15.37 21.67
N GLU A 1006 12.26 16.04 20.68
CA GLU A 1006 13.24 17.08 21.00
C GLU A 1006 12.65 18.09 21.96
N GLN A 1007 11.50 18.66 21.62
CA GLN A 1007 10.88 19.66 22.48
C GLN A 1007 10.58 19.07 23.84
N GLU A 1008 10.03 17.84 23.87
CA GLU A 1008 9.66 17.24 25.14
C GLU A 1008 10.88 16.97 26.00
N ILE A 1009 12.05 16.82 25.39
CA ILE A 1009 13.27 16.75 26.17
C ILE A 1009 13.63 18.13 26.70
N ARG A 1010 13.64 19.13 25.80
CA ARG A 1010 14.04 20.47 26.20
C ARG A 1010 13.09 21.03 27.25
N PHE A 1011 11.78 20.90 27.03
CA PHE A 1011 10.80 21.32 28.02
C PHE A 1011 11.05 20.63 29.35
N LEU A 1012 11.47 19.37 29.31
CA LEU A 1012 11.76 18.66 30.55
C LEU A 1012 13.00 19.23 31.22
N VAL A 1013 14.00 19.61 30.42
CA VAL A 1013 15.25 20.11 30.99
C VAL A 1013 15.05 21.49 31.60
N GLU A 1014 14.45 22.41 30.84
CA GLU A 1014 14.36 23.79 31.30
C GLU A 1014 13.39 23.94 32.47
N THR A 1015 12.25 23.25 32.42
CA THR A 1015 11.26 23.41 33.48
C THR A 1015 11.76 22.85 34.80
N THR A 1016 12.41 21.68 34.78
CA THR A 1016 12.95 21.12 36.02
C THR A 1016 14.06 22.00 36.58
N ARG A 1017 14.89 22.56 35.71
CA ARG A 1017 16.01 23.43 36.17
C ARG A 1017 15.46 24.78 36.64
N GLN A 1018 14.36 25.27 36.07
CA GLN A 1018 13.77 26.53 36.52
C GLN A 1018 13.06 26.36 37.85
N LYS A 1019 12.37 25.23 38.06
CA LYS A 1019 11.66 25.02 39.31
C LYS A 1019 12.63 24.65 40.44
N ASN A 1020 13.68 23.89 40.13
CA ASN A 1020 14.65 23.48 41.14
C ASN A 1020 15.69 24.55 41.42
N ARG A 1021 15.70 25.65 40.66
CA ARG A 1021 16.62 26.75 40.96
C ARG A 1021 16.29 27.38 42.30
N GLU A 1022 15.00 27.47 42.64
CA GLU A 1022 14.60 28.07 43.92
C GLU A 1022 15.12 27.23 45.10
N ILE A 1023 15.09 25.91 44.97
CA ILE A 1023 15.60 25.05 46.03
C ILE A 1023 17.11 25.13 46.09
N GLY A 1061 9.73 17.86 48.54
CA GLY A 1061 9.24 19.14 48.07
C GLY A 1061 9.80 19.54 46.73
N LYS A 1062 10.81 18.81 46.28
CA LYS A 1062 11.43 19.10 44.99
C LYS A 1062 10.49 18.75 43.84
N ALA A 1063 10.45 19.62 42.85
CA ALA A 1063 9.67 19.36 41.65
C ALA A 1063 10.29 18.22 40.85
N LYS A 1064 9.45 17.31 40.38
CA LYS A 1064 9.90 16.15 39.63
C LYS A 1064 9.17 16.06 38.30
N GLY A 1065 9.81 15.38 37.35
CA GLY A 1065 9.30 15.26 36.01
C GLY A 1065 8.72 13.89 35.72
N LEU A 1066 7.92 13.83 34.65
CA LEU A 1066 7.23 12.62 34.25
C LEU A 1066 7.03 12.67 32.75
N LYS A 1067 7.46 11.62 32.06
CA LYS A 1067 7.25 11.45 30.63
C LYS A 1067 6.33 10.26 30.42
N MET A 1068 5.20 10.49 29.75
CA MET A 1068 4.18 9.48 29.53
C MET A 1068 3.89 9.40 28.04
N GLU A 1069 3.76 8.19 27.51
CA GLU A 1069 3.54 7.99 26.09
C GLU A 1069 2.48 6.94 25.88
N ILE A 1070 1.34 7.35 25.34
CA ILE A 1070 0.19 6.48 25.11
C ILE A 1070 0.16 6.15 23.64
N ASN A 1071 0.29 4.85 23.33
CA ASN A 1071 0.20 4.35 21.96
C ASN A 1071 -1.10 3.58 21.87
N ALA A 1072 -2.08 4.14 21.16
CA ALA A 1072 -3.43 3.61 21.17
C ALA A 1072 -3.94 3.35 19.77
N ASP A 1073 -4.83 2.36 19.66
CA ASP A 1073 -5.65 2.16 18.48
C ASP A 1073 -7.09 2.08 18.95
N MET A 1074 -8.02 2.46 18.09
CA MET A 1074 -9.43 2.39 18.44
C MET A 1074 -10.02 1.06 18.01
N SER A 1075 -10.91 0.52 18.84
CA SER A 1075 -11.53 -0.77 18.59
C SER A 1075 -12.79 -0.59 17.75
N LYS A 1076 -12.83 -1.27 16.61
CA LYS A 1076 -13.95 -1.20 15.68
C LYS A 1076 -14.26 0.25 15.30
N TRP A 1077 -13.27 0.87 14.64
CA TRP A 1077 -13.34 2.30 14.35
C TRP A 1077 -14.55 2.64 13.50
N SER A 1078 -14.80 1.87 12.45
CA SER A 1078 -15.93 2.15 11.56
C SER A 1078 -17.15 1.33 11.93
N ALA A 1079 -16.95 0.09 12.41
CA ALA A 1079 -18.07 -0.78 12.72
C ALA A 1079 -18.88 -0.26 13.90
N GLN A 1080 -18.21 0.23 14.94
CA GLN A 1080 -18.86 0.69 16.16
C GLN A 1080 -18.57 2.18 16.32
N ASP A 1081 -19.40 3.00 15.69
CA ASP A 1081 -19.28 4.45 15.75
C ASP A 1081 -20.68 5.06 15.72
N VAL A 1082 -20.78 6.26 16.27
CA VAL A 1082 -22.03 7.01 16.25
C VAL A 1082 -22.00 7.91 15.03
N PHE A 1083 -22.68 7.48 13.96
CA PHE A 1083 -22.68 8.26 12.72
C PHE A 1083 -23.47 9.56 12.87
N TYR A 1084 -24.34 9.62 13.88
CA TYR A 1084 -25.13 10.82 14.11
C TYR A 1084 -24.25 12.01 14.49
N LYS A 1085 -23.13 11.76 15.15
CA LYS A 1085 -22.25 12.84 15.57
C LYS A 1085 -21.68 13.60 14.39
N TYR A 1086 -21.65 12.99 13.20
CA TYR A 1086 -21.18 13.69 12.01
C TYR A 1086 -22.23 14.63 11.44
N PHE A 1087 -23.51 14.43 11.77
CA PHE A 1087 -24.55 15.36 11.33
C PHE A 1087 -24.23 16.76 11.81
N TRP A 1088 -23.90 16.90 13.09
CA TRP A 1088 -23.52 18.19 13.64
C TRP A 1088 -22.28 18.75 12.96
N LEU A 1089 -21.42 17.87 12.43
CA LEU A 1089 -20.25 18.35 11.72
C LEU A 1089 -20.64 19.07 10.43
N ILE A 1090 -21.76 18.68 9.83
CA ILE A 1090 -22.20 19.30 8.58
C ILE A 1090 -23.05 20.54 8.84
N ALA A 1091 -23.91 20.47 9.85
CA ALA A 1091 -24.75 21.62 10.18
C ALA A 1091 -23.91 22.81 10.65
N LEU A 1092 -22.86 22.54 11.43
CA LEU A 1092 -22.04 23.61 11.98
C LEU A 1092 -21.01 24.15 11.01
N ASP A 1093 -20.85 23.53 9.84
CA ASP A 1093 -19.78 23.90 8.93
C ASP A 1093 -20.10 25.26 8.31
N PRO A 1094 -19.26 26.28 8.50
CA PRO A 1094 -19.59 27.62 7.99
C PRO A 1094 -19.23 27.88 6.54
N ILE A 1095 -18.65 26.92 5.83
CA ILE A 1095 -18.30 27.11 4.43
C ILE A 1095 -19.33 26.47 3.50
N LEU A 1096 -20.48 26.07 4.03
CA LEU A 1096 -21.53 25.43 3.24
C LEU A 1096 -22.77 26.30 3.23
N TYR A 1097 -23.43 26.35 2.08
CA TYR A 1097 -24.73 27.00 1.98
C TYR A 1097 -25.80 26.12 2.61
N PRO A 1098 -26.92 26.72 3.04
CA PRO A 1098 -27.99 25.89 3.64
C PRO A 1098 -28.50 24.79 2.72
N GLN A 1099 -28.60 25.07 1.42
CA GLN A 1099 -29.05 24.04 0.48
C GLN A 1099 -28.05 22.90 0.40
N GLU A 1100 -26.75 23.23 0.37
CA GLU A 1100 -25.73 22.19 0.36
C GLU A 1100 -25.76 21.37 1.64
N LYS A 1101 -25.94 22.03 2.79
CA LYS A 1101 -26.06 21.31 4.04
C LYS A 1101 -27.25 20.36 4.02
N GLU A 1102 -28.39 20.82 3.51
CA GLU A 1102 -29.58 19.98 3.47
C GLU A 1102 -29.36 18.77 2.56
N ARG A 1103 -28.72 18.98 1.41
CA ARG A 1103 -28.48 17.86 0.50
C ARG A 1103 -27.50 16.85 1.10
N ILE A 1104 -26.44 17.33 1.75
CA ILE A 1104 -25.48 16.41 2.36
C ILE A 1104 -26.12 15.65 3.51
N LEU A 1105 -26.93 16.33 4.32
CA LEU A 1105 -27.62 15.66 5.42
C LEU A 1105 -28.63 14.64 4.91
N TYR A 1106 -29.29 14.94 3.80
CA TYR A 1106 -30.17 13.96 3.17
C TYR A 1106 -29.39 12.74 2.71
N PHE A 1107 -28.21 12.96 2.11
CA PHE A 1107 -27.38 11.83 1.70
C PHE A 1107 -26.98 10.98 2.90
N MET A 1108 -26.63 11.63 4.02
CA MET A 1108 -26.22 10.87 5.20
C MET A 1108 -27.39 10.11 5.82
N CYS A 1109 -28.58 10.71 5.80
CA CYS A 1109 -29.77 9.99 6.24
C CYS A 1109 -30.03 8.76 5.37
N ASN A 1110 -29.87 8.90 4.06
CA ASN A 1110 -30.02 7.75 3.16
C ASN A 1110 -28.92 6.72 3.38
N TYR A 1111 -27.71 7.18 3.69
CA TYR A 1111 -26.59 6.28 3.94
C TYR A 1111 -26.81 5.45 5.19
N MET A 1112 -27.46 6.03 6.20
CA MET A 1112 -27.82 5.26 7.38
C MET A 1112 -28.86 4.19 7.11
N ASP A 1113 -29.50 4.20 5.93
CA ASP A 1113 -30.47 3.20 5.54
C ASP A 1113 -29.91 2.25 4.48
N LYS A 1114 -28.60 2.12 4.41
CA LYS A 1114 -27.98 1.30 3.38
C LYS A 1114 -28.18 -0.19 3.66
N GLU A 1115 -28.11 -0.97 2.59
CA GLU A 1115 -28.29 -2.42 2.68
C GLU A 1115 -27.04 -3.11 2.14
N LEU A 1116 -26.49 -4.01 2.94
CA LEU A 1116 -25.38 -4.85 2.52
C LEU A 1116 -25.92 -6.07 1.78
N ILE A 1117 -25.36 -6.33 0.61
CA ILE A 1117 -25.72 -7.50 -0.19
C ILE A 1117 -24.78 -8.63 0.17
N LEU A 1118 -25.35 -9.77 0.55
CA LEU A 1118 -24.55 -10.95 0.82
C LEU A 1118 -24.05 -11.52 -0.50
N PRO A 1119 -22.76 -11.82 -0.62
CA PRO A 1119 -22.23 -12.31 -1.91
C PRO A 1119 -22.82 -13.65 -2.29
N ASP A 1120 -22.84 -13.92 -3.59
CA ASP A 1120 -23.44 -15.14 -4.11
C ASP A 1120 -22.73 -16.39 -3.60
N GLU A 1121 -21.40 -16.32 -3.43
CA GLU A 1121 -20.65 -17.48 -2.95
C GLU A 1121 -21.07 -17.87 -1.54
N LEU A 1122 -21.28 -16.87 -0.68
CA LEU A 1122 -21.74 -17.15 0.68
C LEU A 1122 -23.11 -17.82 0.67
N LEU A 1123 -24.00 -17.35 -0.21
CA LEU A 1123 -25.33 -17.94 -0.29
C LEU A 1123 -25.28 -19.35 -0.87
N PHE A 1124 -24.35 -19.60 -1.79
CA PHE A 1124 -24.12 -20.96 -2.26
C PHE A 1124 -23.67 -21.86 -1.12
N ASN A 1125 -22.79 -21.32 -0.27
CA ASN A 1125 -22.34 -22.08 0.91
C ASN A 1125 -23.51 -22.41 1.82
N LEU A 1126 -24.38 -21.43 2.07
CA LEU A 1126 -25.46 -21.63 3.03
C LEU A 1126 -26.56 -22.52 2.45
N LEU A 1127 -26.69 -22.55 1.13
CA LEU A 1127 -27.76 -23.33 0.50
C LEU A 1127 -27.38 -24.78 0.26
N ASP A 1128 -26.17 -25.19 0.67
CA ASP A 1128 -25.69 -26.55 0.43
C ASP A 1128 -25.49 -27.33 1.73
N GLN A 1129 -26.16 -26.95 2.81
CA GLN A 1129 -25.78 -27.44 4.13
C GLN A 1129 -26.48 -28.74 4.49
N LYS A 1130 -27.77 -28.86 4.16
CA LYS A 1130 -28.58 -30.05 4.43
C LYS A 1130 -28.97 -30.17 5.90
N VAL A 1131 -28.41 -29.32 6.76
CA VAL A 1131 -28.70 -29.35 8.18
C VAL A 1131 -28.74 -27.91 8.69
N ALA A 1132 -29.75 -27.62 9.50
CA ALA A 1132 -29.94 -26.27 10.01
C ALA A 1132 -28.90 -25.96 11.09
N TYR A 1133 -28.42 -24.72 11.07
CA TYR A 1133 -27.54 -24.22 12.12
C TYR A 1133 -28.36 -23.85 13.34
N GLN A 1134 -27.83 -24.16 14.53
CA GLN A 1134 -28.62 -24.08 15.75
C GLN A 1134 -29.07 -22.65 16.03
N ASN A 1135 -28.13 -21.70 16.03
CA ASN A 1135 -28.45 -20.28 16.21
C ASN A 1135 -27.83 -19.56 15.02
N ASP A 1136 -28.58 -19.49 13.92
CA ASP A 1136 -28.06 -18.97 12.67
C ASP A 1136 -28.36 -17.48 12.60
N ILE A 1137 -27.34 -16.66 12.83
CA ILE A 1137 -27.51 -15.21 12.75
C ILE A 1137 -27.77 -14.80 11.30
N ILE A 1138 -27.14 -15.49 10.35
CA ILE A 1138 -27.32 -15.15 8.94
C ILE A 1138 -28.76 -15.38 8.51
N ALA A 1139 -29.35 -16.50 8.93
CA ALA A 1139 -30.75 -16.76 8.58
C ALA A 1139 -31.68 -15.78 9.27
N THR A 1140 -31.37 -15.40 10.52
CA THR A 1140 -32.22 -14.45 11.23
C THR A 1140 -32.21 -13.08 10.56
N MET A 1141 -31.03 -12.62 10.13
CA MET A 1141 -30.96 -11.30 9.49
C MET A 1141 -31.59 -11.27 8.11
N THR A 1142 -31.66 -12.41 7.43
CA THR A 1142 -32.20 -12.48 6.08
C THR A 1142 -33.62 -13.03 6.04
N ASN A 1143 -34.29 -13.12 7.19
CA ASN A 1143 -35.65 -13.67 7.27
C ASN A 1143 -35.67 -15.11 6.73
N GLN A 1144 -34.80 -15.94 7.30
CA GLN A 1144 -34.64 -17.33 6.87
C GLN A 1144 -34.29 -17.44 5.40
N LEU A 1145 -33.29 -16.66 4.98
CA LEU A 1145 -32.79 -16.65 3.60
C LEU A 1145 -33.87 -16.25 2.60
N ASN A 1146 -34.80 -15.39 3.03
CA ASN A 1146 -35.80 -14.86 2.11
C ASN A 1146 -35.16 -13.87 1.13
N SER A 1147 -34.20 -13.08 1.60
CA SER A 1147 -33.53 -12.09 0.78
C SER A 1147 -32.02 -12.19 1.01
N ASN A 1148 -31.26 -11.52 0.13
CA ASN A 1148 -29.82 -11.49 0.23
C ASN A 1148 -29.28 -10.16 0.74
N THR A 1149 -30.15 -9.30 1.28
CA THR A 1149 -29.76 -7.98 1.75
C THR A 1149 -30.08 -7.84 3.23
N VAL A 1150 -29.16 -7.21 3.96
CA VAL A 1150 -29.33 -6.92 5.38
C VAL A 1150 -29.08 -5.44 5.59
N LEU A 1151 -30.00 -4.77 6.28
CA LEU A 1151 -29.89 -3.33 6.49
C LEU A 1151 -28.83 -3.05 7.55
N ILE A 1152 -27.88 -2.16 7.21
CA ILE A 1152 -26.80 -1.77 8.11
C ILE A 1152 -26.97 -0.29 8.43
N LYS A 1153 -27.00 0.05 9.71
CA LYS A 1153 -27.39 1.39 10.12
C LYS A 1153 -26.26 2.18 10.77
N ARG A 1154 -25.57 1.62 11.77
CA ARG A 1154 -24.54 2.41 12.51
C ARG A 1154 -23.11 2.04 12.12
N ASN A 1155 -22.90 1.23 11.08
CA ASN A 1155 -21.54 0.91 10.59
C ASN A 1155 -21.32 1.76 9.35
N TRP A 1156 -20.28 2.60 9.33
CA TRP A 1156 -20.09 3.50 8.18
C TRP A 1156 -19.27 2.80 7.10
N LEU A 1157 -18.85 1.56 7.35
CA LEU A 1157 -18.16 0.70 6.34
C LEU A 1157 -16.65 0.91 6.36
N GLN A 1158 -15.89 -0.11 5.98
CA GLN A 1158 -14.42 -0.05 6.12
C GLN A 1158 -13.77 1.01 5.24
N GLY A 1159 -13.44 2.13 5.85
CA GLY A 1159 -12.63 3.16 5.21
C GLY A 1159 -13.37 4.18 4.37
N ASN A 1160 -14.68 4.30 4.51
CA ASN A 1160 -15.44 5.23 3.67
C ASN A 1160 -15.34 6.66 4.18
N PHE A 1161 -15.10 6.85 5.48
CA PHE A 1161 -15.15 8.17 6.11
C PHE A 1161 -13.88 8.40 6.92
N ASN A 1162 -12.73 8.16 6.29
CA ASN A 1162 -11.45 8.26 6.99
C ASN A 1162 -11.21 9.65 7.56
N TYR A 1163 -11.37 10.68 6.73
CA TYR A 1163 -11.00 12.05 7.11
C TYR A 1163 -11.97 12.66 8.12
N THR A 1164 -13.26 12.44 7.94
CA THR A 1164 -14.24 12.95 8.88
C THR A 1164 -14.01 12.37 10.28
N SER A 1165 -13.80 11.06 10.34
CA SER A 1165 -13.51 10.39 11.61
C SER A 1165 -12.20 10.88 12.20
N SER A 1166 -11.19 11.12 11.35
CA SER A 1166 -9.92 11.65 11.84
C SER A 1166 -10.11 13.03 12.47
N TYR A 1167 -10.92 13.87 11.84
CA TYR A 1167 -11.17 15.21 12.39
C TYR A 1167 -11.88 15.14 13.74
N VAL A 1168 -12.88 14.26 13.86
CA VAL A 1168 -13.56 14.13 15.14
C VAL A 1168 -12.62 13.55 16.20
N HIS A 1169 -11.72 12.65 15.79
CA HIS A 1169 -10.72 12.12 16.71
C HIS A 1169 -9.79 13.23 17.21
N SER A 1170 -9.40 14.13 16.32
CA SER A 1170 -8.58 15.27 16.72
C SER A 1170 -9.32 16.17 17.70
N CYS A 1171 -10.63 16.36 17.49
CA CYS A 1171 -11.42 17.12 18.44
C CYS A 1171 -11.44 16.45 19.82
N ALA A 1172 -11.59 15.13 19.84
CA ALA A 1172 -11.56 14.40 21.10
C ALA A 1172 -10.23 14.57 21.81
N MET A 1173 -9.13 14.50 21.05
CA MET A 1173 -7.81 14.72 21.66
C MET A 1173 -7.63 16.15 22.15
N SER A 1174 -8.25 17.13 21.48
CA SER A 1174 -8.22 18.49 21.99
C SER A 1174 -8.94 18.59 23.34
N VAL A 1175 -10.07 17.90 23.48
CA VAL A 1175 -10.76 17.88 24.77
C VAL A 1175 -9.89 17.24 25.84
N TYR A 1176 -9.22 16.13 25.48
CA TYR A 1176 -8.33 15.46 26.42
C TYR A 1176 -7.20 16.38 26.87
N LYS A 1177 -6.62 17.12 25.92
CA LYS A 1177 -5.57 18.08 26.24
C LYS A 1177 -6.08 19.16 27.18
N GLU A 1178 -7.30 19.66 26.94
CA GLU A 1178 -7.87 20.67 27.82
C GLU A 1178 -8.03 20.13 29.24
N ILE A 1179 -8.54 18.90 29.38
CA ILE A 1179 -8.71 18.32 30.71
C ILE A 1179 -7.36 18.17 31.41
N LEU A 1180 -6.35 17.67 30.69
CA LEU A 1180 -5.04 17.50 31.29
C LEU A 1180 -4.44 18.82 31.74
N LYS A 1181 -4.57 19.86 30.90
CA LYS A 1181 -4.02 21.16 31.26
C LYS A 1181 -4.69 21.72 32.50
N GLU A 1182 -6.02 21.61 32.59
CA GLU A 1182 -6.71 22.11 33.78
C GLU A 1182 -6.30 21.31 35.01
N ALA A 1183 -6.19 19.99 34.89
CA ALA A 1183 -5.82 19.17 36.04
C ALA A 1183 -4.42 19.51 36.54
N ILE A 1184 -3.47 19.72 35.62
CA ILE A 1184 -2.12 20.09 36.03
C ILE A 1184 -2.10 21.49 36.63
N THR A 1185 -2.93 22.40 36.09
CA THR A 1185 -3.07 23.72 36.70
C THR A 1185 -3.57 23.60 38.13
N LEU A 1186 -4.41 22.61 38.43
CA LEU A 1186 -4.82 22.37 39.82
C LEU A 1186 -3.63 22.05 40.71
N LEU A 1187 -2.58 21.43 40.15
CA LEU A 1187 -1.38 21.09 40.90
C LEU A 1187 -0.30 22.15 40.81
N ASP A 1188 -0.57 23.26 40.12
CA ASP A 1188 0.39 24.35 39.94
C ASP A 1188 1.69 23.84 39.32
N GLY A 1189 1.55 23.00 38.29
CA GLY A 1189 2.69 22.43 37.61
C GLY A 1189 2.69 22.82 36.14
N SER A 1190 3.68 22.30 35.42
CA SER A 1190 3.83 22.55 34.00
C SER A 1190 3.52 21.28 33.21
N ILE A 1191 2.82 21.44 32.09
CA ILE A 1191 2.40 20.31 31.27
C ILE A 1191 2.62 20.65 29.80
N LEU A 1192 3.04 19.64 29.04
CA LEU A 1192 3.17 19.73 27.59
C LEU A 1192 2.53 18.48 26.99
N VAL A 1193 1.51 18.67 26.16
CA VAL A 1193 0.77 17.57 25.56
C VAL A 1193 0.90 17.67 24.05
N ASN A 1194 1.35 16.59 23.41
CA ASN A 1194 1.45 16.50 21.97
C ASN A 1194 0.70 15.26 21.49
N SER A 1195 -0.28 15.44 20.62
CA SER A 1195 -1.09 14.35 20.12
C SER A 1195 -0.91 14.21 18.61
N LEU A 1196 -0.57 13.02 18.16
CA LEU A 1196 -0.52 12.67 16.75
C LEU A 1196 -1.68 11.73 16.44
N VAL A 1197 -2.51 12.11 15.48
CA VAL A 1197 -3.73 11.39 15.15
C VAL A 1197 -3.67 10.93 13.70
N HIS A 1198 -3.93 9.65 13.48
CA HIS A 1198 -4.14 9.09 12.15
C HIS A 1198 -5.56 8.54 12.14
N SER A 1199 -5.90 7.73 11.13
CA SER A 1199 -7.28 7.28 10.95
C SER A 1199 -7.92 6.85 12.26
N ASP A 1200 -7.37 5.82 12.90
CA ASP A 1200 -7.78 5.45 14.26
C ASP A 1200 -6.63 5.29 15.23
N ASP A 1201 -5.42 5.53 14.72
CA ASP A 1201 -4.17 5.39 15.53
C ASP A 1201 -3.88 6.72 16.24
N ASN A 1202 -3.39 6.64 17.46
CA ASN A 1202 -3.13 7.84 18.26
C ASN A 1202 -1.77 7.71 18.92
N GLN A 1203 -1.04 8.81 19.05
CA GLN A 1203 0.23 8.79 19.81
C GLN A 1203 0.21 10.03 20.70
N THR A 1204 -0.06 9.86 22.00
CA THR A 1204 -0.17 11.03 22.87
C THR A 1204 1.01 11.05 23.83
N SER A 1205 1.74 12.16 23.83
CA SER A 1205 2.93 12.33 24.66
C SER A 1205 2.65 13.43 25.68
N ILE A 1206 2.97 13.15 26.94
CA ILE A 1206 2.62 14.00 28.06
C ILE A 1206 3.90 14.23 28.86
N THR A 1207 4.29 15.48 29.03
CA THR A 1207 5.44 15.84 29.85
C THR A 1207 4.95 16.71 30.99
N ILE A 1208 5.17 16.26 32.22
CA ILE A 1208 4.61 16.94 33.40
C ILE A 1208 5.74 17.19 34.39
N VAL A 1209 5.80 18.42 34.91
CA VAL A 1209 6.73 18.78 35.96
C VAL A 1209 5.90 19.33 37.12
N GLN A 1210 5.95 18.64 38.27
CA GLN A 1210 5.15 19.06 39.41
C GLN A 1210 5.73 18.41 40.67
N ASP A 1211 5.24 18.86 41.83
CA ASP A 1211 5.71 18.37 43.11
C ASP A 1211 4.60 18.05 44.10
N LYS A 1212 3.33 18.17 43.72
CA LYS A 1212 2.25 17.97 44.68
C LYS A 1212 2.05 16.50 45.04
N MET A 1213 2.05 15.61 44.04
CA MET A 1213 1.71 14.22 44.26
C MET A 1213 2.64 13.31 43.50
N GLU A 1214 2.46 11.99 43.72
CA GLU A 1214 3.35 10.98 43.09
C GLU A 1214 3.02 10.79 41.61
N ASN A 1215 4.00 10.31 40.83
CA ASN A 1215 3.80 10.08 39.37
C ASN A 1215 2.75 8.98 39.15
N ASP A 1216 2.73 7.94 39.98
CA ASP A 1216 1.79 6.80 39.78
C ASP A 1216 0.35 7.29 39.77
N LYS A 1217 -0.01 8.22 40.65
CA LYS A 1217 -1.35 8.80 40.64
C LYS A 1217 -1.60 9.55 39.34
N ILE A 1218 -0.60 10.29 38.86
CA ILE A 1218 -0.75 11.05 37.62
C ILE A 1218 -0.92 10.12 36.43
N ILE A 1219 -0.16 9.02 36.40
CA ILE A 1219 -0.30 8.06 35.32
C ILE A 1219 -1.69 7.44 35.31
N ASP A 1220 -2.17 7.03 36.50
CA ASP A 1220 -3.50 6.46 36.61
C ASP A 1220 -4.57 7.45 36.15
N PHE A 1221 -4.46 8.69 36.60
CA PHE A 1221 -5.43 9.72 36.21
C PHE A 1221 -5.41 9.97 34.71
N ALA A 1222 -4.21 10.07 34.14
CA ALA A 1222 -4.09 10.37 32.71
C ALA A 1222 -4.66 9.24 31.87
N MET A 1223 -4.40 7.99 32.25
CA MET A 1223 -4.94 6.89 31.47
C MET A 1223 -6.45 6.80 31.59
N LYS A 1224 -6.99 6.99 32.81
CA LYS A 1224 -8.44 7.00 32.97
C LYS A 1224 -9.08 8.11 32.14
N GLU A 1225 -8.47 9.29 32.14
CA GLU A 1225 -9.02 10.41 31.39
C GLU A 1225 -8.90 10.18 29.89
N PHE A 1226 -7.85 9.49 29.45
CA PHE A 1226 -7.75 9.15 28.03
C PHE A 1226 -8.88 8.23 27.62
N GLU A 1227 -9.14 7.19 28.41
CA GLU A 1227 -10.26 6.30 28.09
C GLU A 1227 -11.58 7.05 28.09
N ARG A 1228 -11.80 7.92 29.08
CA ARG A 1228 -13.05 8.66 29.15
C ARG A 1228 -13.20 9.64 27.99
N ALA A 1229 -12.09 10.27 27.57
CA ALA A 1229 -12.16 11.22 26.47
C ALA A 1229 -12.43 10.50 25.15
N CYS A 1230 -11.88 9.30 24.98
CA CYS A 1230 -12.25 8.50 23.82
C CYS A 1230 -13.73 8.12 23.88
N LEU A 1231 -14.22 7.74 25.06
CA LEU A 1231 -15.61 7.29 25.18
C LEU A 1231 -16.60 8.42 24.97
N THR A 1232 -16.24 9.65 25.36
CA THR A 1232 -17.17 10.77 25.22
C THR A 1232 -17.46 11.12 23.76
N PHE A 1233 -16.64 10.67 22.82
CA PHE A 1233 -16.82 10.96 21.41
C PHE A 1233 -17.20 9.72 20.60
N GLY A 1234 -17.73 8.69 21.26
CA GLY A 1234 -18.14 7.49 20.56
C GLY A 1234 -17.01 6.60 20.10
N CYS A 1235 -15.85 6.69 20.73
CA CYS A 1235 -14.70 5.86 20.39
C CYS A 1235 -14.30 5.01 21.60
N GLN A 1236 -13.66 3.89 21.32
CA GLN A 1236 -13.20 2.98 22.36
C GLN A 1236 -11.76 2.57 22.07
N ALA A 1237 -10.89 2.69 23.07
CA ALA A 1237 -9.51 2.29 22.91
C ALA A 1237 -9.40 0.78 22.80
N ASN A 1238 -8.60 0.32 21.83
CA ASN A 1238 -8.41 -1.11 21.62
C ASN A 1238 -7.38 -1.65 22.61
N MET A 1239 -7.83 -2.53 23.51
CA MET A 1239 -6.92 -3.05 24.53
C MET A 1239 -5.84 -3.93 23.92
N LYS A 1240 -6.02 -4.36 22.68
CA LYS A 1240 -4.98 -5.20 22.02
C LYS A 1240 -3.79 -4.33 21.60
N LYS A 1241 -4.01 -3.06 21.28
CA LYS A 1241 -2.94 -2.24 20.72
C LYS A 1241 -2.67 -0.96 21.51
N THR A 1242 -3.27 -0.80 22.68
CA THR A 1242 -3.10 0.40 23.49
C THR A 1242 -2.22 0.08 24.69
N TYR A 1243 -1.16 0.87 24.88
CA TYR A 1243 -0.29 0.70 26.03
C TYR A 1243 0.40 2.01 26.35
N VAL A 1244 0.95 2.08 27.56
CA VAL A 1244 1.58 3.29 28.08
C VAL A 1244 3.04 2.97 28.42
N THR A 1245 3.94 3.81 27.92
CA THR A 1245 5.37 3.66 28.18
C THR A 1245 5.95 4.98 28.64
N ASN A 1246 7.25 4.95 28.93
CA ASN A 1246 7.99 6.15 29.32
C ASN A 1246 8.77 6.76 28.18
N CYS A 1247 9.36 5.94 27.30
CA CYS A 1247 10.33 6.43 26.34
C CYS A 1247 10.08 5.93 24.92
N ILE A 1248 9.24 4.91 24.77
CA ILE A 1248 9.02 4.28 23.47
C ILE A 1248 7.75 4.86 22.85
N LYS A 1249 7.90 5.64 21.79
CA LYS A 1249 6.77 6.11 21.00
C LYS A 1249 6.58 5.14 19.84
N GLU A 1250 5.35 4.67 19.63
CA GLU A 1250 5.02 3.82 18.50
C GLU A 1250 3.88 4.45 17.73
N PHE A 1251 4.22 5.18 16.67
CA PHE A 1251 3.21 5.63 15.73
C PHE A 1251 3.10 4.55 14.66
N VAL A 1252 2.52 4.86 13.50
CA VAL A 1252 2.16 3.81 12.56
C VAL A 1252 3.42 3.16 11.99
N SER A 1253 3.79 2.02 12.58
CA SER A 1253 4.97 1.21 12.24
C SER A 1253 6.28 1.95 12.43
N LEU A 1254 6.30 3.06 13.16
CA LEU A 1254 7.50 3.86 13.36
C LEU A 1254 7.73 4.07 14.84
N PHE A 1255 8.99 4.04 15.26
CA PHE A 1255 9.34 4.10 16.66
C PHE A 1255 10.21 5.31 16.95
N ASN A 1256 10.08 5.82 18.17
CA ASN A 1256 10.98 6.85 18.69
C ASN A 1256 11.41 6.39 20.07
N LEU A 1257 12.67 5.96 20.19
CA LEU A 1257 13.22 5.50 21.46
C LEU A 1257 13.92 6.69 22.12
N TYR A 1258 13.20 7.35 23.01
CA TYR A 1258 13.65 8.56 23.72
C TYR A 1258 14.45 9.48 22.81
N GLY A 1259 13.84 9.90 21.72
CA GLY A 1259 14.42 10.85 20.80
C GLY A 1259 15.11 10.23 19.60
N GLU A 1260 15.47 8.95 19.67
CA GLU A 1260 16.17 8.32 18.56
C GLU A 1260 15.17 7.67 17.62
N PRO A 1261 15.10 8.07 16.36
CA PRO A 1261 14.19 7.40 15.42
C PRO A 1261 14.57 5.94 15.22
N PHE A 1262 13.56 5.11 14.96
CA PHE A 1262 13.79 3.69 14.83
C PHE A 1262 12.71 3.08 13.95
N SER A 1263 13.10 2.06 13.20
CA SER A 1263 12.18 1.35 12.33
C SER A 1263 12.69 -0.08 12.16
N ILE A 1264 11.75 -1.03 12.07
CA ILE A 1264 12.11 -2.41 11.82
C ILE A 1264 12.29 -2.56 10.31
N TYR A 1265 13.50 -2.31 9.83
CA TYR A 1265 13.77 -2.36 8.40
C TYR A 1265 13.65 -3.76 7.83
N GLY A 1266 13.78 -4.80 8.66
CA GLY A 1266 13.67 -6.15 8.17
C GLY A 1266 12.33 -6.45 7.52
N ARG A 1267 11.28 -5.76 7.98
CA ARG A 1267 9.96 -5.97 7.38
C ARG A 1267 9.96 -5.58 5.90
N PHE A 1268 10.85 -4.67 5.51
CA PHE A 1268 10.98 -4.36 4.10
C PHE A 1268 11.75 -5.45 3.36
N LEU A 1269 12.74 -6.05 4.01
CA LEU A 1269 13.48 -7.15 3.38
C LEU A 1269 12.60 -8.39 3.26
N LEU A 1270 12.00 -8.81 4.38
CA LEU A 1270 11.19 -10.02 4.39
C LEU A 1270 10.05 -9.95 3.39
N THR A 1271 9.34 -8.83 3.37
CA THR A 1271 8.25 -8.66 2.41
C THR A 1271 8.75 -8.84 0.98
N SER A 1272 9.95 -8.35 0.68
CA SER A 1272 10.48 -8.49 -0.67
C SER A 1272 10.60 -9.96 -1.05
N VAL A 1273 11.01 -10.80 -0.09
CA VAL A 1273 11.02 -12.24 -0.34
C VAL A 1273 9.60 -12.78 -0.39
N GLY A 1274 8.74 -12.30 0.51
CA GLY A 1274 7.43 -12.91 0.67
C GLY A 1274 6.50 -12.66 -0.49
N ASP A 1275 6.44 -11.43 -0.97
CA ASP A 1275 5.44 -11.01 -1.95
C ASP A 1275 6.06 -11.00 -3.34
N CYS A 1276 5.40 -11.65 -4.29
CA CYS A 1276 5.80 -11.62 -5.68
C CYS A 1276 4.55 -11.66 -6.55
N ALA A 1277 4.43 -10.69 -7.45
CA ALA A 1277 3.32 -10.67 -8.40
C ALA A 1277 3.53 -11.55 -9.60
N TYR A 1278 4.78 -11.99 -9.83
CA TYR A 1278 5.13 -12.87 -10.95
C TYR A 1278 4.78 -12.27 -12.30
N ILE A 1279 4.89 -10.95 -12.43
CA ILE A 1279 4.60 -10.29 -13.70
C ILE A 1279 5.69 -10.59 -14.72
N GLY A 1280 6.95 -10.48 -14.30
CA GLY A 1280 8.07 -10.72 -15.18
C GLY A 1280 9.39 -10.59 -14.45
N PRO A 1281 10.49 -10.93 -15.13
CA PRO A 1281 11.80 -10.87 -14.45
C PRO A 1281 12.18 -9.46 -14.01
N TYR A 1282 12.18 -8.50 -14.94
CA TYR A 1282 12.60 -7.14 -14.60
C TYR A 1282 11.63 -6.50 -13.61
N GLU A 1283 10.33 -6.76 -13.75
CA GLU A 1283 9.36 -6.16 -12.84
C GLU A 1283 9.55 -6.66 -11.41
N ASP A 1284 9.71 -7.97 -11.25
CA ASP A 1284 9.95 -8.52 -9.92
C ASP A 1284 11.26 -8.01 -9.34
N LEU A 1285 12.31 -7.96 -10.17
CA LEU A 1285 13.60 -7.46 -9.70
C LEU A 1285 13.51 -6.00 -9.28
N ALA A 1286 12.78 -5.19 -10.06
CA ALA A 1286 12.65 -3.77 -9.73
C ALA A 1286 11.88 -3.57 -8.44
N SER A 1287 10.80 -4.33 -8.23
CA SER A 1287 10.06 -4.23 -6.97
C SER A 1287 10.94 -4.63 -5.79
N ARG A 1288 11.70 -5.72 -5.94
CA ARG A 1288 12.56 -6.15 -4.84
C ARG A 1288 13.66 -5.14 -4.56
N ILE A 1289 14.24 -4.54 -5.59
CA ILE A 1289 15.29 -3.54 -5.40
C ILE A 1289 14.73 -2.28 -4.75
N SER A 1290 13.51 -1.89 -5.13
CA SER A 1290 12.85 -0.76 -4.47
C SER A 1290 12.62 -1.04 -3.00
N SER A 1291 12.21 -2.27 -2.67
CA SER A 1291 12.05 -2.64 -1.27
C SER A 1291 13.38 -2.57 -0.52
N ALA A 1292 14.46 -3.03 -1.15
CA ALA A 1292 15.78 -2.94 -0.54
C ALA A 1292 16.20 -1.49 -0.31
N GLN A 1293 15.90 -0.61 -1.27
CA GLN A 1293 16.20 0.81 -1.11
C GLN A 1293 15.41 1.41 0.05
N THR A 1294 14.13 1.04 0.16
CA THR A 1294 13.32 1.50 1.29
C THR A 1294 13.91 1.03 2.61
N ALA A 1295 14.38 -0.22 2.65
CA ALA A 1295 15.04 -0.72 3.87
C ALA A 1295 16.31 0.06 4.17
N ILE A 1296 17.06 0.42 3.14
CA ILE A 1296 18.28 1.20 3.35
C ILE A 1296 17.96 2.55 3.96
N LYS A 1297 16.91 3.22 3.45
CA LYS A 1297 16.55 4.52 4.01
C LYS A 1297 16.12 4.42 5.47
N HIS A 1298 15.70 3.24 5.91
CA HIS A 1298 15.17 3.05 7.26
C HIS A 1298 16.21 2.52 8.25
N GLY A 1299 17.48 2.45 7.84
CA GLY A 1299 18.54 2.08 8.75
C GLY A 1299 19.15 0.71 8.54
N CYS A 1300 18.92 0.07 7.40
CA CYS A 1300 19.51 -1.24 7.15
C CYS A 1300 21.02 -1.12 7.02
N PRO A 1301 21.80 -1.96 7.70
CA PRO A 1301 23.24 -1.96 7.52
C PRO A 1301 23.62 -2.39 6.11
N PRO A 1302 24.75 -1.90 5.59
CA PRO A 1302 25.08 -2.18 4.18
C PRO A 1302 25.17 -3.65 3.83
N SER A 1303 25.72 -4.49 4.72
CA SER A 1303 25.89 -5.90 4.39
C SER A 1303 24.55 -6.60 4.25
N LEU A 1304 23.59 -6.28 5.12
CA LEU A 1304 22.27 -6.88 5.02
C LEU A 1304 21.55 -6.40 3.75
N ALA A 1305 21.75 -5.15 3.36
CA ALA A 1305 21.17 -4.66 2.10
C ALA A 1305 21.77 -5.40 0.91
N TRP A 1306 23.08 -5.64 0.92
CA TRP A 1306 23.70 -6.40 -0.16
C TRP A 1306 23.19 -7.83 -0.19
N VAL A 1307 23.00 -8.43 0.99
CA VAL A 1307 22.44 -9.77 1.05
C VAL A 1307 21.03 -9.79 0.47
N SER A 1308 20.22 -8.78 0.80
CA SER A 1308 18.87 -8.70 0.26
C SER A 1308 18.88 -8.57 -1.26
N ILE A 1309 19.77 -7.74 -1.80
CA ILE A 1309 19.85 -7.57 -3.24
C ILE A 1309 20.30 -8.87 -3.91
N ALA A 1310 21.27 -9.56 -3.29
CA ALA A 1310 21.73 -10.83 -3.83
C ALA A 1310 20.60 -11.86 -3.85
N ILE A 1311 19.84 -11.93 -2.77
CA ILE A 1311 18.73 -12.89 -2.69
C ILE A 1311 17.66 -12.54 -3.73
N SER A 1312 17.40 -11.24 -3.92
CA SER A 1312 16.43 -10.83 -4.92
C SER A 1312 16.86 -11.26 -6.31
N HIS A 1313 18.12 -11.01 -6.68
CA HIS A 1313 18.61 -11.43 -7.98
C HIS A 1313 18.55 -12.94 -8.14
N TRP A 1314 18.96 -13.68 -7.10
CA TRP A 1314 18.97 -15.13 -7.16
C TRP A 1314 17.57 -15.70 -7.33
N MET A 1315 16.60 -15.18 -6.57
CA MET A 1315 15.24 -15.67 -6.68
C MET A 1315 14.62 -15.33 -8.04
N THR A 1316 14.90 -14.13 -8.55
CA THR A 1316 14.41 -13.77 -9.88
C THR A 1316 14.99 -14.69 -10.94
N SER A 1317 16.28 -15.00 -10.85
CA SER A 1317 16.89 -15.91 -11.82
C SER A 1317 16.33 -17.32 -11.69
N LEU A 1318 16.05 -17.75 -10.46
CA LEU A 1318 15.44 -19.07 -10.25
C LEU A 1318 14.06 -19.15 -10.90
N THR A 1319 13.25 -18.10 -10.74
CA THR A 1319 11.88 -18.15 -11.24
C THR A 1319 11.85 -18.28 -12.76
N TYR A 1320 12.71 -17.55 -13.47
CA TYR A 1320 12.64 -17.46 -14.92
C TYR A 1320 13.77 -18.19 -15.62
N ASN A 1321 14.41 -19.14 -14.94
CA ASN A 1321 15.43 -20.00 -15.54
C ASN A 1321 16.57 -19.18 -16.16
N MET A 1322 17.03 -18.16 -15.42
CA MET A 1322 18.09 -17.28 -15.89
C MET A 1322 19.43 -17.58 -15.23
N LEU A 1323 19.51 -18.62 -14.42
CA LEU A 1323 20.76 -18.97 -13.77
C LEU A 1323 21.77 -19.46 -14.80
N PRO A 1324 23.07 -19.39 -14.49
CA PRO A 1324 24.09 -19.82 -15.45
C PRO A 1324 23.86 -21.25 -15.90
N GLY A 1325 23.83 -21.45 -17.22
CA GLY A 1325 23.59 -22.74 -17.81
C GLY A 1325 22.13 -23.08 -18.06
N GLN A 1326 21.21 -22.24 -17.61
CA GLN A 1326 19.79 -22.51 -17.79
C GLN A 1326 19.29 -21.92 -19.11
N SER A 1327 18.03 -22.21 -19.43
CA SER A 1327 17.52 -21.94 -20.77
C SER A 1327 17.51 -20.45 -21.08
N ASN A 1328 17.07 -19.62 -20.14
CA ASN A 1328 16.96 -18.19 -20.37
C ASN A 1328 18.20 -17.42 -19.91
N ASP A 1329 19.34 -18.09 -19.84
CA ASP A 1329 20.58 -17.41 -19.46
C ASP A 1329 21.04 -16.51 -20.60
N PRO A 1330 21.19 -15.21 -20.38
CA PRO A 1330 21.45 -14.28 -21.49
C PRO A 1330 22.92 -14.00 -21.79
N ILE A 1331 23.86 -14.71 -21.16
CA ILE A 1331 25.26 -14.34 -21.28
C ILE A 1331 25.80 -14.59 -22.68
N ASP A 1332 25.35 -15.67 -23.32
CA ASP A 1332 25.93 -16.05 -24.62
C ASP A 1332 25.39 -15.20 -25.75
N TYR A 1333 24.24 -14.55 -25.55
CA TYR A 1333 23.62 -13.81 -26.65
C TYR A 1333 24.10 -12.38 -26.71
N PHE A 1334 24.60 -11.84 -25.62
CA PHE A 1334 25.01 -10.45 -25.57
C PHE A 1334 26.53 -10.33 -25.48
N PRO A 1335 27.10 -9.22 -25.97
CA PRO A 1335 28.55 -9.00 -25.83
C PRO A 1335 28.93 -8.66 -24.40
N ALA A 1336 28.96 -9.68 -23.55
CA ALA A 1336 29.23 -9.49 -22.13
C ALA A 1336 29.97 -10.71 -21.59
N GLU A 1337 30.94 -10.45 -20.71
CA GLU A 1337 31.66 -11.56 -20.09
C GLU A 1337 30.94 -12.06 -18.85
N ASN A 1338 30.32 -11.16 -18.08
CA ASN A 1338 29.62 -11.52 -16.87
C ASN A 1338 28.22 -10.91 -16.89
N ARG A 1339 27.38 -11.36 -15.94
CA ARG A 1339 26.04 -10.81 -15.82
C ARG A 1339 26.08 -9.36 -15.38
N LYS A 1340 27.16 -8.93 -14.72
CA LYS A 1340 27.36 -7.54 -14.35
C LYS A 1340 27.44 -6.62 -15.54
N ASP A 1341 27.81 -7.13 -16.71
CA ASP A 1341 27.99 -6.33 -17.91
C ASP A 1341 26.70 -6.12 -18.69
N ILE A 1342 25.60 -6.74 -18.26
CA ILE A 1342 24.30 -6.62 -18.91
C ILE A 1342 23.40 -5.80 -18.01
N PRO A 1343 22.64 -4.84 -18.55
CA PRO A 1343 21.68 -4.12 -17.72
C PRO A 1343 20.60 -5.05 -17.17
N ILE A 1344 20.11 -4.70 -15.98
CA ILE A 1344 19.08 -5.52 -15.32
C ILE A 1344 17.81 -5.58 -16.15
N GLU A 1345 17.59 -4.59 -17.02
CA GLU A 1345 16.44 -4.64 -17.92
C GLU A 1345 16.54 -5.76 -18.94
N LEU A 1346 17.76 -6.25 -19.20
CA LEU A 1346 18.00 -7.34 -20.15
C LEU A 1346 18.41 -8.61 -19.43
N ASN A 1347 17.88 -8.81 -18.22
CA ASN A 1347 18.11 -10.00 -17.43
C ASN A 1347 19.56 -10.09 -16.97
N GLY A 1348 20.14 -8.94 -16.63
CA GLY A 1348 21.43 -8.87 -16.00
C GLY A 1348 21.31 -8.62 -14.50
N VAL A 1349 22.46 -8.51 -13.86
CA VAL A 1349 22.51 -8.25 -12.43
C VAL A 1349 23.01 -6.83 -12.21
N LEU A 1350 22.62 -6.27 -11.06
CA LEU A 1350 22.80 -4.85 -10.79
C LEU A 1350 24.23 -4.58 -10.33
N ASP A 1351 24.89 -3.62 -10.98
CA ASP A 1351 26.23 -3.19 -10.63
C ASP A 1351 26.16 -1.68 -10.35
N ALA A 1352 26.16 -1.33 -9.06
CA ALA A 1352 26.10 0.07 -8.64
C ALA A 1352 26.43 0.14 -7.17
N PRO A 1353 27.04 1.25 -6.72
CA PRO A 1353 27.28 1.41 -5.28
C PRO A 1353 25.98 1.52 -4.51
N LEU A 1354 26.02 1.13 -3.24
CA LEU A 1354 24.82 1.15 -2.41
C LEU A 1354 24.28 2.56 -2.23
N SER A 1355 25.17 3.56 -2.23
CA SER A 1355 24.74 4.95 -2.15
C SER A 1355 23.88 5.33 -3.36
N MET A 1356 24.31 4.90 -4.55
CA MET A 1356 23.55 5.20 -5.76
C MET A 1356 22.18 4.52 -5.73
N ILE A 1357 22.13 3.27 -5.27
CA ILE A 1357 20.86 2.57 -5.16
C ILE A 1357 19.94 3.27 -4.17
N SER A 1358 20.50 3.74 -3.06
CA SER A 1358 19.70 4.44 -2.06
C SER A 1358 19.13 5.74 -2.62
N THR A 1359 19.95 6.50 -3.36
CA THR A 1359 19.47 7.78 -3.87
C THR A 1359 18.62 7.61 -5.13
N VAL A 1360 19.18 7.03 -6.18
CA VAL A 1360 18.45 6.79 -7.42
C VAL A 1360 18.36 5.29 -7.65
N GLY A 1361 17.24 4.70 -7.26
CA GLY A 1361 17.13 3.25 -7.18
C GLY A 1361 17.38 2.48 -8.46
N LEU A 1362 16.46 2.58 -9.42
CA LEU A 1362 16.56 1.75 -10.62
C LEU A 1362 17.48 2.38 -11.66
N GLU A 1363 17.60 3.71 -11.65
CA GLU A 1363 18.49 4.39 -12.58
C GLU A 1363 19.95 4.34 -12.15
N SER A 1364 20.26 3.63 -11.06
CA SER A 1364 21.63 3.60 -10.57
C SER A 1364 22.55 2.85 -11.54
N GLY A 1365 22.04 1.82 -12.21
CA GLY A 1365 22.89 1.05 -13.10
C GLY A 1365 23.39 1.85 -14.28
N ASN A 1366 22.51 2.60 -14.94
CA ASN A 1366 22.93 3.41 -16.07
C ASN A 1366 23.89 4.51 -15.65
N LEU A 1367 23.60 5.16 -14.52
CA LEU A 1367 24.47 6.21 -14.02
C LEU A 1367 25.86 5.66 -13.70
N TYR A 1368 25.91 4.50 -13.05
CA TYR A 1368 27.21 3.93 -12.69
C TYR A 1368 27.98 3.47 -13.92
N PHE A 1369 27.28 2.92 -14.92
CA PHE A 1369 27.95 2.56 -16.16
C PHE A 1369 28.53 3.79 -16.85
N LEU A 1370 27.77 4.89 -16.89
CA LEU A 1370 28.27 6.11 -17.51
C LEU A 1370 29.46 6.67 -16.74
N ILE A 1371 29.42 6.61 -15.41
CA ILE A 1371 30.54 7.11 -14.61
C ILE A 1371 31.77 6.24 -14.79
N LYS A 1372 31.59 4.92 -14.87
CA LYS A 1372 32.72 4.03 -15.15
C LYS A 1372 33.32 4.35 -16.51
N LEU A 1373 32.47 4.61 -17.50
CA LEU A 1373 32.95 4.90 -18.87
C LEU A 1373 33.75 6.20 -18.83
N LEU A 1374 33.29 7.19 -18.07
CA LEU A 1374 33.97 8.50 -18.00
C LEU A 1374 35.37 8.29 -17.43
N SER A 1375 35.50 7.53 -16.35
CA SER A 1375 36.82 7.31 -15.70
C SER A 1375 37.77 6.58 -16.66
N LYS A 1376 37.28 5.58 -17.38
CA LYS A 1376 38.12 4.78 -18.29
C LYS A 1376 38.65 5.66 -19.42
N TYR A 1377 37.82 6.54 -19.99
CA TYR A 1377 38.26 7.30 -21.18
C TYR A 1377 38.55 8.77 -20.87
N THR A 1378 38.53 9.17 -19.61
CA THR A 1378 38.89 10.58 -19.28
C THR A 1378 40.42 10.72 -19.19
N PRO A 1379 41.08 11.74 -19.83
CA PRO A 1379 42.52 11.90 -19.77
C PRO A 1379 43.02 11.96 -18.32
N VAL A 1380 44.27 11.54 -18.14
CA VAL A 1380 44.83 11.35 -16.80
C VAL A 1380 44.85 12.66 -16.01
N MET A 1381 44.97 13.80 -16.70
CA MET A 1381 45.00 15.07 -15.99
C MET A 1381 43.64 15.46 -15.44
N GLN A 1382 42.56 14.87 -15.98
CA GLN A 1382 41.20 15.20 -15.57
C GLN A 1382 40.51 14.03 -14.88
N LYS A 1383 41.25 13.14 -14.25
CA LYS A 1383 40.60 11.94 -13.66
C LYS A 1383 39.72 12.35 -12.47
N ARG A 1384 40.18 13.34 -11.68
CA ARG A 1384 39.43 13.77 -10.51
C ARG A 1384 39.05 15.25 -10.70
N GLU A 1385 37.93 15.47 -11.37
CA GLU A 1385 37.36 16.80 -11.57
C GLU A 1385 35.85 16.70 -11.46
N SER A 1386 35.19 17.84 -11.58
CA SER A 1386 33.74 17.86 -11.62
C SER A 1386 33.24 17.08 -12.83
N VAL A 1387 32.12 16.39 -12.66
CA VAL A 1387 31.59 15.56 -13.73
C VAL A 1387 31.27 16.39 -14.96
N VAL A 1388 30.99 17.68 -14.78
CA VAL A 1388 30.74 18.56 -15.92
C VAL A 1388 31.99 18.67 -16.78
N ASN A 1389 33.16 18.87 -16.15
CA ASN A 1389 34.39 19.01 -16.89
C ASN A 1389 34.80 17.73 -17.60
N GLN A 1390 34.53 16.58 -16.99
CA GLN A 1390 34.88 15.27 -17.61
C GLN A 1390 33.93 14.98 -18.78
N ILE A 1391 32.65 15.34 -18.66
CA ILE A 1391 31.65 15.15 -19.75
C ILE A 1391 32.02 16.01 -20.95
N ALA A 1392 32.57 17.19 -20.72
CA ALA A 1392 32.94 18.12 -21.83
C ALA A 1392 33.97 17.48 -22.76
N GLU A 1393 34.82 16.59 -22.24
CA GLU A 1393 35.90 15.97 -23.05
C GLU A 1393 35.38 14.76 -23.85
N VAL A 1394 34.09 14.44 -23.76
CA VAL A 1394 33.49 13.28 -24.50
C VAL A 1394 33.61 13.56 -26.01
N LYS A 1395 33.68 14.83 -26.39
CA LYS A 1395 33.86 15.21 -27.82
C LYS A 1395 35.20 14.66 -28.33
N ASN A 1396 36.17 14.44 -27.44
CA ASN A 1396 37.51 13.97 -27.84
C ASN A 1396 37.57 12.44 -27.92
N TRP A 1397 36.53 11.74 -27.46
CA TRP A 1397 36.56 10.29 -27.46
C TRP A 1397 36.57 9.74 -28.88
N LYS A 1398 37.13 8.54 -29.03
CA LYS A 1398 37.11 7.81 -30.29
C LYS A 1398 36.13 6.65 -30.18
N VAL A 1399 35.13 6.62 -31.06
CA VAL A 1399 34.12 5.58 -31.01
C VAL A 1399 34.72 4.22 -31.35
N GLU A 1400 35.70 4.19 -32.26
CA GLU A 1400 36.33 2.93 -32.62
C GLU A 1400 37.16 2.37 -31.47
N ASP A 1401 37.51 3.21 -30.49
CA ASP A 1401 38.29 2.74 -29.35
C ASP A 1401 37.43 2.04 -28.31
N LEU A 1402 36.11 2.20 -28.36
CA LEU A 1402 35.24 1.56 -27.39
C LEU A 1402 35.17 0.05 -27.63
N THR A 1403 34.81 -0.68 -26.59
CA THR A 1403 34.67 -2.12 -26.66
C THR A 1403 33.26 -2.48 -27.14
N ASP A 1404 33.06 -3.76 -27.47
CA ASP A 1404 31.74 -4.22 -27.91
C ASP A 1404 30.69 -4.06 -26.82
N ASN A 1405 31.04 -4.37 -25.57
CA ASN A 1405 30.11 -4.19 -24.47
C ASN A 1405 29.71 -2.74 -24.29
N GLU A 1406 30.69 -1.83 -24.34
CA GLU A 1406 30.40 -0.42 -24.15
C GLU A 1406 29.54 0.12 -25.28
N ILE A 1407 29.83 -0.27 -26.51
CA ILE A 1407 29.02 0.16 -27.65
C ILE A 1407 27.59 -0.38 -27.53
N PHE A 1408 27.46 -1.65 -27.13
CA PHE A 1408 26.14 -2.26 -27.00
C PHE A 1408 25.30 -1.57 -25.93
N ARG A 1409 25.91 -1.29 -24.77
CA ARG A 1409 25.18 -0.61 -23.70
C ARG A 1409 24.88 0.85 -24.05
N LEU A 1410 25.79 1.53 -24.73
CA LEU A 1410 25.53 2.90 -25.16
C LEU A 1410 24.41 2.95 -26.20
N LYS A 1411 24.36 1.96 -27.09
CA LYS A 1411 23.25 1.87 -28.03
C LYS A 1411 21.94 1.65 -27.31
N ILE A 1412 21.93 0.80 -26.29
CA ILE A 1412 20.72 0.61 -25.49
C ILE A 1412 20.29 1.94 -24.88
N LEU A 1413 21.23 2.67 -24.28
CA LEU A 1413 20.89 3.93 -23.64
C LEU A 1413 20.36 4.95 -24.65
N ARG A 1414 20.98 5.02 -25.84
CA ARG A 1414 20.60 6.04 -26.80
C ARG A 1414 19.27 5.73 -27.47
N TYR A 1415 19.03 4.47 -27.84
CA TYR A 1415 17.90 4.12 -28.68
C TYR A 1415 16.74 3.47 -27.93
N LEU A 1416 16.96 3.01 -26.70
CA LEU A 1416 15.91 2.35 -25.94
C LEU A 1416 15.52 3.08 -24.67
N VAL A 1417 16.31 4.04 -24.20
CA VAL A 1417 16.02 4.80 -22.99
C VAL A 1417 15.65 6.24 -23.34
N LEU A 1418 16.48 6.91 -24.14
CA LEU A 1418 16.19 8.26 -24.59
C LEU A 1418 15.34 8.28 -25.85
N ASP A 1419 15.01 7.12 -26.40
CA ASP A 1419 14.19 7.02 -27.60
C ASP A 1419 13.35 5.76 -27.49
N ALA A 1420 12.49 5.54 -28.48
CA ALA A 1420 11.72 4.31 -28.59
C ALA A 1420 11.95 3.72 -29.97
N GLU A 1421 13.05 2.99 -30.11
CA GLU A 1421 13.36 2.34 -31.38
C GLU A 1421 12.73 0.96 -31.48
N MET A 1422 12.57 0.27 -30.36
CA MET A 1422 11.99 -1.06 -30.32
C MET A 1422 10.94 -1.12 -29.22
N ASP A 1423 9.76 -1.65 -29.56
CA ASP A 1423 8.61 -1.63 -28.67
C ASP A 1423 8.57 -2.89 -27.83
N PRO A 1424 8.44 -2.79 -26.51
CA PRO A 1424 8.28 -3.99 -25.69
C PRO A 1424 7.02 -4.77 -25.99
N SER A 1425 6.00 -4.13 -26.57
CA SER A 1425 4.74 -4.78 -26.88
C SER A 1425 4.07 -4.00 -28.01
N ASP A 1426 2.86 -4.40 -28.38
CA ASP A 1426 2.09 -3.71 -29.39
C ASP A 1426 1.52 -2.43 -28.77
N ILE A 1427 2.00 -1.28 -29.25
CA ILE A 1427 1.72 -0.01 -28.59
C ILE A 1427 0.39 0.62 -29.02
N MET A 1428 -0.30 0.06 -30.01
CA MET A 1428 -1.55 0.65 -30.44
C MET A 1428 -2.58 0.58 -29.34
N GLY A 1429 -3.18 1.72 -29.01
CA GLY A 1429 -4.11 1.83 -27.91
C GLY A 1429 -3.48 2.23 -26.59
N GLU A 1430 -2.15 2.27 -26.51
CA GLU A 1430 -1.47 2.64 -25.27
C GLU A 1430 -1.44 4.15 -25.10
N THR A 1431 -1.47 4.58 -23.84
CA THR A 1431 -1.35 5.99 -23.51
C THR A 1431 0.11 6.34 -23.23
N SER A 1432 0.38 7.62 -22.98
CA SER A 1432 1.74 8.09 -22.82
C SER A 1432 2.43 7.53 -21.58
N ASP A 1433 1.68 7.00 -20.62
CA ASP A 1433 2.26 6.52 -19.38
C ASP A 1433 2.43 5.00 -19.32
N MET A 1434 1.88 4.26 -20.28
CA MET A 1434 1.91 2.81 -20.20
C MET A 1434 3.25 2.21 -20.54
N ARG A 1435 4.14 2.95 -21.19
CA ARG A 1435 5.49 2.46 -21.45
C ARG A 1435 6.31 2.51 -20.16
N GLY A 1436 7.15 1.50 -19.97
CA GLY A 1436 8.01 1.47 -18.80
C GLY A 1436 9.47 1.35 -19.19
N ARG A 1437 10.31 0.93 -18.25
CA ARG A 1437 11.71 0.69 -18.52
C ARG A 1437 11.99 -0.75 -18.94
N SER A 1438 10.97 -1.61 -18.99
CA SER A 1438 11.14 -3.02 -19.30
C SER A 1438 11.26 -3.18 -20.81
N ILE A 1439 12.44 -3.59 -21.27
CA ILE A 1439 12.62 -3.84 -22.70
C ILE A 1439 11.90 -5.11 -23.12
N LEU A 1440 12.02 -6.18 -22.33
CA LEU A 1440 11.39 -7.46 -22.61
C LEU A 1440 10.32 -7.72 -21.58
N THR A 1441 9.06 -7.84 -22.03
CA THR A 1441 7.92 -7.97 -21.14
C THR A 1441 7.13 -9.22 -21.50
N PRO A 1442 7.03 -10.19 -20.59
CA PRO A 1442 6.19 -11.37 -20.87
C PRO A 1442 4.72 -11.01 -20.93
N ARG A 1443 3.97 -11.80 -21.70
CA ARG A 1443 2.54 -11.63 -21.77
C ARG A 1443 1.87 -12.17 -20.51
N LYS A 1444 0.66 -11.69 -20.25
CA LYS A 1444 -0.08 -12.12 -19.08
C LYS A 1444 -1.46 -12.61 -19.46
N PHE A 1445 -2.31 -12.86 -18.47
CA PHE A 1445 -3.66 -13.33 -18.72
C PHE A 1445 -4.51 -12.21 -19.32
N THR A 1446 -5.39 -12.59 -20.24
CA THR A 1446 -6.46 -11.72 -20.75
C THR A 1446 -7.76 -12.48 -20.49
N THR A 1447 -8.39 -12.17 -19.36
CA THR A 1447 -9.57 -12.91 -18.93
C THR A 1447 -10.77 -12.53 -19.78
N ALA A 1448 -11.29 -13.50 -20.53
CA ALA A 1448 -12.46 -13.23 -21.37
C ALA A 1448 -13.70 -12.98 -20.53
N GLY A 1449 -13.84 -13.65 -19.39
CA GLY A 1449 -14.98 -13.40 -18.53
C GLY A 1449 -14.99 -12.01 -17.92
N SER A 1450 -13.81 -11.51 -17.57
CA SER A 1450 -13.72 -10.16 -17.02
C SER A 1450 -14.13 -9.10 -18.03
N LEU A 1451 -13.72 -9.28 -19.29
CA LEU A 1451 -14.04 -8.30 -20.32
C LEU A 1451 -15.50 -8.38 -20.76
N ARG A 1452 -16.12 -9.56 -20.69
CA ARG A 1452 -17.51 -9.70 -21.07
C ARG A 1452 -18.45 -8.95 -20.14
N LYS A 1453 -17.99 -8.58 -18.94
CA LYS A 1453 -18.81 -7.84 -17.99
C LYS A 1453 -18.78 -6.33 -18.23
N LEU A 1454 -18.05 -5.86 -19.23
CA LEU A 1454 -17.87 -4.43 -19.46
C LEU A 1454 -18.75 -3.97 -20.62
N TYR A 1455 -19.57 -2.95 -20.35
CA TYR A 1455 -20.42 -2.36 -21.37
C TYR A 1455 -19.60 -1.68 -22.46
N SER A 1456 -18.56 -0.95 -22.06
CA SER A 1456 -17.69 -0.30 -23.03
C SER A 1456 -16.93 -1.30 -23.87
N PHE A 1457 -16.65 -2.49 -23.33
CA PHE A 1457 -15.99 -3.52 -24.14
C PHE A 1457 -16.91 -4.05 -25.22
N SER A 1458 -18.20 -4.19 -24.92
CA SER A 1458 -19.16 -4.56 -25.95
C SER A 1458 -19.26 -3.47 -27.01
N LYS A 1459 -19.22 -2.20 -26.59
CA LYS A 1459 -19.21 -1.11 -27.57
C LYS A 1459 -17.95 -1.16 -28.44
N TYR A 1460 -16.80 -1.49 -27.84
CA TYR A 1460 -15.56 -1.58 -28.60
C TYR A 1460 -15.63 -2.72 -29.62
N GLN A 1461 -16.20 -3.86 -29.22
CA GLN A 1461 -16.41 -4.95 -30.18
C GLN A 1461 -17.34 -4.53 -31.30
N ASP A 1462 -18.40 -3.79 -30.97
CA ASP A 1462 -19.31 -3.31 -32.01
C ASP A 1462 -18.60 -2.40 -33.00
N ARG A 1463 -17.77 -1.49 -32.50
CA ARG A 1463 -17.02 -0.62 -33.41
C ARG A 1463 -15.96 -1.36 -34.20
N LEU A 1464 -15.35 -2.40 -33.61
CA LEU A 1464 -14.34 -3.18 -34.29
C LEU A 1464 -14.92 -3.98 -35.45
N SER A 1465 -16.11 -4.53 -35.28
CA SER A 1465 -16.80 -5.26 -36.36
C SER A 1465 -17.71 -4.32 -37.16
N SER A 1466 -17.13 -3.23 -37.63
CA SER A 1466 -17.82 -2.23 -38.42
C SER A 1466 -17.00 -1.95 -39.67
N PRO A 1467 -17.64 -1.44 -40.74
CA PRO A 1467 -16.91 -1.22 -42.00
C PRO A 1467 -15.65 -0.39 -41.86
N GLY A 1468 -15.76 0.82 -41.31
CA GLY A 1468 -14.60 1.66 -41.14
C GLY A 1468 -14.55 2.44 -39.85
N GLY A 1469 -15.15 1.90 -38.79
CA GLY A 1469 -15.24 2.64 -37.53
C GLY A 1469 -13.88 2.89 -36.89
N MET A 1470 -13.01 1.88 -36.91
CA MET A 1470 -11.70 2.03 -36.29
C MET A 1470 -10.84 3.03 -37.05
N VAL A 1471 -11.02 3.12 -38.37
CA VAL A 1471 -10.29 4.12 -39.15
C VAL A 1471 -10.69 5.53 -38.74
N GLU A 1472 -12.00 5.77 -38.59
CA GLU A 1472 -12.45 7.08 -38.13
C GLU A 1472 -11.96 7.37 -36.72
N LEU A 1473 -11.98 6.36 -35.84
CA LEU A 1473 -11.47 6.57 -34.48
C LEU A 1473 -9.99 6.93 -34.49
N PHE A 1474 -9.20 6.24 -35.32
CA PHE A 1474 -7.77 6.51 -35.40
C PHE A 1474 -7.51 7.90 -35.96
N THR A 1475 -8.25 8.31 -36.99
CA THR A 1475 -8.03 9.65 -37.53
C THR A 1475 -8.49 10.74 -36.57
N TYR A 1476 -9.53 10.46 -35.77
CA TYR A 1476 -9.93 11.39 -34.73
C TYR A 1476 -8.85 11.52 -33.66
N LEU A 1477 -8.25 10.39 -33.26
CA LEU A 1477 -7.14 10.43 -32.32
C LEU A 1477 -5.94 11.17 -32.91
N LEU A 1478 -5.70 11.02 -34.21
CA LEU A 1478 -4.55 11.66 -34.83
C LEU A 1478 -4.74 13.18 -34.91
N GLU A 1479 -5.94 13.64 -35.27
CA GLU A 1479 -6.16 15.08 -35.34
C GLU A 1479 -6.27 15.72 -33.96
N LYS A 1480 -6.40 14.92 -32.90
CA LYS A 1480 -6.43 15.40 -31.53
C LYS A 1480 -5.44 14.58 -30.71
N PRO A 1481 -4.14 14.81 -30.91
CA PRO A 1481 -3.13 13.93 -30.30
C PRO A 1481 -3.06 14.01 -28.78
N GLU A 1482 -3.58 15.05 -28.14
CA GLU A 1482 -3.50 15.12 -26.69
C GLU A 1482 -4.42 14.12 -25.99
N LEU A 1483 -5.29 13.46 -26.74
CA LEU A 1483 -6.08 12.38 -26.15
C LEU A 1483 -5.21 11.17 -25.83
N LEU A 1484 -4.00 11.10 -26.39
CA LEU A 1484 -3.05 10.06 -26.00
C LEU A 1484 -2.47 10.33 -24.63
N VAL A 1485 -2.16 11.60 -24.34
CA VAL A 1485 -1.64 11.96 -23.03
C VAL A 1485 -2.77 11.96 -22.00
N THR A 1486 -3.83 12.71 -22.26
CA THR A 1486 -5.00 12.68 -21.40
C THR A 1486 -5.78 11.40 -21.71
N LYS A 1487 -6.98 11.28 -21.15
CA LYS A 1487 -7.87 10.21 -21.52
C LYS A 1487 -9.27 10.74 -21.75
N GLY A 1488 -9.37 12.00 -22.16
CA GLY A 1488 -10.65 12.66 -22.29
C GLY A 1488 -10.92 13.65 -21.18
N GLU A 1489 -11.32 14.87 -21.54
CA GLU A 1489 -11.69 15.89 -20.56
C GLU A 1489 -13.14 16.31 -20.71
N ASP A 1490 -13.91 15.65 -21.57
CA ASP A 1490 -15.35 15.83 -21.65
C ASP A 1490 -15.96 14.50 -22.06
N MET A 1491 -17.27 14.52 -22.32
CA MET A 1491 -18.00 13.27 -22.58
C MET A 1491 -17.47 12.56 -23.82
N LYS A 1492 -17.55 13.23 -24.97
CA LYS A 1492 -17.17 12.60 -26.26
C LYS A 1492 -15.71 12.15 -26.25
N ASP A 1493 -14.79 13.01 -25.81
CA ASP A 1493 -13.35 12.67 -25.86
C ASP A 1493 -13.07 11.47 -24.97
N TYR A 1494 -13.67 11.41 -23.78
CA TYR A 1494 -13.47 10.29 -22.84
C TYR A 1494 -13.99 8.99 -23.44
N MET A 1495 -15.15 9.05 -24.10
CA MET A 1495 -15.77 7.83 -24.65
C MET A 1495 -14.98 7.35 -25.88
N GLU A 1496 -14.40 8.25 -26.65
CA GLU A 1496 -13.52 7.89 -27.79
C GLU A 1496 -12.20 7.35 -27.25
N SER A 1497 -11.66 7.96 -26.20
CA SER A 1497 -10.41 7.51 -25.62
C SER A 1497 -10.55 6.13 -24.99
N VAL A 1498 -11.69 5.85 -24.37
CA VAL A 1498 -11.92 4.52 -23.80
C VAL A 1498 -11.95 3.47 -24.89
N ILE A 1499 -12.71 3.73 -25.96
CA ILE A 1499 -12.79 2.79 -27.06
C ILE A 1499 -11.41 2.57 -27.68
N PHE A 1500 -10.64 3.65 -27.83
CA PHE A 1500 -9.29 3.53 -28.39
C PHE A 1500 -8.39 2.73 -27.46
N ARG A 1501 -8.45 2.98 -26.15
CA ARG A 1501 -7.64 2.26 -25.19
C ARG A 1501 -7.95 0.78 -25.16
N TYR A 1502 -9.16 0.39 -25.55
CA TYR A 1502 -9.45 -1.04 -25.64
C TYR A 1502 -8.63 -1.74 -26.71
N ASN A 1503 -7.97 -1.00 -27.61
CA ASN A 1503 -7.11 -1.62 -28.60
C ASN A 1503 -5.85 -2.19 -27.99
N SER A 1504 -5.42 -1.67 -26.85
CA SER A 1504 -4.17 -2.10 -26.24
C SER A 1504 -4.33 -3.45 -25.57
N LYS A 1505 -3.46 -4.39 -25.91
CA LYS A 1505 -3.47 -5.69 -25.24
C LYS A 1505 -2.96 -5.58 -23.81
N ARG A 1506 -2.05 -4.63 -23.56
CA ARG A 1506 -1.57 -4.41 -22.20
C ARG A 1506 -2.66 -3.82 -21.32
N PHE A 1507 -3.52 -2.97 -21.89
CA PHE A 1507 -4.63 -2.41 -21.14
C PHE A 1507 -5.65 -3.49 -20.77
N LYS A 1508 -5.93 -4.40 -21.70
CA LYS A 1508 -6.89 -5.47 -21.43
C LYS A 1508 -6.32 -6.47 -20.42
N GLU A 1509 -5.00 -6.56 -20.32
CA GLU A 1509 -4.39 -7.39 -19.28
C GLU A 1509 -4.48 -6.73 -17.92
N SER A 1510 -4.49 -5.40 -17.87
CA SER A 1510 -4.65 -4.70 -16.60
C SER A 1510 -6.05 -4.86 -16.04
N LEU A 1511 -7.04 -5.09 -16.91
CA LEU A 1511 -8.41 -5.33 -16.49
C LEU A 1511 -8.67 -6.80 -16.18
N SER A 1512 -7.68 -7.66 -16.40
CA SER A 1512 -7.84 -9.10 -16.24
C SER A 1512 -7.31 -9.55 -14.89
N ILE A 1513 -7.46 -10.84 -14.62
CA ILE A 1513 -7.07 -11.41 -13.34
C ILE A 1513 -5.68 -12.03 -13.46
N GLN A 1514 -4.76 -11.58 -12.63
CA GLN A 1514 -3.40 -12.10 -12.59
C GLN A 1514 -3.18 -12.76 -11.23
N ASN A 1515 -3.58 -14.01 -11.12
CA ASN A 1515 -3.44 -14.73 -9.87
C ASN A 1515 -1.98 -15.12 -9.67
N PRO A 1516 -1.32 -14.68 -8.61
CA PRO A 1516 0.11 -14.97 -8.44
C PRO A 1516 0.44 -16.45 -8.41
N ALA A 1517 -0.43 -17.29 -7.87
CA ALA A 1517 -0.18 -18.73 -7.85
C ALA A 1517 -0.21 -19.32 -9.25
N GLN A 1518 -1.19 -18.89 -10.07
CA GLN A 1518 -1.27 -19.39 -11.44
C GLN A 1518 -0.08 -18.93 -12.26
N LEU A 1519 0.38 -17.70 -12.07
CA LEU A 1519 1.57 -17.24 -12.78
C LEU A 1519 2.82 -17.96 -12.29
N PHE A 1520 2.88 -18.25 -10.99
CA PHE A 1520 3.99 -18.99 -10.44
C PHE A 1520 4.10 -20.38 -11.06
N ILE A 1521 2.96 -21.07 -11.21
CA ILE A 1521 3.02 -22.37 -11.86
C ILE A 1521 3.15 -22.24 -13.37
N GLU A 1522 2.77 -21.10 -13.93
CA GLU A 1522 3.01 -20.84 -15.35
C GLU A 1522 4.49 -20.80 -15.64
N GLN A 1523 5.27 -20.17 -14.76
CA GLN A 1523 6.72 -20.13 -14.94
C GLN A 1523 7.39 -21.49 -14.74
N ILE A 1524 6.67 -22.48 -14.22
CA ILE A 1524 7.22 -23.82 -14.00
C ILE A 1524 6.80 -24.78 -15.09
N LEU A 1525 5.57 -24.67 -15.57
CA LEU A 1525 5.04 -25.66 -16.50
C LEU A 1525 5.36 -25.32 -17.94
N PHE A 1526 5.50 -24.04 -18.26
CA PHE A 1526 5.57 -23.58 -19.65
C PHE A 1526 6.80 -22.67 -19.83
N SER A 1527 7.95 -23.16 -19.37
CA SER A 1527 9.17 -22.38 -19.46
C SER A 1527 9.58 -22.10 -20.91
N HIS A 1528 9.28 -23.02 -21.82
CA HIS A 1528 9.71 -22.90 -23.21
C HIS A 1528 8.65 -22.29 -24.11
N LYS A 1529 7.53 -21.85 -23.56
CA LYS A 1529 6.47 -21.26 -24.37
C LYS A 1529 6.84 -19.83 -24.78
N PRO A 1530 6.53 -19.43 -26.01
CA PRO A 1530 6.74 -18.04 -26.42
C PRO A 1530 5.79 -17.11 -25.68
N VAL A 1531 6.36 -16.12 -24.98
CA VAL A 1531 5.58 -15.22 -24.15
C VAL A 1531 5.93 -13.75 -24.37
N ILE A 1532 6.79 -13.43 -25.33
CA ILE A 1532 7.30 -12.07 -25.51
C ILE A 1532 6.82 -11.54 -26.85
N ASP A 1533 6.24 -10.34 -26.83
CA ASP A 1533 5.79 -9.66 -28.04
C ASP A 1533 6.85 -8.64 -28.49
N PHE A 1534 7.92 -9.17 -29.07
CA PHE A 1534 9.04 -8.37 -29.56
C PHE A 1534 9.02 -8.39 -31.08
N SER A 1535 8.98 -7.20 -31.69
CA SER A 1535 8.81 -7.08 -33.13
C SER A 1535 9.88 -6.22 -33.79
N GLY A 1536 11.09 -6.22 -33.24
CA GLY A 1536 12.19 -5.52 -33.91
C GLY A 1536 12.06 -4.02 -33.78
N ILE A 1537 12.48 -3.31 -34.83
CA ILE A 1537 12.59 -1.85 -34.81
C ILE A 1537 11.35 -1.25 -35.45
N ARG A 1538 10.50 -0.65 -34.63
CA ARG A 1538 9.35 0.14 -35.07
C ARG A 1538 8.50 -0.62 -36.09
N ASP A 1539 8.20 -1.86 -35.73
CA ASP A 1539 7.35 -2.75 -36.55
C ASP A 1539 7.93 -2.92 -37.95
N LYS A 1540 9.12 -3.50 -37.99
CA LYS A 1540 9.77 -3.79 -39.26
C LYS A 1540 9.78 -5.29 -39.54
N LYS A 1552 -6.75 -24.96 -30.05
CA LYS A 1552 -7.07 -23.96 -29.04
C LYS A 1552 -5.81 -23.36 -28.45
N GLU A 1553 -5.61 -22.06 -28.65
CA GLU A 1553 -4.41 -21.40 -28.16
C GLU A 1553 -4.47 -21.27 -26.64
N PRO A 1554 -3.31 -21.27 -25.98
CA PRO A 1554 -3.29 -21.05 -24.54
C PRO A 1554 -3.69 -19.63 -24.18
N ASP A 1555 -4.12 -19.45 -22.93
CA ASP A 1555 -4.53 -18.12 -22.47
C ASP A 1555 -3.37 -17.14 -22.52
N ILE A 1556 -2.17 -17.58 -22.15
CA ILE A 1556 -0.97 -16.76 -22.21
C ILE A 1556 -0.14 -17.25 -23.40
N LEU A 1557 0.17 -16.35 -24.31
CA LEU A 1557 0.95 -16.70 -25.49
C LEU A 1557 1.58 -15.44 -26.08
N GLY A 1558 2.79 -15.59 -26.61
CA GLY A 1558 3.49 -14.48 -27.21
C GLY A 1558 4.07 -14.87 -28.56
N LYS A 1559 4.85 -13.96 -29.13
CA LYS A 1559 5.44 -14.21 -30.44
C LYS A 1559 6.71 -15.03 -30.34
N VAL A 1560 7.63 -14.66 -29.43
CA VAL A 1560 8.94 -15.28 -29.35
C VAL A 1560 9.24 -15.63 -27.90
N THR A 1561 10.26 -16.47 -27.73
CA THR A 1561 10.76 -16.82 -26.41
C THR A 1561 11.83 -15.82 -25.96
N PHE A 1562 12.41 -16.07 -24.79
CA PHE A 1562 13.43 -15.17 -24.26
C PHE A 1562 14.71 -15.22 -25.09
N THR A 1563 15.14 -16.41 -25.49
CA THR A 1563 16.36 -16.53 -26.29
C THR A 1563 16.17 -15.94 -27.68
N GLU A 1564 15.00 -16.19 -28.29
CA GLU A 1564 14.69 -15.58 -29.57
C GLU A 1564 14.63 -14.06 -29.44
N ALA A 1565 14.07 -13.57 -28.33
CA ALA A 1565 14.06 -12.13 -28.09
C ALA A 1565 15.48 -11.58 -27.97
N TYR A 1566 16.37 -12.31 -27.29
CA TYR A 1566 17.76 -11.89 -27.18
C TYR A 1566 18.40 -11.79 -28.56
N ARG A 1567 18.19 -12.81 -29.39
CA ARG A 1567 18.80 -12.81 -30.72
C ARG A 1567 18.28 -11.68 -31.58
N LEU A 1568 16.97 -11.48 -31.61
CA LEU A 1568 16.41 -10.38 -32.41
C LEU A 1568 16.86 -9.03 -31.89
N LEU A 1569 16.91 -8.87 -30.56
CA LEU A 1569 17.35 -7.62 -29.96
C LEU A 1569 18.79 -7.31 -30.32
N MET A 1570 19.68 -8.31 -30.24
CA MET A 1570 21.08 -8.08 -30.59
C MET A 1570 21.23 -7.79 -32.08
N ARG A 1571 20.48 -8.52 -32.92
CA ARG A 1571 20.55 -8.28 -34.36
C ARG A 1571 20.10 -6.87 -34.72
N ASP A 1572 19.03 -6.38 -34.08
CA ASP A 1572 18.54 -5.04 -34.37
C ASP A 1572 19.43 -3.96 -33.78
N LEU A 1573 20.05 -4.23 -32.63
CA LEU A 1573 21.00 -3.26 -32.08
C LEU A 1573 22.25 -3.15 -32.95
N SER A 1574 22.73 -4.27 -33.49
CA SER A 1574 23.91 -4.24 -34.34
C SER A 1574 23.68 -3.47 -35.63
N SER A 1575 22.44 -3.33 -36.08
CA SER A 1575 22.14 -2.56 -37.28
C SER A 1575 22.10 -1.06 -37.03
N LEU A 1576 21.98 -0.63 -35.78
CA LEU A 1576 21.99 0.78 -35.45
C LEU A 1576 23.42 1.33 -35.49
N GLU A 1577 23.52 2.65 -35.58
CA GLU A 1577 24.80 3.34 -35.65
C GLU A 1577 24.97 4.23 -34.44
N LEU A 1578 26.13 4.15 -33.81
CA LEU A 1578 26.48 5.00 -32.66
C LEU A 1578 27.62 5.92 -33.05
N THR A 1579 27.44 7.21 -32.80
CA THR A 1579 28.43 8.22 -33.11
C THR A 1579 28.81 8.98 -31.85
N ASN A 1580 29.76 9.90 -32.01
CA ASN A 1580 30.17 10.74 -30.88
C ASN A 1580 29.03 11.63 -30.40
N ASP A 1581 28.24 12.16 -31.34
CA ASP A 1581 27.10 12.98 -30.96
C ASP A 1581 26.08 12.18 -30.15
N ASP A 1582 25.95 10.88 -30.43
CA ASP A 1582 25.06 10.05 -29.65
C ASP A 1582 25.52 9.95 -28.21
N ILE A 1583 26.82 9.76 -27.99
CA ILE A 1583 27.34 9.69 -26.63
C ILE A 1583 27.18 11.05 -25.93
N GLN A 1584 27.38 12.14 -26.67
CA GLN A 1584 27.17 13.45 -26.10
C GLN A 1584 25.72 13.66 -25.68
N VAL A 1585 24.77 13.20 -26.50
CA VAL A 1585 23.36 13.29 -26.15
C VAL A 1585 23.07 12.45 -24.91
N ILE A 1586 23.64 11.25 -24.85
CA ILE A 1586 23.44 10.38 -23.69
C ILE A 1586 23.90 11.08 -22.42
N TYR A 1587 25.12 11.63 -22.44
CA TYR A 1587 25.66 12.26 -21.25
C TYR A 1587 24.94 13.57 -20.91
N SER A 1588 24.40 14.24 -21.93
CA SER A 1588 23.70 15.50 -21.68
C SER A 1588 22.31 15.29 -21.11
N TYR A 1589 21.62 14.22 -21.51
CA TYR A 1589 20.23 14.04 -21.08
C TYR A 1589 20.04 12.79 -20.23
N ILE A 1590 21.10 12.25 -19.65
CA ILE A 1590 21.00 11.31 -18.55
C ILE A 1590 21.63 11.86 -17.27
N ILE A 1591 22.71 12.63 -17.41
CA ILE A 1591 23.43 13.16 -16.21
C ILE A 1591 23.34 14.68 -16.14
N LEU A 1592 23.74 15.41 -17.18
CA LEU A 1592 23.81 16.90 -17.14
C LEU A 1592 22.43 17.52 -16.92
N ASN A 1593 21.37 16.88 -17.41
CA ASN A 1593 20.01 17.47 -17.32
C ASN A 1593 19.59 17.62 -15.86
N ASP A 1594 19.89 16.65 -15.00
CA ASP A 1594 19.37 16.68 -13.61
C ASP A 1594 20.43 17.17 -12.62
N PRO A 1595 20.10 18.13 -11.73
CA PRO A 1595 21.04 18.56 -10.70
C PRO A 1595 21.37 17.40 -9.77
N MET A 1596 20.40 16.53 -9.47
CA MET A 1596 20.62 15.36 -8.60
C MET A 1596 21.67 14.42 -9.22
N MET A 1597 21.48 13.97 -10.46
CA MET A 1597 22.43 13.03 -11.05
C MET A 1597 23.84 13.62 -11.08
N ILE A 1598 23.95 14.92 -11.36
CA ILE A 1598 25.24 15.58 -11.31
C ILE A 1598 25.81 15.52 -9.91
N THR A 1599 24.99 15.79 -8.89
CA THR A 1599 25.45 15.74 -7.52
C THR A 1599 25.91 14.34 -7.13
N ILE A 1600 25.16 13.31 -7.52
CA ILE A 1600 25.52 11.95 -7.18
C ILE A 1600 26.83 11.56 -7.87
N ALA A 1601 26.96 11.91 -9.15
CA ALA A 1601 28.19 11.62 -9.87
C ALA A 1601 29.39 12.31 -9.24
N ASN A 1602 29.23 13.58 -8.84
CA ASN A 1602 30.32 14.30 -8.21
C ASN A 1602 30.67 13.69 -6.86
N THR A 1603 29.67 13.26 -6.09
CA THR A 1603 29.95 12.62 -4.82
C THR A 1603 30.73 11.33 -5.00
N HIS A 1604 30.35 10.53 -6.01
CA HIS A 1604 31.07 9.28 -6.24
C HIS A 1604 32.50 9.55 -6.73
N ILE A 1605 32.67 10.54 -7.61
CA ILE A 1605 33.98 10.79 -8.20
C ILE A 1605 34.93 11.43 -7.18
N LEU A 1606 34.44 12.45 -6.47
CA LEU A 1606 35.30 13.29 -5.64
C LEU A 1606 35.26 12.91 -4.16
N SER A 1607 35.03 11.64 -3.84
CA SER A 1607 34.86 11.21 -2.46
C SER A 1607 36.20 10.85 -1.84
N ILE A 1608 36.43 11.34 -0.63
CA ILE A 1608 37.58 10.96 0.19
C ILE A 1608 37.06 10.50 1.53
N TYR A 1609 37.28 9.23 1.85
CA TYR A 1609 36.84 8.70 3.14
C TYR A 1609 37.83 9.08 4.23
N GLY A 1610 37.30 9.43 5.40
CA GLY A 1610 38.12 9.91 6.48
C GLY A 1610 38.24 8.95 7.65
N SER A 1611 38.35 9.50 8.86
CA SER A 1611 38.56 8.68 10.03
C SER A 1611 37.31 7.88 10.36
N PRO A 1612 37.46 6.61 10.75
CA PRO A 1612 36.29 5.83 11.17
C PRO A 1612 35.69 6.38 12.46
N GLN A 1613 34.37 6.23 12.59
CA GLN A 1613 33.64 6.73 13.75
C GLN A 1613 32.52 5.77 14.09
N ARG A 1614 32.36 5.49 15.39
CA ARG A 1614 31.33 4.58 15.83
C ARG A 1614 29.94 5.19 15.64
N ARG A 1615 28.97 4.33 15.34
CA ARG A 1615 27.57 4.79 15.22
C ARG A 1615 26.99 4.85 16.62
N MET A 1616 26.66 6.05 17.08
CA MET A 1616 26.14 6.24 18.43
C MET A 1616 24.68 6.69 18.44
N GLY A 1617 24.37 7.77 17.73
CA GLY A 1617 22.99 8.23 17.65
C GLY A 1617 22.59 8.43 16.20
N MET A 1618 21.28 8.32 15.98
CA MET A 1618 20.71 8.40 14.63
C MET A 1618 19.74 9.57 14.57
N SER A 1619 19.65 10.17 13.39
CA SER A 1619 18.75 11.29 13.15
C SER A 1619 18.00 11.10 11.84
N CYS A 1620 16.80 11.64 11.77
CA CYS A 1620 16.00 11.66 10.56
C CYS A 1620 16.27 12.95 9.80
N SER A 1621 16.67 12.83 8.55
CA SER A 1621 17.01 13.99 7.74
C SER A 1621 16.57 13.77 6.30
N THR A 1622 15.94 14.80 5.74
CA THR A 1622 15.66 14.88 4.32
C THR A 1622 16.76 15.73 3.68
N MET A 1623 17.09 15.41 2.43
CA MET A 1623 18.12 16.14 1.72
C MET A 1623 17.82 17.63 1.75
N PRO A 1624 18.61 18.45 2.42
CA PRO A 1624 18.28 19.87 2.55
C PRO A 1624 18.26 20.57 1.20
N GLU A 1625 17.30 21.49 1.04
CA GLU A 1625 17.13 22.27 -0.18
C GLU A 1625 17.00 21.38 -1.40
N PHE A 1626 16.19 20.31 -1.27
CA PHE A 1626 16.00 19.39 -2.39
C PHE A 1626 15.20 20.04 -3.51
N ARG A 1627 14.47 21.12 -3.20
CA ARG A 1627 13.71 21.83 -4.23
C ARG A 1627 14.62 22.42 -5.29
N ASN A 1628 15.82 22.86 -4.90
CA ASN A 1628 16.78 23.40 -5.85
C ASN A 1628 17.46 22.32 -6.68
N LEU A 1629 17.28 21.05 -6.34
CA LEU A 1629 17.84 19.94 -7.10
C LEU A 1629 16.82 19.31 -8.04
N LYS A 1630 15.64 19.92 -8.18
CA LYS A 1630 14.58 19.40 -9.04
C LYS A 1630 14.60 20.19 -10.35
N LEU A 1631 14.76 19.48 -11.46
CA LEU A 1631 14.74 20.15 -12.77
C LEU A 1631 13.34 20.57 -13.16
N ILE A 1632 12.36 19.70 -12.94
CA ILE A 1632 10.98 19.95 -13.34
C ILE A 1632 10.12 19.92 -12.07
N HIS A 1633 9.34 20.99 -11.87
CA HIS A 1633 8.57 21.11 -10.64
C HIS A 1633 7.35 20.19 -10.64
N HIS A 1634 6.67 20.09 -11.78
CA HIS A 1634 5.39 19.40 -11.85
C HIS A 1634 5.58 17.91 -12.13
N SER A 1635 4.49 17.16 -11.95
CA SER A 1635 4.50 15.74 -12.22
C SER A 1635 4.56 15.49 -13.73
N PRO A 1636 5.01 14.30 -14.13
CA PRO A 1636 5.07 14.01 -15.58
C PRO A 1636 3.72 14.12 -16.28
N ALA A 1637 2.63 13.76 -15.61
CA ALA A 1637 1.32 13.84 -16.24
C ALA A 1637 0.95 15.27 -16.57
N LEU A 1638 1.18 16.20 -15.64
CA LEU A 1638 0.87 17.60 -15.88
C LEU A 1638 1.73 18.17 -17.00
N VAL A 1639 3.04 17.85 -16.98
CA VAL A 1639 3.95 18.37 -18.00
C VAL A 1639 3.55 17.86 -19.38
N LEU A 1640 3.22 16.57 -19.48
CA LEU A 1640 2.80 16.02 -20.77
C LEU A 1640 1.46 16.60 -21.22
N ARG A 1641 0.54 16.84 -20.29
CA ARG A 1641 -0.71 17.49 -20.66
C ARG A 1641 -0.47 18.88 -21.23
N ALA A 1642 0.37 19.66 -20.56
CA ALA A 1642 0.68 21.01 -21.04
C ALA A 1642 1.39 20.96 -22.38
N TYR A 1643 2.31 20.02 -22.56
CA TYR A 1643 3.05 19.92 -23.81
C TYR A 1643 2.14 19.51 -24.97
N SER A 1644 1.31 18.48 -24.76
CA SER A 1644 0.42 18.02 -25.82
C SER A 1644 -0.62 19.08 -26.17
N LYS A 1645 -1.12 19.81 -25.17
CA LYS A 1645 -2.15 20.87 -25.42
C LYS A 1645 -1.46 22.16 -25.86
N ASN A 1646 -0.14 22.25 -25.72
CA ASN A 1646 0.65 23.46 -26.11
C ASN A 1646 0.20 24.67 -25.28
N ASN A 1647 -0.27 24.43 -24.06
CA ASN A 1647 -0.71 25.54 -23.18
C ASN A 1647 0.04 25.46 -21.86
N PRO A 1648 0.76 26.52 -21.43
CA PRO A 1648 1.45 26.52 -20.13
C PRO A 1648 0.48 26.41 -18.93
N ASP A 1649 -0.73 26.95 -19.05
CA ASP A 1649 -1.63 26.91 -17.91
C ASP A 1649 -2.73 25.89 -18.16
N ILE A 1650 -2.86 24.93 -17.24
CA ILE A 1650 -3.89 23.90 -17.26
C ILE A 1650 -4.51 23.82 -15.87
N GLN A 1651 -5.39 22.82 -15.68
CA GLN A 1651 -6.26 22.80 -14.51
C GLN A 1651 -5.48 22.79 -13.20
N GLY A 1652 -4.44 21.95 -13.11
CA GLY A 1652 -3.75 21.80 -11.85
C GLY A 1652 -2.30 22.26 -11.86
N ALA A 1653 -2.02 23.34 -12.58
CA ALA A 1653 -0.66 23.79 -12.78
C ALA A 1653 -0.52 25.28 -12.50
N ASP A 1654 0.67 25.67 -12.07
CA ASP A 1654 1.06 27.08 -12.04
C ASP A 1654 1.62 27.45 -13.39
N PRO A 1655 1.06 28.45 -14.08
CA PRO A 1655 1.51 28.75 -15.45
C PRO A 1655 2.99 29.09 -15.55
N THR A 1656 3.52 29.85 -14.59
CA THR A 1656 4.92 30.29 -14.68
C THR A 1656 5.88 29.11 -14.58
N GLU A 1657 5.65 28.22 -13.63
CA GLU A 1657 6.56 27.07 -13.46
C GLU A 1657 6.44 26.10 -14.61
N MET A 1658 5.22 25.85 -15.10
CA MET A 1658 5.07 25.00 -16.26
C MET A 1658 5.63 25.62 -17.52
N ALA A 1659 5.76 26.95 -17.59
CA ALA A 1659 6.44 27.55 -18.73
C ALA A 1659 7.89 27.07 -18.81
N ARG A 1660 8.61 27.08 -17.69
CA ARG A 1660 10.00 26.63 -17.71
C ARG A 1660 10.10 25.11 -17.77
N ASP A 1661 9.12 24.38 -17.22
CA ASP A 1661 9.10 22.93 -17.42
C ASP A 1661 8.95 22.59 -18.88
N LEU A 1662 8.06 23.29 -19.59
CA LEU A 1662 7.92 23.08 -21.03
C LEU A 1662 9.18 23.51 -21.77
N VAL A 1663 9.87 24.54 -21.28
CA VAL A 1663 11.14 24.90 -21.88
C VAL A 1663 12.14 23.75 -21.79
N HIS A 1664 12.22 23.12 -20.61
CA HIS A 1664 13.12 21.97 -20.44
C HIS A 1664 12.73 20.82 -21.37
N LEU A 1665 11.43 20.52 -21.44
CA LEU A 1665 10.98 19.42 -22.29
C LEU A 1665 11.26 19.71 -23.76
N LYS A 1666 11.05 20.96 -24.18
CA LYS A 1666 11.34 21.33 -25.57
C LYS A 1666 12.84 21.26 -25.87
N GLU A 1667 13.67 21.62 -24.89
CA GLU A 1667 15.11 21.45 -25.05
C GLU A 1667 15.46 19.99 -25.27
N PHE A 1668 14.88 19.10 -24.47
CA PHE A 1668 15.14 17.67 -24.65
C PHE A 1668 14.68 17.18 -26.02
N VAL A 1669 13.50 17.62 -26.45
CA VAL A 1669 12.95 17.15 -27.72
C VAL A 1669 13.80 17.67 -28.89
N GLU A 1670 14.22 18.93 -28.82
CA GLU A 1670 14.95 19.52 -29.93
C GLU A 1670 16.38 18.98 -30.02
N ASN A 1671 17.05 18.85 -28.88
CA ASN A 1671 18.48 18.49 -28.91
C ASN A 1671 18.66 17.02 -29.28
N THR A 1672 17.67 16.18 -28.99
CA THR A 1672 17.73 14.77 -29.36
C THR A 1672 17.09 14.49 -30.72
N ASN A 1673 16.59 15.52 -31.41
CA ASN A 1673 16.00 15.38 -32.74
C ASN A 1673 14.87 14.37 -32.78
N LEU A 1674 14.09 14.30 -31.71
CA LEU A 1674 13.01 13.32 -31.65
C LEU A 1674 11.92 13.63 -32.66
N GLU A 1675 11.44 14.87 -32.68
CA GLU A 1675 10.34 15.23 -33.57
C GLU A 1675 10.79 15.27 -35.03
N GLU A 1676 12.01 15.77 -35.29
CA GLU A 1676 12.52 15.79 -36.65
C GLU A 1676 12.68 14.39 -37.21
N LYS A 1677 13.21 13.47 -36.41
CA LYS A 1677 13.36 12.09 -36.86
C LYS A 1677 12.00 11.44 -37.05
N MET A 1678 11.03 11.76 -36.19
CA MET A 1678 9.68 11.25 -36.38
C MET A 1678 9.08 11.72 -37.70
N LYS A 1679 9.26 13.00 -38.02
CA LYS A 1679 8.74 13.54 -39.28
C LYS A 1679 9.41 12.89 -40.47
N VAL A 1680 10.74 12.68 -40.39
CA VAL A 1680 11.45 12.03 -41.49
C VAL A 1680 10.95 10.60 -41.68
N ARG A 1681 10.75 9.87 -40.57
CA ARG A 1681 10.23 8.51 -40.67
C ARG A 1681 8.84 8.48 -41.29
N ILE A 1682 7.97 9.42 -40.87
CA ILE A 1682 6.63 9.47 -41.41
C ILE A 1682 6.65 9.75 -42.91
N ALA A 1683 7.49 10.70 -43.33
CA ALA A 1683 7.60 11.02 -44.75
C ALA A 1683 8.14 9.83 -45.54
N MET A 1684 9.14 9.14 -45.00
CA MET A 1684 9.70 7.98 -45.70
C MET A 1684 8.66 6.87 -45.84
N ASN A 1685 7.89 6.61 -44.77
CA ASN A 1685 6.85 5.60 -44.85
C ASN A 1685 5.76 5.98 -45.83
N GLU A 1686 5.38 7.26 -45.85
CA GLU A 1686 4.37 7.73 -46.80
C GLU A 1686 4.85 7.56 -48.23
N ALA A 1687 6.13 7.87 -48.48
CA ALA A 1687 6.68 7.67 -49.81
C ALA A 1687 6.71 6.20 -50.19
N GLU A 1688 7.06 5.33 -49.23
CA GLU A 1688 7.12 3.90 -49.51
C GLU A 1688 5.75 3.34 -49.84
N LYS A 1689 4.74 3.68 -49.03
CA LYS A 1689 3.38 3.17 -49.28
C LYS A 1689 2.71 3.92 -50.42
N GLY A 1690 2.99 5.22 -50.55
CA GLY A 1690 2.34 6.05 -51.55
C GLY A 1690 1.08 6.74 -51.08
N GLN A 1691 0.58 6.40 -49.89
CA GLN A 1691 -0.60 7.03 -49.33
C GLN A 1691 -0.38 7.24 -47.84
N ARG A 1692 -1.15 8.17 -47.27
CA ARG A 1692 -1.03 8.45 -45.84
C ARG A 1692 -1.46 7.25 -45.02
N ASP A 1693 -0.64 6.90 -44.02
CA ASP A 1693 -0.89 5.77 -43.15
C ASP A 1693 -1.27 6.29 -41.77
N ILE A 1694 -2.52 6.07 -41.39
CA ILE A 1694 -3.00 6.56 -40.09
C ILE A 1694 -2.37 5.77 -38.95
N VAL A 1695 -2.27 4.46 -39.12
CA VAL A 1695 -1.76 3.59 -38.05
C VAL A 1695 -0.31 3.92 -37.73
N PHE A 1696 0.50 4.09 -38.77
CA PHE A 1696 1.92 4.39 -38.57
C PHE A 1696 2.12 5.71 -37.85
N GLU A 1697 1.40 6.75 -38.29
CA GLU A 1697 1.55 8.07 -37.66
C GLU A 1697 1.03 8.06 -36.23
N LEU A 1698 -0.07 7.35 -35.97
CA LEU A 1698 -0.58 7.24 -34.61
C LEU A 1698 0.40 6.51 -33.70
N LYS A 1699 1.02 5.44 -34.20
CA LYS A 1699 2.03 4.74 -33.43
C LYS A 1699 3.24 5.63 -33.16
N GLU A 1700 3.63 6.43 -34.16
CA GLU A 1700 4.76 7.33 -33.96
C GLU A 1700 4.45 8.40 -32.91
N MET A 1701 3.24 8.95 -32.94
CA MET A 1701 2.85 9.91 -31.90
C MET A 1701 2.83 9.26 -30.52
N THR A 1702 2.32 8.03 -30.44
CA THR A 1702 2.32 7.32 -29.16
C THR A 1702 3.73 7.13 -28.64
N ARG A 1703 4.65 6.71 -29.51
CA ARG A 1703 6.04 6.52 -29.10
C ARG A 1703 6.67 7.83 -28.66
N PHE A 1704 6.40 8.92 -29.40
CA PHE A 1704 6.95 10.22 -29.05
C PHE A 1704 6.48 10.66 -27.66
N TYR A 1705 5.18 10.55 -27.40
CA TYR A 1705 4.66 10.97 -26.11
C TYR A 1705 5.13 10.06 -24.99
N GLN A 1706 5.29 8.76 -25.27
CA GLN A 1706 5.79 7.85 -24.25
C GLN A 1706 7.25 8.16 -23.91
N VAL A 1707 8.06 8.49 -24.91
CA VAL A 1707 9.45 8.88 -24.65
C VAL A 1707 9.51 10.15 -23.84
N CYS A 1708 8.67 11.14 -24.18
CA CYS A 1708 8.65 12.38 -23.40
C CYS A 1708 8.24 12.11 -21.96
N TYR A 1709 7.22 11.28 -21.76
CA TYR A 1709 6.77 10.96 -20.41
C TYR A 1709 7.85 10.26 -19.61
N GLU A 1710 8.54 9.29 -20.25
CA GLU A 1710 9.61 8.58 -19.54
C GLU A 1710 10.76 9.50 -19.19
N TYR A 1711 11.12 10.43 -20.07
CA TYR A 1711 12.16 11.40 -19.74
C TYR A 1711 11.77 12.25 -18.55
N VAL A 1712 10.55 12.79 -18.57
CA VAL A 1712 10.12 13.66 -17.48
C VAL A 1712 10.04 12.87 -16.17
N LYS A 1713 9.61 11.61 -16.24
CA LYS A 1713 9.55 10.79 -15.03
C LYS A 1713 10.95 10.47 -14.51
N SER A 1714 11.90 10.22 -15.41
CA SER A 1714 13.26 9.96 -14.98
C SER A 1714 13.89 11.20 -14.36
N THR A 1715 13.42 12.38 -14.75
CA THR A 1715 13.95 13.61 -14.16
C THR A 1715 13.69 13.66 -12.65
N GLU A 1716 12.50 13.27 -12.22
CA GLU A 1716 12.11 13.43 -10.82
C GLU A 1716 12.64 12.27 -9.98
N HIS A 1717 13.11 12.58 -8.78
CA HIS A 1717 13.55 11.60 -7.81
C HIS A 1717 12.86 11.87 -6.49
N LYS A 1718 12.28 10.82 -5.89
CA LYS A 1718 11.54 10.96 -4.64
C LYS A 1718 12.44 10.64 -3.45
N ILE A 1719 13.44 11.50 -3.27
CA ILE A 1719 14.26 11.44 -2.06
C ILE A 1719 13.37 11.77 -0.86
N LYS A 1720 13.54 11.02 0.21
CA LYS A 1720 12.68 11.16 1.38
C LYS A 1720 13.51 11.08 2.65
N VAL A 1721 12.86 10.85 3.79
CA VAL A 1721 13.51 10.82 5.09
C VAL A 1721 14.52 9.68 5.11
N PHE A 1722 15.77 10.00 5.44
CA PHE A 1722 16.82 9.03 5.69
C PHE A 1722 17.16 9.02 7.17
N ILE A 1723 17.60 7.86 7.66
CA ILE A 1723 18.15 7.72 9.00
C ILE A 1723 19.66 7.72 8.87
N LEU A 1724 20.30 8.75 9.42
CA LEU A 1724 21.71 9.03 9.20
C LEU A 1724 22.42 9.20 10.54
N PRO A 1725 23.73 8.93 10.59
CA PRO A 1725 24.45 9.02 11.86
C PRO A 1725 24.46 10.40 12.48
N ALA A 1726 24.33 11.45 11.67
CA ALA A 1726 24.38 12.82 12.17
C ALA A 1726 23.34 13.66 11.45
N LYS A 1727 23.09 14.84 12.01
CA LYS A 1727 22.19 15.79 11.37
C LYS A 1727 22.89 16.48 10.20
N SER A 1728 22.14 16.67 9.12
CA SER A 1728 22.65 17.33 7.92
C SER A 1728 21.98 18.68 7.76
N TYR A 1729 22.79 19.72 7.58
CA TYR A 1729 22.28 21.07 7.39
C TYR A 1729 22.41 21.57 5.96
N THR A 1730 23.22 20.92 5.13
CA THR A 1730 23.40 21.30 3.74
C THR A 1730 23.32 20.05 2.87
N THR A 1731 23.17 20.27 1.56
CA THR A 1731 23.12 19.15 0.62
C THR A 1731 24.42 18.37 0.63
N THR A 1732 25.56 19.05 0.69
CA THR A 1732 26.84 18.38 0.76
C THR A 1732 26.96 17.55 2.03
N ASP A 1733 26.48 18.08 3.16
CA ASP A 1733 26.49 17.33 4.40
C ASP A 1733 25.65 16.07 4.28
N PHE A 1734 24.47 16.18 3.66
CA PHE A 1734 23.61 15.02 3.46
C PHE A 1734 24.30 13.97 2.60
N CYS A 1735 24.92 14.40 1.51
CA CYS A 1735 25.60 13.45 0.63
C CYS A 1735 26.77 12.78 1.34
N SER A 1736 27.55 13.54 2.11
CA SER A 1736 28.68 12.97 2.82
C SER A 1736 28.22 11.96 3.88
N LEU A 1737 27.18 12.31 4.64
CA LEU A 1737 26.68 11.38 5.65
C LEU A 1737 26.11 10.12 5.01
N MET A 1738 25.36 10.28 3.92
CA MET A 1738 24.79 9.14 3.22
C MET A 1738 25.88 8.22 2.68
N GLN A 1739 26.94 8.81 2.10
CA GLN A 1739 28.00 8.00 1.52
C GLN A 1739 28.81 7.30 2.60
N GLY A 1740 29.21 8.01 3.65
CA GLY A 1740 30.05 7.42 4.71
C GLY A 1740 29.31 6.40 5.52
N ASN A 1741 27.98 6.52 5.62
CA ASN A 1741 27.13 5.54 6.33
C ASN A 1741 27.13 4.18 5.62
N LEU A 1742 27.16 4.15 4.29
CA LEU A 1742 26.99 2.85 3.58
C LEU A 1742 28.30 2.18 3.17
N ILE A 1743 29.39 2.32 3.94
CA ILE A 1743 30.60 1.60 3.58
C ILE A 1743 30.77 0.36 4.46
N LYS A 1744 30.66 0.52 5.78
CA LYS A 1744 30.88 -0.56 6.72
C LYS A 1744 29.68 -0.65 7.65
N ASP A 1745 29.48 -1.85 8.21
CA ASP A 1745 28.40 -2.07 9.17
C ASP A 1745 28.73 -1.58 10.57
N LYS A 1746 29.96 -1.81 11.02
CA LYS A 1746 30.34 -1.52 12.44
C LYS A 1746 30.56 -0.04 12.70
N GLU A 1747 30.79 0.77 11.66
CA GLU A 1747 31.12 2.16 11.84
C GLU A 1747 30.96 2.91 10.52
N TRP A 1748 30.97 4.24 10.62
CA TRP A 1748 30.76 5.10 9.46
C TRP A 1748 31.93 6.07 9.34
N TYR A 1749 32.15 6.57 8.12
CA TYR A 1749 33.29 7.39 7.80
C TYR A 1749 32.87 8.83 7.57
N THR A 1750 33.78 9.76 7.89
CA THR A 1750 33.63 11.15 7.51
C THR A 1750 34.11 11.31 6.07
N VAL A 1751 33.25 11.83 5.20
CA VAL A 1751 33.53 11.91 3.77
C VAL A 1751 33.75 13.37 3.40
N HIS A 1752 34.87 13.63 2.72
CA HIS A 1752 35.20 14.96 2.23
C HIS A 1752 35.27 14.93 0.71
N TYR A 1753 35.04 16.09 0.09
CA TYR A 1753 35.01 16.20 -1.37
C TYR A 1753 36.09 17.19 -1.81
N LEU A 1754 36.83 16.81 -2.86
CA LEU A 1754 37.88 17.67 -3.37
C LEU A 1754 37.33 18.98 -3.91
N LYS A 1755 36.21 18.92 -4.64
CA LYS A 1755 35.57 20.08 -5.21
C LYS A 1755 34.09 20.07 -4.85
N GLN A 1756 33.40 21.15 -5.20
CA GLN A 1756 31.98 21.25 -4.89
C GLN A 1756 31.18 20.25 -5.70
N ILE A 1757 30.35 19.46 -5.01
CA ILE A 1757 29.54 18.47 -5.68
C ILE A 1757 28.39 19.13 -6.46
N LEU A 1758 27.86 20.23 -5.93
CA LEU A 1758 26.74 20.91 -6.56
C LEU A 1758 27.20 21.73 -7.76
N GLU A 2099 30.25 19.53 31.99
CA GLU A 2099 29.44 19.57 33.20
C GLU A 2099 28.15 18.76 33.03
N GLY A 2100 28.01 17.70 33.83
CA GLY A 2100 26.88 16.80 33.74
C GLY A 2100 25.97 16.93 34.93
N GLU A 2101 24.66 16.96 34.66
CA GLU A 2101 23.64 17.10 35.69
C GLU A 2101 22.58 16.03 35.51
N ALA A 2102 22.27 15.31 36.58
CA ALA A 2102 21.15 14.39 36.56
C ALA A 2102 19.84 15.16 36.66
N ILE A 2103 18.81 14.66 35.97
CA ILE A 2103 17.50 15.30 35.95
C ILE A 2103 16.56 14.50 36.84
N HIS A 2104 15.86 15.20 37.74
CA HIS A 2104 14.91 14.54 38.67
C HIS A 2104 13.62 14.17 37.92
N SER A 2105 13.67 13.12 37.09
CA SER A 2105 12.50 12.68 36.29
C SER A 2105 12.33 11.17 36.43
N THR A 2106 11.12 10.64 36.20
CA THR A 2106 10.87 9.19 36.39
C THR A 2106 11.76 8.38 35.45
N PRO A 2107 11.90 8.71 34.14
CA PRO A 2107 12.87 8.02 33.31
C PRO A 2107 14.12 8.84 33.64
N ILE A 2108 15.00 8.32 34.50
CA ILE A 2108 16.20 9.09 34.98
C ILE A 2108 17.19 9.28 33.82
N PHE A 2109 17.77 10.46 33.72
CA PHE A 2109 18.77 10.74 32.65
C PHE A 2109 19.68 11.90 33.05
N ASN A 2110 20.89 11.93 32.49
CA ASN A 2110 21.84 13.00 32.74
C ASN A 2110 22.03 13.82 31.48
N ILE A 2111 22.06 15.14 31.63
CA ILE A 2111 22.29 16.07 30.54
C ILE A 2111 23.67 16.68 30.71
N TYR A 2112 24.44 16.73 29.62
CA TYR A 2112 25.74 17.39 29.62
C TYR A 2112 25.60 18.69 28.84
N TYR A 2113 25.22 19.73 29.56
CA TYR A 2113 25.02 21.05 28.96
C TYR A 2113 26.32 21.85 28.93
#